data_4TXO
#
_entry.id   4TXO
#
_cell.length_a   60.030
_cell.length_b   173.220
_cell.length_c   66.690
_cell.angle_alpha   90.000
_cell.angle_beta   89.970
_cell.angle_gamma   90.000
#
_symmetry.space_group_name_H-M   'P 1 21 1'
#
loop_
_entity.id
_entity.type
_entity.pdbx_description
1 polymer 'Thiol:disulfide interchange protein TlpA'
2 polymer 'Blr1131 protein'
3 non-polymer 'THIOCYANATE ION'
4 non-polymer DI(HYDROXYETHYL)ETHER
5 non-polymer 'SODIUM ION'
6 water water
#
loop_
_entity_poly.entity_id
_entity_poly.type
_entity_poly.pdbx_seq_one_letter_code
_entity_poly.pdbx_strand_id
1 'polypeptide(L)'
;APTGDPACRAAVATAQKIAPLAHGEVAALTMASAPLKLPDLAFEDADGKPKKLSDFRGKTLLVNLWATWCVPSRKEMPAL
DELQGKLSGPNFEVVAINIDTRDPEKPKTFLKEANLTRLGYFNDQKAKVFQDLKAIGRALGMPTSVLVDPQGCEIATIAG
PAEWASEDALKLIRAATGKAAAAL
;
C,A,E,G
2 'polypeptide(L)'
;WSHPQFEKGGVGKVAQPAAIGGPFQLTDQNGKAVTDKSLKGKPTLIFFGYTHSPDVCPTSLFEISEVLRAMGKDADKVNA
IFISVDPERDTPATMKNYLSSFDPHLEGLSGDPAEIAKVITSYRVYAKKVPTKDGDYTMDHTALIYLMDRDGRFVSPFNL
KRTPEEAAADLKRYL
;
D,B,F,H
#
loop_
_chem_comp.id
_chem_comp.type
_chem_comp.name
_chem_comp.formula
NA non-polymer 'SODIUM ION' 'Na 1'
PEG non-polymer DI(HYDROXYETHYL)ETHER 'C4 H10 O3'
SCN non-polymer 'THIOCYANATE ION' 'C N S -1'
#
# COMPACT_ATOMS: atom_id res chain seq x y z
N THR A 3 -17.83 26.67 26.99
CA THR A 3 -18.71 27.81 27.08
C THR A 3 -19.55 28.01 25.81
N GLY A 4 -20.84 27.76 25.92
CA GLY A 4 -21.75 27.82 24.80
C GLY A 4 -22.19 29.23 24.43
N ASP A 5 -22.03 29.57 23.14
CA ASP A 5 -22.42 30.87 22.59
C ASP A 5 -23.87 31.22 22.95
N PRO A 6 -24.07 32.32 23.69
CA PRO A 6 -25.39 32.72 24.20
C PRO A 6 -26.45 32.93 23.12
N ALA A 7 -26.02 33.21 21.89
CA ALA A 7 -26.96 33.42 20.80
C ALA A 7 -27.60 32.10 20.38
N CYS A 8 -26.98 31.00 20.78
CA CYS A 8 -27.47 29.67 20.39
C CYS A 8 -28.31 29.03 21.47
N ARG A 9 -28.67 29.81 22.48
CA ARG A 9 -29.49 29.29 23.57
C ARG A 9 -30.93 29.17 23.11
N ALA A 10 -31.31 29.95 22.11
CA ALA A 10 -32.66 29.86 21.57
C ALA A 10 -32.78 28.56 20.78
N ALA A 11 -31.70 28.17 20.12
CA ALA A 11 -31.66 26.89 19.41
C ALA A 11 -31.74 25.76 20.40
N VAL A 12 -31.10 25.91 21.55
CA VAL A 12 -31.20 24.90 22.60
C VAL A 12 -32.66 24.71 23.02
N ALA A 13 -33.38 25.83 23.16
CA ALA A 13 -34.78 25.81 23.55
C ALA A 13 -35.69 25.05 22.57
N THR A 14 -35.47 25.24 21.28
CA THR A 14 -36.23 24.51 20.25
C THR A 14 -36.04 23.01 20.37
N ALA A 15 -34.79 22.59 20.59
CA ALA A 15 -34.43 21.18 20.74
C ALA A 15 -35.24 20.49 21.84
N GLN A 16 -35.51 21.22 22.91
CA GLN A 16 -36.21 20.67 24.05
C GLN A 16 -37.71 20.56 23.78
N LYS A 17 -38.23 21.43 22.91
CA LYS A 17 -39.64 21.42 22.56
C LYS A 17 -40.03 20.30 21.61
N ILE A 18 -39.17 20.03 20.64
CA ILE A 18 -39.47 19.06 19.60
C ILE A 18 -38.89 17.69 19.90
N ALA A 19 -38.22 17.57 21.04
CA ALA A 19 -37.64 16.31 21.49
C ALA A 19 -38.63 15.13 21.45
N PRO A 20 -39.90 15.34 21.87
CA PRO A 20 -40.83 14.21 21.76
C PRO A 20 -41.10 13.76 20.31
N LEU A 21 -40.62 14.52 19.33
CA LEU A 21 -40.81 14.16 17.93
C LEU A 21 -39.59 13.44 17.41
N ALA A 22 -38.61 13.26 18.27
CA ALA A 22 -37.42 12.51 17.92
C ALA A 22 -37.61 11.02 18.19
N HIS A 23 -38.57 10.42 17.52
CA HIS A 23 -38.76 8.98 17.63
C HIS A 23 -39.07 8.42 16.25
N GLY A 24 -39.17 7.10 16.15
CA GLY A 24 -39.46 6.46 14.88
C GLY A 24 -38.35 6.68 13.86
N GLU A 25 -38.72 7.21 12.70
CA GLU A 25 -37.79 7.37 11.59
C GLU A 25 -36.67 8.36 11.91
N VAL A 26 -36.94 9.28 12.81
CA VAL A 26 -35.91 10.24 13.21
C VAL A 26 -35.46 10.01 14.65
N ALA A 27 -35.44 8.74 15.06
CA ALA A 27 -35.07 8.36 16.41
C ALA A 27 -33.58 8.55 16.71
N ALA A 28 -32.75 8.51 15.68
CA ALA A 28 -31.30 8.55 15.89
C ALA A 28 -30.73 9.97 15.99
N LEU A 29 -31.61 10.96 15.99
CA LEU A 29 -31.22 12.36 16.20
C LEU A 29 -30.81 12.61 17.65
N THR A 30 -29.66 13.24 17.84
CA THR A 30 -29.21 13.60 19.17
C THR A 30 -29.44 15.10 19.34
N MET A 31 -30.41 15.44 20.18
CA MET A 31 -30.76 16.83 20.41
C MET A 31 -29.66 17.60 21.16
N ALA A 32 -29.41 18.81 20.71
CA ALA A 32 -28.42 19.67 21.33
C ALA A 32 -28.85 19.98 22.76
N SER A 33 -27.93 19.85 23.70
CA SER A 33 -28.22 20.11 25.10
C SER A 33 -27.40 21.30 25.59
N ALA A 34 -26.49 21.75 24.73
CA ALA A 34 -25.65 22.92 25.00
C ALA A 34 -25.62 23.77 23.74
N PRO A 35 -25.47 25.10 23.90
CA PRO A 35 -25.40 26.03 22.77
C PRO A 35 -24.20 25.78 21.86
N LEU A 36 -24.42 25.61 20.56
CA LEU A 36 -23.31 25.41 19.64
C LEU A 36 -23.49 26.14 18.32
N LYS A 37 -22.66 27.15 18.12
CA LYS A 37 -22.63 27.87 16.86
C LYS A 37 -21.77 27.07 15.89
N LEU A 38 -22.36 26.71 14.75
CA LEU A 38 -21.62 25.96 13.75
C LEU A 38 -20.50 26.80 13.15
N PRO A 39 -19.42 26.14 12.72
CA PRO A 39 -18.40 26.91 11.99
C PRO A 39 -18.98 27.33 10.65
N ASP A 40 -18.55 28.47 10.11
CA ASP A 40 -19.13 28.98 8.86
C ASP A 40 -18.59 28.20 7.69
N LEU A 41 -19.19 27.04 7.42
CA LEU A 41 -18.68 26.14 6.41
C LEU A 41 -18.54 26.88 5.10
N ALA A 42 -17.38 26.76 4.46
CA ALA A 42 -17.15 27.41 3.19
C ALA A 42 -17.21 26.37 2.09
N PHE A 43 -18.08 26.60 1.11
CA PHE A 43 -18.24 25.69 -0.01
C PHE A 43 -18.70 26.44 -1.26
N GLU A 44 -19.00 25.69 -2.32
CA GLU A 44 -19.47 26.29 -3.56
C GLU A 44 -20.85 25.80 -3.92
N ASP A 45 -21.54 26.53 -4.79
CA ASP A 45 -22.80 26.07 -5.33
C ASP A 45 -22.53 25.43 -6.68
N ALA A 46 -23.58 25.23 -7.47
CA ALA A 46 -23.48 24.59 -8.77
C ALA A 46 -22.68 25.46 -9.75
N ASP A 47 -22.75 26.77 -9.55
CA ASP A 47 -22.10 27.71 -10.46
C ASP A 47 -20.70 28.10 -10.04
N GLY A 48 -20.19 27.48 -8.98
CA GLY A 48 -18.81 27.72 -8.58
C GLY A 48 -18.61 28.94 -7.70
N LYS A 49 -19.71 29.62 -7.38
CA LYS A 49 -19.66 30.77 -6.49
C LYS A 49 -19.38 30.30 -5.06
N PRO A 50 -18.59 31.07 -4.31
CA PRO A 50 -18.29 30.68 -2.93
C PRO A 50 -19.51 30.82 -2.04
N LYS A 51 -19.75 29.84 -1.18
CA LYS A 51 -20.86 29.91 -0.26
C LYS A 51 -20.38 29.68 1.16
N LYS A 52 -21.10 30.24 2.12
CA LYS A 52 -20.85 29.95 3.52
C LYS A 52 -22.17 29.67 4.23
N LEU A 53 -22.09 29.00 5.38
CA LEU A 53 -23.27 28.70 6.15
C LEU A 53 -23.99 30.00 6.54
N SER A 54 -23.22 31.06 6.74
CA SER A 54 -23.79 32.35 7.12
C SER A 54 -24.55 33.04 5.98
N ASP A 55 -24.38 32.56 4.76
CA ASP A 55 -25.17 33.12 3.65
C ASP A 55 -26.63 32.73 3.81
N PHE A 56 -26.86 31.70 4.62
CA PHE A 56 -28.19 31.14 4.81
C PHE A 56 -28.76 31.58 6.15
N ARG A 57 -28.23 32.67 6.71
CA ARG A 57 -28.77 33.25 7.93
C ARG A 57 -30.23 33.62 7.68
N GLY A 58 -31.07 33.42 8.70
CA GLY A 58 -32.48 33.77 8.63
C GLY A 58 -33.43 32.61 8.39
N LYS A 59 -32.87 31.46 8.02
CA LYS A 59 -33.67 30.25 7.81
C LYS A 59 -33.15 29.09 8.66
N THR A 60 -34.06 28.19 9.05
CA THR A 60 -33.66 26.91 9.61
C THR A 60 -33.11 26.04 8.48
N LEU A 61 -31.99 25.36 8.73
CA LEU A 61 -31.36 24.55 7.69
C LEU A 61 -31.18 23.11 8.09
N LEU A 62 -31.20 22.23 7.10
CA LEU A 62 -30.68 20.87 7.26
C LEU A 62 -29.40 20.75 6.45
N VAL A 63 -28.28 20.66 7.15
CA VAL A 63 -26.98 20.51 6.51
C VAL A 63 -26.57 19.05 6.44
N ASN A 64 -26.38 18.52 5.24
CA ASN A 64 -25.95 17.14 5.09
C ASN A 64 -24.64 17.12 4.35
N LEU A 65 -23.80 16.18 4.75
CA LEU A 65 -22.55 15.90 4.06
C LEU A 65 -22.67 14.54 3.42
N TRP A 66 -22.44 14.48 2.12
CA TRP A 66 -22.54 13.20 1.44
C TRP A 66 -21.34 12.94 0.54
N ALA A 67 -21.19 11.68 0.16
CA ALA A 67 -20.09 11.27 -0.67
C ALA A 67 -20.43 10.00 -1.41
N THR A 68 -19.88 9.87 -2.60
CA THR A 68 -20.16 8.75 -3.47
C THR A 68 -19.62 7.44 -2.87
N TRP A 69 -18.54 7.54 -2.10
CA TRP A 69 -17.90 6.36 -1.55
C TRP A 69 -18.67 5.91 -0.34
N CYS A 70 -19.53 6.79 0.14
CA CYS A 70 -20.41 6.44 1.23
C CYS A 70 -21.77 6.06 0.66
N VAL A 71 -22.00 4.76 0.55
CA VAL A 71 -23.23 4.25 -0.04
C VAL A 71 -24.49 4.80 0.64
N PRO A 72 -24.58 4.73 1.98
CA PRO A 72 -25.82 5.27 2.57
C PRO A 72 -26.00 6.76 2.40
N SER A 73 -24.92 7.50 2.21
CA SER A 73 -25.00 8.94 1.96
C SER A 73 -25.64 9.15 0.61
N ARG A 74 -25.31 8.31 -0.38
CA ARG A 74 -25.89 8.50 -1.70
C ARG A 74 -27.23 7.77 -1.84
N LYS A 75 -27.53 6.88 -0.91
CA LYS A 75 -28.83 6.22 -0.91
C LYS A 75 -29.97 7.14 -0.47
N GLU A 76 -29.65 8.11 0.39
CA GLU A 76 -30.66 8.98 1.00
C GLU A 76 -30.86 10.32 0.29
N MET A 77 -30.25 10.47 -0.86
CA MET A 77 -30.35 11.69 -1.62
C MET A 77 -31.77 11.98 -2.16
N PRO A 78 -32.53 10.93 -2.56
CA PRO A 78 -33.93 11.19 -2.89
C PRO A 78 -34.80 11.73 -1.77
N ALA A 79 -34.68 11.16 -0.58
CA ALA A 79 -35.47 11.60 0.57
C ALA A 79 -35.17 13.05 0.91
N LEU A 80 -33.89 13.44 0.84
CA LEU A 80 -33.50 14.80 1.11
C LEU A 80 -34.06 15.75 0.03
N ASP A 81 -34.09 15.24 -1.19
CA ASP A 81 -34.65 15.97 -2.32
C ASP A 81 -36.16 16.09 -2.13
N GLU A 82 -36.80 15.02 -1.67
CA GLU A 82 -38.24 15.07 -1.39
C GLU A 82 -38.57 15.95 -0.19
N LEU A 83 -37.68 15.92 0.79
CA LEU A 83 -37.79 16.84 1.92
C LEU A 83 -37.71 18.30 1.46
N GLN A 84 -36.72 18.61 0.61
CA GLN A 84 -36.68 19.90 -0.09
C GLN A 84 -37.91 20.07 -0.97
N GLY A 85 -38.33 21.31 -1.21
CA GLY A 85 -39.48 21.51 -2.09
C GLY A 85 -40.80 21.19 -1.42
N LYS A 86 -40.74 20.34 -0.41
CA LYS A 86 -41.88 20.05 0.43
C LYS A 86 -41.89 21.07 1.57
N LEU A 87 -40.71 21.44 2.06
CA LEU A 87 -40.64 22.38 3.18
C LEU A 87 -39.76 23.61 2.88
N SER A 88 -38.98 23.57 1.80
CA SER A 88 -38.15 24.72 1.44
C SER A 88 -39.02 25.96 1.24
N GLY A 89 -38.51 27.13 1.62
CA GLY A 89 -39.29 28.35 1.52
C GLY A 89 -38.58 29.45 2.28
N PRO A 90 -39.32 30.46 2.73
CA PRO A 90 -38.70 31.59 3.44
C PRO A 90 -38.09 31.16 4.78
N ASN A 91 -38.42 29.97 5.25
CA ASN A 91 -37.98 29.51 6.57
C ASN A 91 -37.13 28.23 6.58
N PHE A 92 -36.97 27.54 5.45
CA PHE A 92 -36.23 26.28 5.51
C PHE A 92 -35.51 25.89 4.22
N GLU A 93 -34.32 25.30 4.37
CA GLU A 93 -33.57 24.75 3.24
C GLU A 93 -32.78 23.49 3.65
N VAL A 94 -32.67 22.53 2.74
CA VAL A 94 -31.72 21.44 2.93
C VAL A 94 -30.41 21.81 2.25
N VAL A 95 -29.33 21.85 3.02
CA VAL A 95 -28.03 22.16 2.42
C VAL A 95 -27.19 20.90 2.39
N ALA A 96 -27.30 20.19 1.28
CA ALA A 96 -26.57 18.96 1.10
C ALA A 96 -25.27 19.29 0.40
N ILE A 97 -24.16 18.98 1.05
CA ILE A 97 -22.84 19.35 0.53
C ILE A 97 -22.08 18.07 0.19
N ASN A 98 -21.68 17.95 -1.06
CA ASN A 98 -20.88 16.83 -1.49
C ASN A 98 -19.42 17.07 -1.15
N ILE A 99 -18.72 16.02 -0.75
CA ILE A 99 -17.31 16.14 -0.41
C ILE A 99 -16.43 15.15 -1.14
N ASP A 100 -16.82 14.72 -2.34
CA ASP A 100 -15.91 13.94 -3.16
C ASP A 100 -14.68 14.76 -3.47
N THR A 101 -13.51 14.13 -3.42
CA THR A 101 -12.24 14.82 -3.65
C THR A 101 -11.64 14.40 -4.99
N ARG A 102 -12.21 13.37 -5.59
CA ARG A 102 -11.75 12.88 -6.89
C ARG A 102 -12.93 12.76 -7.85
N ASP A 103 -12.66 12.80 -9.15
CA ASP A 103 -13.70 12.71 -10.17
C ASP A 103 -14.92 13.58 -9.84
N PRO A 104 -14.75 14.91 -9.94
CA PRO A 104 -15.80 15.85 -9.49
C PRO A 104 -17.07 15.74 -10.32
N GLU A 105 -16.97 15.02 -11.43
CA GLU A 105 -18.05 14.83 -12.37
C GLU A 105 -18.95 13.70 -11.90
N LYS A 106 -18.40 12.84 -11.05
CA LYS A 106 -19.16 11.68 -10.59
C LYS A 106 -20.37 12.04 -9.73
N PRO A 107 -20.21 12.95 -8.73
CA PRO A 107 -21.39 13.29 -7.92
C PRO A 107 -22.39 14.13 -8.68
N LYS A 108 -21.91 14.90 -9.65
CA LYS A 108 -22.78 15.76 -10.45
C LYS A 108 -23.67 14.91 -11.31
N THR A 109 -23.06 13.90 -11.91
CA THR A 109 -23.74 12.92 -12.74
C THR A 109 -24.79 12.14 -11.94
N PHE A 110 -24.49 11.89 -10.67
CA PHE A 110 -25.39 11.15 -9.78
C PHE A 110 -26.75 11.83 -9.69
N LEU A 111 -26.71 13.13 -9.41
CA LEU A 111 -27.94 13.91 -9.24
C LEU A 111 -28.72 14.02 -10.54
N LYS A 112 -28.03 14.32 -11.64
CA LYS A 112 -28.68 14.44 -12.94
C LYS A 112 -29.32 13.15 -13.40
N GLU A 113 -28.59 12.05 -13.28
CA GLU A 113 -29.09 10.76 -13.74
C GLU A 113 -30.20 10.22 -12.85
N ALA A 114 -30.30 10.75 -11.63
CA ALA A 114 -31.33 10.31 -10.70
C ALA A 114 -32.45 11.33 -10.60
N ASN A 115 -32.37 12.36 -11.44
CA ASN A 115 -33.35 13.45 -11.45
C ASN A 115 -33.59 14.13 -10.12
N LEU A 116 -32.52 14.48 -9.42
CA LEU A 116 -32.61 15.21 -8.16
C LEU A 116 -32.18 16.64 -8.42
N THR A 117 -33.15 17.53 -8.61
CA THR A 117 -32.84 18.87 -9.10
C THR A 117 -33.19 19.96 -8.11
N ARG A 118 -33.70 19.59 -6.94
CA ARG A 118 -34.18 20.58 -5.98
C ARG A 118 -33.08 20.93 -4.97
N LEU A 119 -32.01 20.15 -4.96
CA LEU A 119 -30.90 20.32 -4.01
C LEU A 119 -29.74 21.16 -4.52
N GLY A 120 -29.79 21.60 -5.77
CA GLY A 120 -28.68 22.30 -6.41
C GLY A 120 -27.48 21.37 -6.47
N TYR A 121 -26.27 21.92 -6.46
CA TYR A 121 -25.11 21.07 -6.28
C TYR A 121 -24.04 21.80 -5.49
N PHE A 122 -24.19 21.78 -4.18
CA PHE A 122 -23.18 22.34 -3.30
C PHE A 122 -22.07 21.32 -3.11
N ASN A 123 -20.82 21.80 -3.10
CA ASN A 123 -19.69 20.89 -2.98
C ASN A 123 -18.46 21.54 -2.35
N ASP A 124 -17.63 20.68 -1.80
CA ASP A 124 -16.32 21.06 -1.28
C ASP A 124 -15.36 19.93 -1.58
N GLN A 125 -14.66 20.04 -2.70
CA GLN A 125 -13.75 18.98 -3.15
C GLN A 125 -12.53 18.90 -2.24
N LYS A 126 -12.38 19.90 -1.39
CA LYS A 126 -11.34 19.93 -0.36
C LYS A 126 -11.78 19.07 0.82
N ALA A 127 -13.09 18.87 0.92
CA ALA A 127 -13.72 18.15 2.02
C ALA A 127 -13.40 18.80 3.35
N LYS A 128 -13.07 20.08 3.33
CA LYS A 128 -12.78 20.78 4.58
C LYS A 128 -14.06 20.94 5.41
N VAL A 129 -15.21 20.94 4.76
CA VAL A 129 -16.46 20.98 5.51
C VAL A 129 -16.56 19.71 6.36
N PHE A 130 -15.95 18.61 5.90
CA PHE A 130 -15.90 17.41 6.74
C PHE A 130 -15.01 17.67 7.96
N GLN A 131 -13.86 18.30 7.72
CA GLN A 131 -12.92 18.64 8.79
C GLN A 131 -13.60 19.53 9.83
N ASP A 132 -14.38 20.47 9.35
CA ASP A 132 -15.12 21.41 10.20
C ASP A 132 -16.07 20.72 11.19
N LEU A 133 -16.86 19.76 10.72
CA LEU A 133 -17.77 19.02 11.60
C LEU A 133 -17.07 18.00 12.50
N LYS A 134 -16.00 17.40 12.00
CA LYS A 134 -15.23 16.43 12.78
C LYS A 134 -14.63 17.08 14.02
N ALA A 135 -14.11 18.29 13.86
CA ALA A 135 -13.42 18.96 14.95
C ALA A 135 -14.33 19.27 16.14
N ILE A 136 -15.63 19.42 15.88
CA ILE A 136 -16.58 19.71 16.95
C ILE A 136 -17.46 18.53 17.31
N GLY A 137 -17.02 17.32 16.95
CA GLY A 137 -17.69 16.10 17.32
C GLY A 137 -19.04 15.87 16.66
N ARG A 138 -19.22 16.45 15.48
CA ARG A 138 -20.50 16.34 14.79
C ARG A 138 -20.32 15.66 13.43
N ALA A 139 -19.24 14.90 13.27
CA ALA A 139 -19.03 14.12 12.07
C ALA A 139 -18.49 12.77 12.49
N LEU A 140 -19.32 12.03 13.19
CA LEU A 140 -18.92 10.75 13.74
C LEU A 140 -18.94 9.67 12.66
N GLY A 141 -19.59 9.97 11.55
CA GLY A 141 -19.65 9.02 10.46
C GLY A 141 -20.19 9.73 9.24
N MET A 142 -20.31 8.99 8.14
CA MET A 142 -20.94 9.52 6.95
C MET A 142 -22.13 8.67 6.56
N PRO A 143 -23.24 9.32 6.17
CA PRO A 143 -23.37 10.78 6.13
C PRO A 143 -23.48 11.39 7.51
N THR A 144 -23.38 12.70 7.57
CA THR A 144 -23.66 13.39 8.82
C THR A 144 -24.54 14.57 8.48
N SER A 145 -25.54 14.80 9.32
CA SER A 145 -26.49 15.86 9.05
C SER A 145 -26.77 16.67 10.31
N VAL A 146 -26.75 17.98 10.17
CA VAL A 146 -27.01 18.87 11.28
C VAL A 146 -28.20 19.77 10.99
N LEU A 147 -29.15 19.81 11.90
CA LEU A 147 -30.27 20.70 11.72
C LEU A 147 -29.89 22.02 12.40
N VAL A 148 -29.86 23.08 11.60
CA VAL A 148 -29.28 24.36 11.97
C VAL A 148 -30.36 25.42 11.94
N ASP A 149 -30.37 26.30 12.94
CA ASP A 149 -31.37 27.36 13.05
C ASP A 149 -30.99 28.62 12.24
N PRO A 150 -31.87 29.66 12.19
CA PRO A 150 -31.55 30.88 11.43
C PRO A 150 -30.33 31.64 11.95
N GLN A 151 -29.75 31.19 13.06
CA GLN A 151 -28.65 31.90 13.68
C GLN A 151 -27.33 31.16 13.52
N GLY A 152 -27.37 30.01 12.86
CA GLY A 152 -26.16 29.25 12.64
C GLY A 152 -25.88 28.39 13.84
N CYS A 153 -26.90 28.20 14.67
CA CYS A 153 -26.73 27.47 15.93
C CYS A 153 -27.26 26.05 15.82
N GLU A 154 -26.63 25.12 16.52
CA GLU A 154 -27.04 23.73 16.43
C GLU A 154 -28.35 23.47 17.15
N ILE A 155 -29.28 22.81 16.46
CA ILE A 155 -30.51 22.32 17.07
C ILE A 155 -30.42 20.83 17.32
N ALA A 156 -29.89 20.09 16.34
CA ALA A 156 -29.74 18.64 16.44
C ALA A 156 -28.71 18.14 15.43
N THR A 157 -28.27 16.90 15.60
CA THR A 157 -27.32 16.27 14.67
C THR A 157 -27.55 14.76 14.55
N ILE A 158 -27.39 14.24 13.33
CA ILE A 158 -27.45 12.80 13.13
C ILE A 158 -26.28 12.33 12.26
N ALA A 159 -25.61 11.29 12.75
CA ALA A 159 -24.58 10.58 12.01
C ALA A 159 -25.23 9.39 11.35
N GLY A 160 -25.25 9.39 10.03
CA GLY A 160 -25.91 8.34 9.29
C GLY A 160 -27.09 8.87 8.50
N PRO A 161 -27.69 8.00 7.67
CA PRO A 161 -28.85 8.28 6.82
C PRO A 161 -30.15 8.30 7.61
N ALA A 162 -31.22 8.73 6.96
CA ALA A 162 -32.56 8.70 7.56
C ALA A 162 -33.61 8.83 6.46
N GLU A 163 -34.82 8.34 6.73
CA GLU A 163 -35.93 8.53 5.82
C GLU A 163 -36.44 9.93 6.04
N TRP A 164 -35.88 10.88 5.31
CA TRP A 164 -36.20 12.28 5.54
C TRP A 164 -37.53 12.74 4.93
N ALA A 165 -38.12 11.90 4.09
CA ALA A 165 -39.36 12.27 3.43
C ALA A 165 -40.56 11.66 4.13
N SER A 166 -40.28 10.83 5.13
CA SER A 166 -41.32 10.20 5.92
C SER A 166 -42.05 11.25 6.73
N GLU A 167 -43.23 10.91 7.23
CA GLU A 167 -43.99 11.83 8.04
C GLU A 167 -43.34 12.06 9.42
N ASP A 168 -42.60 11.08 9.90
CA ASP A 168 -41.85 11.26 11.16
C ASP A 168 -40.79 12.33 11.02
N ALA A 169 -40.12 12.33 9.87
CA ALA A 169 -39.06 13.29 9.59
C ALA A 169 -39.63 14.67 9.36
N LEU A 170 -40.71 14.71 8.59
CA LEU A 170 -41.39 15.96 8.25
C LEU A 170 -41.90 16.71 9.48
N LYS A 171 -42.52 15.99 10.42
CA LYS A 171 -43.06 16.58 11.66
C LYS A 171 -42.05 17.31 12.54
N LEU A 172 -40.85 16.76 12.69
CA LEU A 172 -39.86 17.39 13.55
C LEU A 172 -39.33 18.66 12.91
N ILE A 173 -39.09 18.61 11.60
CA ILE A 173 -38.60 19.75 10.87
C ILE A 173 -39.63 20.88 10.89
N ARG A 174 -40.89 20.53 10.63
CA ARG A 174 -41.97 21.51 10.62
C ARG A 174 -42.11 22.19 11.97
N ALA A 175 -41.89 21.43 13.04
CA ALA A 175 -41.98 21.98 14.39
C ALA A 175 -40.78 22.86 14.70
N ALA A 176 -39.63 22.46 14.19
CA ALA A 176 -38.36 23.16 14.39
C ALA A 176 -38.33 24.52 13.69
N THR A 177 -39.15 24.67 12.66
CA THR A 177 -39.06 25.77 11.71
C THR A 177 -39.66 27.12 12.11
N GLY A 178 -38.85 28.17 11.96
CA GLY A 178 -39.26 29.54 12.16
C GLY A 178 -38.03 30.42 12.00
N LYS A 179 -38.02 31.69 12.46
CA LYS A 179 -39.16 32.48 12.97
C LYS A 179 -39.84 31.88 14.20
N PRO B 17 5.59 -10.89 25.32
CA PRO B 17 4.22 -11.06 24.85
C PRO B 17 3.45 -9.74 24.79
N ALA B 18 4.05 -8.66 25.26
CA ALA B 18 3.41 -7.35 25.18
C ALA B 18 4.06 -6.49 24.12
N ALA B 19 3.82 -6.82 22.85
CA ALA B 19 4.27 -5.96 21.77
C ALA B 19 3.28 -6.02 20.61
N ILE B 20 2.97 -4.85 20.05
CA ILE B 20 2.02 -4.68 18.95
C ILE B 20 2.56 -5.06 17.58
N GLY B 21 1.87 -5.94 16.87
CA GLY B 21 2.34 -6.33 15.56
C GLY B 21 2.88 -7.74 15.47
N GLY B 22 2.95 -8.23 14.24
CA GLY B 22 3.45 -9.57 13.98
C GLY B 22 3.52 -9.80 12.48
N PRO B 23 4.03 -10.98 12.08
CA PRO B 23 4.20 -11.41 10.69
C PRO B 23 2.89 -11.68 9.99
N PHE B 24 2.84 -11.39 8.68
CA PHE B 24 1.70 -11.79 7.87
C PHE B 24 2.01 -11.79 6.38
N GLN B 25 1.20 -12.54 5.65
CA GLN B 25 1.21 -12.58 4.19
C GLN B 25 -0.20 -12.37 3.66
N LEU B 26 -0.47 -11.22 3.04
CA LEU B 26 -1.80 -10.97 2.46
C LEU B 26 -1.71 -10.63 0.96
N THR B 27 -2.84 -10.20 0.39
CA THR B 27 -2.95 -9.93 -1.04
C THR B 27 -3.60 -8.57 -1.27
N ASP B 28 -2.97 -7.73 -2.07
CA ASP B 28 -3.50 -6.38 -2.18
C ASP B 28 -4.60 -6.33 -3.25
N GLN B 29 -5.16 -5.15 -3.45
CA GLN B 29 -6.28 -4.96 -4.35
C GLN B 29 -5.91 -5.27 -5.78
N ASN B 30 -4.61 -5.44 -6.04
CA ASN B 30 -4.14 -5.72 -7.39
C ASN B 30 -3.67 -7.17 -7.57
N GLY B 31 -3.87 -7.98 -6.53
CA GLY B 31 -3.48 -9.38 -6.55
C GLY B 31 -2.02 -9.65 -6.25
N LYS B 32 -1.28 -8.60 -5.91
CA LYS B 32 0.13 -8.72 -5.55
C LYS B 32 0.33 -9.01 -4.06
N ALA B 33 1.34 -9.81 -3.76
CA ALA B 33 1.69 -10.19 -2.38
C ALA B 33 2.29 -9.05 -1.55
N VAL B 34 1.69 -8.79 -0.39
CA VAL B 34 2.24 -7.82 0.55
C VAL B 34 2.39 -8.42 1.94
N THR B 35 3.59 -8.28 2.52
CA THR B 35 3.88 -8.84 3.83
C THR B 35 4.44 -7.80 4.79
N ASP B 36 4.66 -8.19 6.05
CA ASP B 36 5.21 -7.27 7.04
C ASP B 36 6.62 -6.87 6.69
N LYS B 37 7.31 -7.76 5.97
CA LYS B 37 8.68 -7.52 5.53
C LYS B 37 8.72 -6.61 4.31
N SER B 38 7.72 -6.68 3.44
CA SER B 38 7.72 -5.81 2.25
C SER B 38 7.41 -4.41 2.71
N LEU B 39 6.83 -4.31 3.90
CA LEU B 39 6.43 -3.03 4.48
C LEU B 39 7.56 -2.37 5.24
N LYS B 40 8.69 -3.06 5.37
CA LYS B 40 9.87 -2.47 5.98
C LYS B 40 10.54 -1.46 5.07
N GLY B 41 11.29 -0.54 5.69
CA GLY B 41 12.02 0.46 4.95
C GLY B 41 11.33 1.80 4.94
N LYS B 42 10.06 1.81 5.31
CA LYS B 42 9.27 3.04 5.40
C LYS B 42 8.43 3.08 6.67
N PRO B 43 8.19 4.28 7.21
CA PRO B 43 7.16 4.39 8.24
C PRO B 43 5.83 3.90 7.67
N THR B 44 5.09 3.11 8.45
CA THR B 44 3.96 2.37 7.91
C THR B 44 2.68 2.54 8.75
N LEU B 45 1.61 2.97 8.10
CA LEU B 45 0.32 3.06 8.78
C LEU B 45 -0.46 1.78 8.57
N ILE B 46 -0.84 1.11 9.66
CA ILE B 46 -1.68 -0.08 9.57
C ILE B 46 -3.02 0.24 10.19
N PHE B 47 -4.11 -0.04 9.49
CA PHE B 47 -5.41 0.11 10.13
C PHE B 47 -6.43 -0.82 9.50
N PHE B 48 -7.56 -0.96 10.18
CA PHE B 48 -8.47 -2.06 9.93
C PHE B 48 -9.91 -1.61 9.69
N GLY B 49 -10.63 -2.34 8.85
CA GLY B 49 -12.01 -2.02 8.52
C GLY B 49 -12.63 -2.97 7.51
N TYR B 50 -13.61 -2.48 6.75
CA TYR B 50 -14.33 -3.29 5.76
C TYR B 50 -14.87 -2.44 4.62
N THR B 51 -15.08 -3.06 3.46
CA THR B 51 -15.56 -2.38 2.26
C THR B 51 -17.07 -2.45 2.15
N HIS B 52 -17.57 -3.69 2.08
CA HIS B 52 -19.00 -4.04 1.99
C HIS B 52 -19.93 -3.07 2.72
N SER B 53 -21.02 -2.72 2.06
CA SER B 53 -21.87 -1.59 2.46
C SER B 53 -22.50 -1.70 3.85
N PRO B 54 -22.16 -0.75 4.74
CA PRO B 54 -22.77 -0.55 6.05
C PRO B 54 -23.89 0.50 5.97
N ASP B 55 -24.70 0.60 7.03
CA ASP B 55 -25.74 1.64 7.11
C ASP B 55 -25.15 3.01 7.45
N VAL B 56 -24.01 3.02 8.15
CA VAL B 56 -23.29 4.26 8.43
C VAL B 56 -21.82 4.04 8.11
N CYS B 57 -21.16 5.00 7.47
CA CYS B 57 -19.78 4.80 7.02
C CYS B 57 -18.76 5.27 8.06
N PRO B 58 -17.80 4.39 8.40
CA PRO B 58 -16.64 4.80 9.20
C PRO B 58 -15.75 5.71 8.36
N THR B 59 -14.97 6.57 9.01
CA THR B 59 -14.26 7.62 8.30
C THR B 59 -12.74 7.42 8.26
N SER B 60 -12.26 6.35 8.87
CA SER B 60 -10.80 6.14 8.95
C SER B 60 -10.09 6.14 7.60
N LEU B 61 -10.62 5.36 6.66
CA LEU B 61 -9.99 5.25 5.33
C LEU B 61 -9.99 6.58 4.59
N PHE B 62 -11.12 7.29 4.64
CA PHE B 62 -11.19 8.60 4.03
C PHE B 62 -10.23 9.60 4.71
N GLU B 63 -10.15 9.56 6.03
CA GLU B 63 -9.23 10.46 6.76
C GLU B 63 -7.75 10.21 6.46
N ILE B 64 -7.36 8.95 6.36
CA ILE B 64 -6.00 8.64 5.95
C ILE B 64 -5.77 9.16 4.55
N SER B 65 -6.76 8.98 3.70
CA SER B 65 -6.72 9.44 2.32
C SER B 65 -6.44 10.93 2.28
N GLU B 66 -7.05 11.68 3.20
CA GLU B 66 -6.87 13.12 3.24
C GLU B 66 -5.47 13.48 3.75
N VAL B 67 -4.93 12.67 4.64
CA VAL B 67 -3.56 12.86 5.10
C VAL B 67 -2.57 12.60 3.97
N LEU B 68 -2.77 11.48 3.28
CA LEU B 68 -1.95 11.13 2.13
C LEU B 68 -1.98 12.23 1.07
N ARG B 69 -3.16 12.80 0.86
CA ARG B 69 -3.34 13.89 -0.10
C ARG B 69 -2.57 15.13 0.36
N ALA B 70 -2.60 15.38 1.67
CA ALA B 70 -1.89 16.53 2.25
C ALA B 70 -0.36 16.37 2.14
N MET B 71 0.10 15.13 2.06
CA MET B 71 1.54 14.84 1.98
C MET B 71 2.19 15.11 0.63
N GLY B 72 1.38 15.32 -0.41
CA GLY B 72 1.88 15.61 -1.75
C GLY B 72 2.68 14.43 -2.29
N LYS B 73 3.91 14.69 -2.73
CA LYS B 73 4.79 13.63 -3.26
C LYS B 73 5.43 12.80 -2.16
N ASP B 74 5.35 13.28 -0.93
CA ASP B 74 5.95 12.53 0.16
C ASP B 74 5.08 11.35 0.55
N ALA B 75 3.89 11.24 -0.04
CA ALA B 75 3.02 10.10 0.26
C ALA B 75 3.67 8.80 -0.18
N ASP B 76 4.56 8.89 -1.15
CA ASP B 76 5.37 7.77 -1.63
C ASP B 76 6.34 7.23 -0.57
N LYS B 77 6.73 8.07 0.38
CA LYS B 77 7.81 7.68 1.31
C LYS B 77 7.31 6.96 2.55
N VAL B 78 6.02 6.64 2.54
CA VAL B 78 5.40 5.94 3.65
C VAL B 78 4.54 4.85 3.05
N ASN B 79 4.20 3.86 3.87
CA ASN B 79 3.22 2.84 3.51
C ASN B 79 1.90 3.17 4.19
N ALA B 80 0.78 3.09 3.47
CA ALA B 80 -0.52 3.28 4.11
C ALA B 80 -1.41 2.06 3.85
N ILE B 81 -1.55 1.20 4.86
CA ILE B 81 -2.08 -0.14 4.66
C ILE B 81 -3.40 -0.41 5.39
N PHE B 82 -4.44 -0.63 4.59
CA PHE B 82 -5.78 -0.93 5.08
C PHE B 82 -6.06 -2.44 5.03
N ILE B 83 -6.27 -3.06 6.19
CA ILE B 83 -6.45 -4.51 6.26
C ILE B 83 -7.88 -4.92 6.64
N SER B 84 -8.50 -5.76 5.83
CA SER B 84 -9.86 -6.23 6.10
C SER B 84 -9.92 -7.03 7.37
N VAL B 85 -10.96 -6.79 8.17
CA VAL B 85 -11.22 -7.61 9.34
C VAL B 85 -12.41 -8.48 9.03
N ASP B 86 -12.85 -8.42 7.77
CA ASP B 86 -14.01 -9.15 7.30
C ASP B 86 -13.66 -9.98 6.07
N PRO B 87 -12.74 -10.96 6.22
CA PRO B 87 -12.17 -11.72 5.09
C PRO B 87 -13.22 -12.51 4.31
N GLU B 88 -14.36 -12.77 4.93
CA GLU B 88 -15.40 -13.57 4.31
C GLU B 88 -16.16 -12.79 3.26
N ARG B 89 -16.06 -11.47 3.29
CA ARG B 89 -16.76 -10.63 2.31
C ARG B 89 -15.82 -9.74 1.50
N ASP B 90 -14.62 -9.50 2.03
CA ASP B 90 -13.63 -8.64 1.36
C ASP B 90 -12.63 -9.44 0.54
N THR B 91 -12.50 -9.05 -0.72
CA THR B 91 -11.58 -9.68 -1.64
C THR B 91 -10.72 -8.59 -2.27
N PRO B 92 -9.67 -8.99 -3.00
CA PRO B 92 -8.97 -7.97 -3.76
C PRO B 92 -9.92 -7.17 -4.65
N ALA B 93 -10.85 -7.87 -5.29
CA ALA B 93 -11.81 -7.23 -6.17
C ALA B 93 -12.69 -6.23 -5.42
N THR B 94 -13.11 -6.60 -4.22
CA THR B 94 -13.98 -5.73 -3.45
C THR B 94 -13.20 -4.54 -2.93
N MET B 95 -11.97 -4.80 -2.52
CA MET B 95 -11.06 -3.75 -2.10
C MET B 95 -10.78 -2.73 -3.21
N LYS B 96 -10.45 -3.26 -4.38
CA LYS B 96 -10.07 -2.42 -5.51
C LYS B 96 -11.16 -1.47 -5.96
N ASN B 97 -12.39 -1.95 -6.03
CA ASN B 97 -13.49 -1.11 -6.44
C ASN B 97 -13.69 -0.03 -5.37
N TYR B 98 -13.59 -0.44 -4.10
CA TYR B 98 -13.79 0.46 -2.97
C TYR B 98 -12.70 1.52 -2.83
N LEU B 99 -11.47 1.13 -3.09
CA LEU B 99 -10.34 2.04 -2.90
C LEU B 99 -10.24 3.07 -3.99
N SER B 100 -10.99 2.89 -5.08
CA SER B 100 -10.89 3.77 -6.23
C SER B 100 -11.43 5.18 -5.93
N SER B 101 -12.02 5.38 -4.76
CA SER B 101 -12.52 6.70 -4.41
C SER B 101 -11.54 7.42 -3.48
N PHE B 102 -10.43 6.77 -3.17
CA PHE B 102 -9.49 7.33 -2.21
C PHE B 102 -8.10 7.48 -2.82
N ASP B 103 -7.15 8.00 -2.06
CA ASP B 103 -5.82 8.27 -2.58
C ASP B 103 -5.22 7.02 -3.16
N PRO B 104 -4.59 7.13 -4.35
CA PRO B 104 -4.08 5.93 -5.02
C PRO B 104 -2.87 5.31 -4.31
N HIS B 105 -2.34 5.97 -3.28
CA HIS B 105 -1.22 5.41 -2.51
C HIS B 105 -1.70 4.33 -1.55
N LEU B 106 -3.00 4.33 -1.26
CA LEU B 106 -3.60 3.37 -0.34
C LEU B 106 -3.47 1.93 -0.82
N GLU B 107 -3.30 1.03 0.14
CA GLU B 107 -3.28 -0.40 -0.12
C GLU B 107 -4.37 -1.10 0.71
N GLY B 108 -5.21 -1.92 0.07
CA GLY B 108 -6.23 -2.69 0.76
C GLY B 108 -5.94 -4.18 0.74
N LEU B 109 -5.80 -4.81 1.92
CA LEU B 109 -5.30 -6.21 2.00
C LEU B 109 -6.35 -7.30 2.35
N SER B 110 -6.31 -8.44 1.65
CA SER B 110 -7.21 -9.58 1.91
C SER B 110 -6.48 -10.91 2.12
N GLY B 111 -7.24 -11.93 2.51
CA GLY B 111 -6.67 -13.25 2.69
C GLY B 111 -7.71 -14.21 3.23
N ASP B 112 -7.37 -15.49 3.35
CA ASP B 112 -8.28 -16.47 3.93
C ASP B 112 -8.46 -16.12 5.41
N PRO B 113 -9.59 -16.53 6.02
CA PRO B 113 -9.87 -16.26 7.43
C PRO B 113 -8.69 -16.48 8.37
N ALA B 114 -7.85 -17.48 8.11
CA ALA B 114 -6.75 -17.82 9.02
C ALA B 114 -5.61 -16.81 9.04
N GLU B 115 -5.34 -16.17 7.92
CA GLU B 115 -4.28 -15.17 7.87
C GLU B 115 -4.75 -13.83 8.43
N ILE B 116 -6.03 -13.51 8.23
CA ILE B 116 -6.61 -12.32 8.82
C ILE B 116 -6.71 -12.50 10.33
N ALA B 117 -7.10 -13.71 10.75
CA ALA B 117 -7.20 -14.04 12.17
C ALA B 117 -5.84 -13.93 12.86
N LYS B 118 -4.80 -14.26 12.10
CA LYS B 118 -3.42 -14.21 12.57
C LYS B 118 -2.95 -12.75 12.72
N VAL B 119 -3.38 -11.86 11.82
CA VAL B 119 -3.06 -10.44 11.90
C VAL B 119 -3.85 -9.75 13.00
N ILE B 120 -5.10 -10.19 13.15
CA ILE B 120 -5.99 -9.68 14.17
C ILE B 120 -5.48 -9.97 15.57
N THR B 121 -4.91 -11.16 15.75
CA THR B 121 -4.29 -11.52 17.02
C THR B 121 -3.07 -10.65 17.35
N SER B 122 -2.16 -10.50 16.39
CA SER B 122 -0.91 -9.76 16.61
C SER B 122 -1.11 -8.27 16.91
N TYR B 123 -2.18 -7.68 16.37
CA TYR B 123 -2.43 -6.24 16.54
C TYR B 123 -3.51 -5.95 17.58
N ARG B 124 -4.00 -7.02 18.21
CA ARG B 124 -5.06 -6.94 19.22
C ARG B 124 -6.26 -6.13 18.72
N VAL B 125 -6.76 -6.49 17.55
CA VAL B 125 -7.86 -5.75 16.95
C VAL B 125 -9.19 -6.28 17.48
N TYR B 126 -10.03 -5.39 17.97
CA TYR B 126 -11.39 -5.76 18.31
C TYR B 126 -12.15 -5.87 16.99
N ALA B 127 -12.79 -7.00 16.76
CA ALA B 127 -13.61 -7.19 15.55
C ALA B 127 -14.69 -8.22 15.82
N LYS B 128 -15.93 -7.76 15.92
CA LYS B 128 -17.04 -8.63 16.21
C LYS B 128 -18.22 -8.30 15.30
N LYS B 129 -19.00 -9.31 14.93
CA LYS B 129 -20.13 -9.11 14.03
C LYS B 129 -21.33 -8.49 14.73
N VAL B 130 -21.88 -7.44 14.12
CA VAL B 130 -23.01 -6.74 14.68
C VAL B 130 -24.17 -6.64 13.69
N PRO B 131 -25.13 -7.58 13.77
CA PRO B 131 -26.34 -7.65 12.93
C PRO B 131 -26.99 -6.28 12.69
N THR B 132 -27.25 -5.96 11.43
CA THR B 132 -27.68 -4.60 11.05
C THR B 132 -29.20 -4.50 10.82
N LYS B 133 -29.91 -5.54 11.24
CA LYS B 133 -31.38 -5.58 11.35
C LYS B 133 -32.11 -5.64 10.00
N ASP B 134 -31.49 -5.15 8.94
CA ASP B 134 -32.07 -5.27 7.60
C ASP B 134 -31.81 -6.66 7.04
N GLY B 135 -31.07 -7.47 7.79
CA GLY B 135 -30.82 -8.85 7.42
C GLY B 135 -29.34 -9.22 7.47
N ASP B 136 -28.49 -8.20 7.49
CA ASP B 136 -27.04 -8.40 7.35
C ASP B 136 -26.32 -8.07 8.67
N TYR B 137 -25.01 -7.85 8.61
CA TYR B 137 -24.22 -7.45 9.78
C TYR B 137 -23.17 -6.38 9.46
N THR B 138 -22.69 -5.71 10.51
CA THR B 138 -21.57 -4.79 10.39
C THR B 138 -20.39 -5.32 11.21
N MET B 139 -19.20 -5.27 10.64
CA MET B 139 -18.03 -5.72 11.38
C MET B 139 -17.45 -4.56 12.18
N ASP B 140 -17.94 -4.40 13.41
CA ASP B 140 -17.47 -3.41 14.37
C ASP B 140 -16.00 -3.64 14.70
N HIS B 141 -15.19 -2.57 14.67
CA HIS B 141 -13.75 -2.77 14.75
C HIS B 141 -13.00 -1.67 15.51
N THR B 142 -11.77 -2.02 15.88
CA THR B 142 -10.78 -1.08 16.39
C THR B 142 -10.51 0.00 15.34
N ALA B 143 -10.81 1.26 15.64
CA ALA B 143 -10.66 2.33 14.64
C ALA B 143 -9.28 2.98 14.68
N LEU B 144 -8.41 2.41 15.51
CA LEU B 144 -7.05 2.89 15.73
C LEU B 144 -6.13 2.72 14.49
N ILE B 145 -5.27 3.70 14.28
CA ILE B 145 -4.23 3.61 13.26
C ILE B 145 -2.90 3.27 13.96
N TYR B 146 -2.22 2.24 13.49
CA TYR B 146 -0.94 1.82 14.10
C TYR B 146 0.26 2.39 13.33
N LEU B 147 1.15 3.09 14.03
CA LEU B 147 2.40 3.54 13.42
C LEU B 147 3.52 2.54 13.64
N MET B 148 4.07 2.02 12.55
CA MET B 148 5.22 1.11 12.58
C MET B 148 6.45 1.79 11.95
N ASP B 149 7.66 1.49 12.44
CA ASP B 149 8.81 2.23 11.92
C ASP B 149 9.34 1.55 10.66
N ARG B 150 10.56 1.88 10.25
CA ARG B 150 11.10 1.32 9.02
C ARG B 150 11.35 -0.17 9.16
N ASP B 151 11.42 -0.63 10.40
CA ASP B 151 11.65 -2.04 10.69
C ASP B 151 10.37 -2.78 11.08
N GLY B 152 9.23 -2.12 10.96
CA GLY B 152 7.99 -2.80 11.24
C GLY B 152 7.73 -2.95 12.73
N ARG B 153 8.37 -2.11 13.52
CA ARG B 153 8.17 -2.13 14.96
C ARG B 153 7.17 -1.06 15.36
N PHE B 154 6.29 -1.41 16.29
CA PHE B 154 5.24 -0.50 16.73
C PHE B 154 5.83 0.73 17.39
N VAL B 155 5.43 1.90 16.91
CA VAL B 155 5.83 3.15 17.50
C VAL B 155 4.74 3.66 18.44
N SER B 156 3.57 3.94 17.87
CA SER B 156 2.47 4.53 18.61
C SER B 156 1.20 4.53 17.75
N PRO B 157 0.05 4.82 18.35
CA PRO B 157 -1.11 5.14 17.52
C PRO B 157 -0.86 6.41 16.72
N PHE B 158 -1.44 6.55 15.54
CA PHE B 158 -1.31 7.78 14.78
C PHE B 158 -2.58 8.62 14.87
N ASN B 159 -2.44 9.82 15.44
CA ASN B 159 -3.59 10.69 15.74
C ASN B 159 -4.21 11.34 14.51
N LEU B 160 -5.53 11.17 14.37
CA LEU B 160 -6.26 11.72 13.25
C LEU B 160 -7.19 12.86 13.67
N LYS B 161 -7.27 13.12 14.97
CA LYS B 161 -8.14 14.17 15.48
C LYS B 161 -7.46 15.55 15.43
N ARG B 162 -7.20 15.97 14.19
CA ARG B 162 -6.51 17.21 13.89
C ARG B 162 -6.67 17.38 12.38
N THR B 163 -6.29 18.54 11.85
CA THR B 163 -6.38 18.75 10.42
C THR B 163 -5.41 17.81 9.70
N PRO B 164 -5.74 17.40 8.47
CA PRO B 164 -4.83 16.55 7.68
C PRO B 164 -3.48 17.21 7.47
N GLU B 165 -3.43 18.54 7.55
CA GLU B 165 -2.17 19.27 7.44
C GLU B 165 -1.27 19.05 8.65
N GLU B 166 -1.87 19.03 9.85
CA GLU B 166 -1.11 18.79 11.07
C GLU B 166 -0.64 17.34 11.16
N ALA B 167 -1.51 16.41 10.76
CA ALA B 167 -1.16 15.00 10.72
C ALA B 167 -0.08 14.72 9.68
N ALA B 168 -0.20 15.35 8.51
CA ALA B 168 0.79 15.17 7.47
C ALA B 168 2.16 15.69 7.93
N ALA B 169 2.19 16.87 8.54
CA ALA B 169 3.45 17.44 9.03
C ALA B 169 4.13 16.53 10.08
N ASP B 170 3.31 15.83 10.86
CA ASP B 170 3.80 14.89 11.86
C ASP B 170 4.49 13.70 11.23
N LEU B 171 3.86 13.18 10.19
CA LEU B 171 4.33 11.98 9.53
C LEU B 171 5.61 12.26 8.74
N LYS B 172 5.78 13.51 8.33
CA LYS B 172 6.96 13.91 7.57
C LYS B 172 8.22 13.96 8.44
N ARG B 173 8.05 13.89 9.75
CA ARG B 173 9.18 13.92 10.69
C ARG B 173 10.01 12.65 10.61
N TYR B 174 9.37 11.56 10.17
CA TYR B 174 10.01 10.26 10.11
C TYR B 174 10.69 10.03 8.77
N LEU B 175 10.51 10.96 7.85
CA LEU B 175 11.02 10.81 6.49
C LEU B 175 12.48 11.16 6.33
N PRO C 2 40.76 -19.72 -23.39
CA PRO C 2 40.00 -20.14 -22.19
C PRO C 2 38.64 -20.71 -22.55
N THR C 3 38.63 -21.80 -23.30
CA THR C 3 37.40 -22.35 -23.90
C THR C 3 36.38 -22.85 -22.86
N GLY C 4 36.83 -23.66 -21.91
CA GLY C 4 35.92 -24.25 -20.93
C GLY C 4 35.94 -25.77 -20.82
N ASP C 5 35.50 -26.26 -19.68
CA ASP C 5 35.41 -27.69 -19.39
C ASP C 5 34.64 -28.48 -20.45
N PRO C 6 35.31 -29.42 -21.13
CA PRO C 6 34.70 -30.20 -22.21
C PRO C 6 33.48 -30.99 -21.74
N ALA C 7 33.42 -31.28 -20.44
CA ALA C 7 32.31 -32.03 -19.87
C ALA C 7 31.02 -31.20 -19.81
N CYS C 8 31.15 -29.89 -20.00
CA CYS C 8 30.03 -28.97 -19.91
C CYS C 8 29.37 -28.64 -21.26
N ARG C 9 29.71 -29.38 -22.32
CA ARG C 9 29.05 -29.14 -23.59
C ARG C 9 27.63 -29.71 -23.60
N ALA C 10 27.37 -30.65 -22.71
CA ALA C 10 26.04 -31.22 -22.60
C ALA C 10 25.10 -30.20 -21.96
N ALA C 11 25.62 -29.40 -21.03
CA ALA C 11 24.81 -28.36 -20.42
C ALA C 11 24.46 -27.31 -21.46
N VAL C 12 25.42 -26.97 -22.32
CA VAL C 12 25.18 -26.03 -23.39
C VAL C 12 24.10 -26.54 -24.34
N ALA C 13 24.18 -27.82 -24.69
CA ALA C 13 23.21 -28.45 -25.59
C ALA C 13 21.82 -28.38 -25.00
N THR C 14 21.73 -28.67 -23.70
CA THR C 14 20.50 -28.56 -22.95
C THR C 14 19.98 -27.12 -22.94
N ALA C 15 20.90 -26.19 -22.67
CA ALA C 15 20.58 -24.77 -22.59
C ALA C 15 19.98 -24.23 -23.87
N GLN C 16 20.55 -24.64 -25.00
CA GLN C 16 20.11 -24.14 -26.30
C GLN C 16 18.87 -24.89 -26.77
N LYS C 17 18.69 -26.10 -26.23
CA LYS C 17 17.57 -26.95 -26.57
C LYS C 17 16.27 -26.39 -25.98
N ILE C 18 16.35 -25.92 -24.74
CA ILE C 18 15.19 -25.41 -24.03
C ILE C 18 15.14 -23.90 -24.16
N ALA C 19 16.11 -23.34 -24.87
CA ALA C 19 16.22 -21.91 -25.09
C ALA C 19 14.92 -21.26 -25.58
N PRO C 20 14.20 -21.89 -26.53
CA PRO C 20 12.93 -21.26 -26.93
C PRO C 20 11.90 -21.19 -25.81
N LEU C 21 12.18 -21.85 -24.69
CA LEU C 21 11.25 -21.87 -23.57
C LEU C 21 11.63 -20.84 -22.52
N ALA C 22 12.66 -20.06 -22.83
CA ALA C 22 13.10 -18.97 -21.97
C ALA C 22 12.34 -17.69 -22.30
N HIS C 23 11.04 -17.72 -22.07
CA HIS C 23 10.18 -16.56 -22.33
C HIS C 23 9.19 -16.31 -21.19
N GLY C 24 8.41 -15.25 -21.32
CA GLY C 24 7.43 -14.90 -20.31
C GLY C 24 8.12 -14.51 -19.02
N GLU C 25 7.78 -15.18 -17.94
CA GLU C 25 8.32 -14.84 -16.63
C GLU C 25 9.83 -15.05 -16.56
N VAL C 26 10.34 -15.97 -17.39
CA VAL C 26 11.75 -16.26 -17.40
C VAL C 26 12.42 -15.82 -18.70
N ALA C 27 11.91 -14.74 -19.28
CA ALA C 27 12.43 -14.25 -20.56
C ALA C 27 13.82 -13.66 -20.39
N ALA C 28 14.13 -13.19 -19.19
CA ALA C 28 15.40 -12.52 -18.93
C ALA C 28 16.51 -13.50 -18.57
N LEU C 29 16.20 -14.80 -18.62
CA LEU C 29 17.18 -15.88 -18.41
C LEU C 29 18.11 -15.98 -19.63
N THR C 30 19.41 -16.06 -19.38
CA THR C 30 20.40 -16.14 -20.46
C THR C 30 20.95 -17.55 -20.64
N MET C 31 20.64 -18.15 -21.79
CA MET C 31 21.03 -19.51 -22.10
C MET C 31 22.54 -19.69 -22.33
N ALA C 32 23.08 -20.76 -21.75
CA ALA C 32 24.51 -21.06 -21.90
C ALA C 32 24.83 -21.36 -23.34
N SER C 33 25.86 -20.69 -23.86
CA SER C 33 26.30 -20.88 -25.23
C SER C 33 27.72 -21.38 -25.29
N ALA C 34 28.37 -21.43 -24.14
CA ALA C 34 29.74 -21.94 -24.04
C ALA C 34 29.87 -22.86 -22.83
N PRO C 35 30.79 -23.85 -22.92
CA PRO C 35 31.00 -24.74 -21.78
C PRO C 35 31.54 -23.96 -20.60
N LEU C 36 30.85 -24.01 -19.45
CA LEU C 36 31.31 -23.30 -18.26
C LEU C 36 31.09 -24.10 -16.99
N LYS C 37 32.18 -24.55 -16.39
CA LYS C 37 32.12 -25.24 -15.12
C LYS C 37 32.05 -24.23 -13.96
N LEU C 38 30.99 -24.31 -13.18
CA LEU C 38 30.84 -23.46 -12.02
C LEU C 38 31.87 -23.79 -10.93
N PRO C 39 32.24 -22.79 -10.13
CA PRO C 39 33.11 -23.03 -8.97
C PRO C 39 32.41 -23.88 -7.92
N ASP C 40 33.19 -24.62 -7.14
CA ASP C 40 32.63 -25.52 -6.16
C ASP C 40 32.19 -24.76 -4.91
N LEU C 41 30.99 -24.17 -4.98
CA LEU C 41 30.48 -23.33 -3.91
C LEU C 41 30.44 -24.03 -2.55
N ALA C 42 30.99 -23.36 -1.54
CA ALA C 42 31.04 -23.89 -0.18
C ALA C 42 30.06 -23.14 0.73
N PHE C 43 29.18 -23.86 1.40
CA PHE C 43 28.23 -23.21 2.28
C PHE C 43 27.82 -24.07 3.48
N GLU C 44 26.86 -23.60 4.25
CA GLU C 44 26.39 -24.36 5.39
C GLU C 44 24.90 -24.65 5.23
N ASP C 45 24.41 -25.69 5.90
CA ASP C 45 22.99 -25.94 5.88
C ASP C 45 22.34 -25.28 7.09
N ALA C 46 21.11 -25.68 7.39
CA ALA C 46 20.35 -25.07 8.46
C ALA C 46 20.98 -25.30 9.83
N ASP C 47 21.63 -26.44 9.97
CA ASP C 47 22.24 -26.84 11.23
C ASP C 47 23.70 -26.42 11.27
N GLY C 48 24.13 -25.69 10.24
CA GLY C 48 25.47 -25.14 10.22
C GLY C 48 26.49 -26.12 9.67
N LYS C 49 26.03 -27.30 9.26
CA LYS C 49 26.92 -28.30 8.71
C LYS C 49 27.50 -27.87 7.37
N PRO C 50 28.78 -28.18 7.14
CA PRO C 50 29.44 -27.78 5.88
C PRO C 50 28.94 -28.57 4.68
N LYS C 51 28.66 -27.85 3.60
CA LYS C 51 28.22 -28.43 2.34
C LYS C 51 29.10 -27.88 1.22
N LYS C 52 29.10 -28.57 0.09
CA LYS C 52 29.73 -28.05 -1.11
C LYS C 52 28.70 -28.21 -2.21
N LEU C 53 28.81 -27.44 -3.28
CA LEU C 53 27.85 -27.58 -4.38
C LEU C 53 27.88 -28.98 -4.97
N SER C 54 29.07 -29.60 -4.98
CA SER C 54 29.22 -30.91 -5.61
C SER C 54 28.47 -32.01 -4.85
N ASP C 55 27.99 -31.69 -3.65
CA ASP C 55 27.16 -32.63 -2.90
C ASP C 55 25.82 -32.82 -3.61
N PHE C 56 25.49 -31.92 -4.51
CA PHE C 56 24.21 -31.95 -5.20
C PHE C 56 24.35 -32.43 -6.64
N ARG C 57 25.47 -33.07 -6.94
CA ARG C 57 25.68 -33.63 -8.27
C ARG C 57 24.66 -34.72 -8.56
N GLY C 58 24.21 -34.80 -9.80
CA GLY C 58 23.23 -35.79 -10.20
C GLY C 58 21.83 -35.21 -10.38
N LYS C 59 21.65 -33.96 -9.96
CA LYS C 59 20.38 -33.28 -10.15
C LYS C 59 20.61 -31.99 -10.92
N THR C 60 19.64 -31.60 -11.73
CA THR C 60 19.65 -30.25 -12.25
C THR C 60 19.29 -29.37 -11.06
N LEU C 61 20.01 -28.26 -10.89
CA LEU C 61 19.77 -27.37 -9.76
C LEU C 61 19.47 -25.96 -10.23
N LEU C 62 18.65 -25.23 -9.49
CA LEU C 62 18.63 -23.78 -9.65
C LEU C 62 19.23 -23.21 -8.39
N VAL C 63 20.46 -22.70 -8.51
CA VAL C 63 21.19 -22.14 -7.37
C VAL C 63 20.93 -20.63 -7.31
N ASN C 64 20.40 -20.19 -6.17
CA ASN C 64 20.05 -18.79 -5.98
C ASN C 64 20.85 -18.14 -4.87
N LEU C 65 21.15 -16.86 -5.06
CA LEU C 65 21.80 -16.08 -4.03
C LEU C 65 20.84 -15.02 -3.50
N TRP C 66 20.60 -15.03 -2.19
CA TRP C 66 19.75 -13.99 -1.62
C TRP C 66 20.29 -13.47 -0.30
N ALA C 67 19.81 -12.30 0.07
CA ALA C 67 20.19 -11.65 1.31
C ALA C 67 19.08 -10.70 1.72
N THR C 68 18.87 -10.54 3.03
CA THR C 68 17.76 -9.73 3.50
C THR C 68 17.88 -8.28 3.09
N TRP C 69 19.10 -7.83 2.79
CA TRP C 69 19.29 -6.43 2.44
C TRP C 69 18.91 -6.15 0.98
N CYS C 70 18.81 -7.19 0.17
CA CYS C 70 18.34 -7.01 -1.20
C CYS C 70 16.86 -7.39 -1.28
N VAL C 71 15.99 -6.38 -1.30
CA VAL C 71 14.54 -6.62 -1.31
C VAL C 71 14.05 -7.49 -2.47
N PRO C 72 14.44 -7.19 -3.72
CA PRO C 72 13.91 -8.07 -4.77
C PRO C 72 14.42 -9.50 -4.71
N SER C 73 15.56 -9.73 -4.07
CA SER C 73 16.11 -11.06 -3.95
C SER C 73 15.15 -11.89 -3.11
N ARG C 74 14.65 -11.29 -2.04
CA ARG C 74 13.77 -12.01 -1.12
C ARG C 74 12.30 -11.92 -1.53
N LYS C 75 11.99 -11.05 -2.49
CA LYS C 75 10.63 -10.94 -3.02
C LYS C 75 10.27 -12.22 -3.77
N GLU C 76 11.27 -12.86 -4.33
CA GLU C 76 11.06 -14.04 -5.14
C GLU C 76 11.20 -15.31 -4.31
N MET C 77 11.39 -15.15 -3.01
CA MET C 77 11.64 -16.30 -2.15
C MET C 77 10.43 -17.24 -1.96
N PRO C 78 9.20 -16.69 -1.81
CA PRO C 78 8.08 -17.62 -1.85
C PRO C 78 7.98 -18.40 -3.17
N ALA C 79 8.22 -17.72 -4.29
CA ALA C 79 8.17 -18.35 -5.59
C ALA C 79 9.18 -19.51 -5.68
N LEU C 80 10.36 -19.31 -5.10
CA LEU C 80 11.38 -20.36 -5.07
C LEU C 80 10.95 -21.54 -4.19
N ASP C 81 10.27 -21.22 -3.09
CA ASP C 81 9.76 -22.25 -2.20
C ASP C 81 8.71 -23.08 -2.89
N GLU C 82 7.85 -22.44 -3.67
CA GLU C 82 6.81 -23.16 -4.39
C GLU C 82 7.36 -24.00 -5.56
N LEU C 83 8.38 -23.47 -6.23
CA LEU C 83 9.09 -24.21 -7.27
C LEU C 83 9.67 -25.48 -6.68
N GLN C 84 10.18 -25.37 -5.45
CA GLN C 84 10.57 -26.55 -4.69
C GLN C 84 9.47 -27.56 -4.60
N GLY C 85 8.40 -27.16 -3.91
CA GLY C 85 7.24 -28.02 -3.72
C GLY C 85 6.62 -28.58 -4.98
N LYS C 86 6.79 -27.89 -6.09
CA LYS C 86 6.25 -28.37 -7.35
C LYS C 86 7.19 -29.28 -8.16
N LEU C 87 8.48 -28.97 -8.21
CA LEU C 87 9.36 -29.75 -9.07
C LEU C 87 10.56 -30.42 -8.40
N SER C 88 10.87 -30.06 -7.15
CA SER C 88 11.97 -30.74 -6.46
C SER C 88 11.69 -32.24 -6.38
N GLY C 89 12.76 -33.02 -6.46
CA GLY C 89 12.67 -34.47 -6.42
C GLY C 89 14.01 -35.04 -6.80
N PRO C 90 14.03 -36.30 -7.26
CA PRO C 90 15.27 -37.03 -7.58
C PRO C 90 16.05 -36.43 -8.73
N ASN C 91 15.43 -35.55 -9.50
CA ASN C 91 16.05 -35.04 -10.71
C ASN C 91 16.28 -33.54 -10.69
N PHE C 92 15.74 -32.88 -9.67
CA PHE C 92 15.83 -31.44 -9.51
C PHE C 92 15.70 -31.01 -8.05
N GLU C 93 16.48 -30.01 -7.65
CA GLU C 93 16.38 -29.42 -6.33
C GLU C 93 16.71 -27.94 -6.39
N VAL C 94 16.05 -27.15 -5.55
CA VAL C 94 16.41 -25.74 -5.39
C VAL C 94 17.45 -25.52 -4.29
N VAL C 95 18.56 -24.90 -4.65
CA VAL C 95 19.59 -24.54 -3.68
C VAL C 95 19.65 -23.02 -3.52
N ALA C 96 18.86 -22.51 -2.59
CA ALA C 96 18.86 -21.09 -2.26
C ALA C 96 19.77 -20.84 -1.07
N ILE C 97 20.77 -19.98 -1.25
CA ILE C 97 21.75 -19.72 -0.21
C ILE C 97 21.68 -18.28 0.25
N ASN C 98 21.49 -18.07 1.55
CA ASN C 98 21.53 -16.71 2.06
C ASN C 98 22.96 -16.26 2.23
N ILE C 99 23.22 -15.00 1.91
CA ILE C 99 24.57 -14.43 2.04
C ILE C 99 24.57 -13.18 2.89
N ASP C 100 23.65 -13.10 3.84
CA ASP C 100 23.75 -12.06 4.86
C ASP C 100 25.05 -12.27 5.61
N THR C 101 25.82 -11.19 5.83
CA THR C 101 27.12 -11.32 6.47
C THR C 101 27.13 -10.80 7.89
N ARG C 102 26.07 -10.07 8.21
CA ARG C 102 25.83 -9.52 9.54
C ARG C 102 24.43 -9.92 9.95
N ASP C 103 24.16 -9.92 11.25
CA ASP C 103 22.85 -10.33 11.75
C ASP C 103 22.37 -11.62 11.07
N PRO C 104 23.09 -12.74 11.30
CA PRO C 104 22.82 -14.00 10.59
C PRO C 104 21.49 -14.62 10.98
N GLU C 105 20.90 -14.11 12.05
CA GLU C 105 19.64 -14.63 12.54
C GLU C 105 18.46 -13.97 11.83
N LYS C 106 18.68 -12.79 11.24
CA LYS C 106 17.63 -12.10 10.50
C LYS C 106 17.15 -12.91 9.29
N PRO C 107 18.10 -13.48 8.51
CA PRO C 107 17.60 -14.25 7.36
C PRO C 107 16.81 -15.52 7.72
N LYS C 108 17.10 -16.18 8.85
CA LYS C 108 16.31 -17.34 9.24
C LYS C 108 14.90 -16.99 9.72
N THR C 109 14.80 -16.00 10.59
CA THR C 109 13.49 -15.57 11.08
C THR C 109 12.63 -15.11 9.91
N PHE C 110 13.27 -14.53 8.90
CA PHE C 110 12.56 -14.13 7.71
C PHE C 110 11.85 -15.30 7.01
N LEU C 111 12.59 -16.38 6.75
CA LEU C 111 12.07 -17.56 6.06
C LEU C 111 11.03 -18.29 6.88
N LYS C 112 11.32 -18.43 8.17
CA LYS C 112 10.43 -19.13 9.08
C LYS C 112 9.06 -18.48 9.18
N GLU C 113 9.05 -17.15 9.33
CA GLU C 113 7.81 -16.42 9.53
C GLU C 113 6.96 -16.33 8.27
N ALA C 114 7.54 -16.68 7.13
CA ALA C 114 6.81 -16.65 5.88
C ALA C 114 6.33 -18.04 5.50
N ASN C 115 6.53 -18.98 6.42
CA ASN C 115 6.18 -20.38 6.19
C ASN C 115 6.81 -20.89 4.91
N LEU C 116 8.09 -20.60 4.73
CA LEU C 116 8.83 -21.10 3.58
C LEU C 116 9.79 -22.16 4.09
N THR C 117 9.38 -23.42 3.95
CA THR C 117 10.10 -24.52 4.61
C THR C 117 10.70 -25.54 3.69
N ARG C 118 10.50 -25.38 2.38
CA ARG C 118 10.90 -26.44 1.46
C ARG C 118 12.31 -26.22 0.95
N LEU C 119 12.85 -25.03 1.21
CA LEU C 119 14.15 -24.61 0.73
C LEU C 119 15.29 -24.91 1.71
N GLY C 120 14.94 -25.43 2.88
CA GLY C 120 15.93 -25.60 3.94
C GLY C 120 16.43 -24.22 4.35
N TYR C 121 17.66 -24.15 4.81
CA TYR C 121 18.29 -22.86 5.01
C TYR C 121 19.78 -22.95 4.72
N PHE C 122 20.13 -22.82 3.45
CA PHE C 122 21.54 -22.77 3.08
C PHE C 122 22.05 -21.36 3.34
N ASN C 123 23.29 -21.26 3.81
CA ASN C 123 23.84 -19.95 4.12
C ASN C 123 25.35 -19.90 3.99
N ASP C 124 25.84 -18.69 3.76
CA ASP C 124 27.26 -18.41 3.74
C ASP C 124 27.56 -17.01 4.29
N GLN C 125 27.94 -16.95 5.57
CA GLN C 125 28.21 -15.68 6.24
C GLN C 125 29.51 -15.03 5.75
N LYS C 126 30.31 -15.78 5.00
CA LYS C 126 31.49 -15.25 4.33
C LYS C 126 31.20 -14.53 3.02
N ALA C 127 30.06 -14.81 2.42
CA ALA C 127 29.70 -14.30 1.11
C ALA C 127 30.74 -14.69 0.04
N LYS C 128 31.43 -15.80 0.28
CA LYS C 128 32.43 -16.31 -0.67
C LYS C 128 31.78 -16.83 -1.95
N VAL C 129 30.57 -17.38 -1.81
CA VAL C 129 29.82 -17.87 -2.95
C VAL C 129 29.46 -16.72 -3.90
N PHE C 130 29.24 -15.54 -3.34
CA PHE C 130 29.01 -14.38 -4.17
C PHE C 130 30.27 -13.99 -4.93
N GLN C 131 31.41 -14.02 -4.26
CA GLN C 131 32.70 -13.72 -4.89
C GLN C 131 33.00 -14.67 -6.05
N ASP C 132 32.79 -15.96 -5.79
CA ASP C 132 33.09 -17.02 -6.76
C ASP C 132 32.31 -16.89 -8.05
N LEU C 133 31.01 -16.63 -7.92
CA LEU C 133 30.16 -16.48 -9.08
C LEU C 133 30.42 -15.15 -9.79
N LYS C 134 30.74 -14.11 -9.03
CA LYS C 134 31.06 -12.82 -9.61
C LYS C 134 32.31 -12.93 -10.47
N ALA C 135 33.28 -13.70 -10.01
CA ALA C 135 34.56 -13.83 -10.70
C ALA C 135 34.41 -14.42 -12.11
N ILE C 136 33.36 -15.21 -12.32
CA ILE C 136 33.10 -15.80 -13.63
C ILE C 136 31.94 -15.07 -14.30
N GLY C 137 31.66 -13.86 -13.81
CA GLY C 137 30.63 -13.01 -14.39
C GLY C 137 29.20 -13.45 -14.13
N ARG C 138 28.97 -14.15 -13.02
CA ARG C 138 27.66 -14.72 -12.72
C ARG C 138 27.03 -14.16 -11.45
N ALA C 139 27.46 -12.97 -11.06
CA ALA C 139 26.81 -12.25 -9.96
C ALA C 139 26.81 -10.77 -10.32
N LEU C 140 26.16 -10.46 -11.43
CA LEU C 140 26.16 -9.11 -12.00
C LEU C 140 25.21 -8.20 -11.23
N GLY C 141 24.38 -8.81 -10.39
CA GLY C 141 23.47 -8.09 -9.54
C GLY C 141 22.90 -9.05 -8.53
N MET C 142 22.03 -8.54 -7.66
CA MET C 142 21.27 -9.38 -6.73
C MET C 142 19.79 -9.18 -7.01
N PRO C 143 19.01 -10.28 -6.97
CA PRO C 143 19.53 -11.63 -6.77
C PRO C 143 20.22 -12.15 -8.01
N THR C 144 20.91 -13.26 -7.87
CA THR C 144 21.46 -13.94 -9.03
C THR C 144 21.16 -15.41 -8.86
N SER C 145 20.79 -16.05 -9.95
CA SER C 145 20.44 -17.47 -9.94
C SER C 145 21.04 -18.20 -11.13
N VAL C 146 21.59 -19.38 -10.85
CA VAL C 146 22.24 -20.17 -11.88
C VAL C 146 21.59 -21.52 -12.04
N LEU C 147 21.26 -21.86 -13.27
CA LEU C 147 20.73 -23.17 -13.63
C LEU C 147 21.90 -24.09 -13.94
N VAL C 148 21.96 -25.21 -13.22
CA VAL C 148 23.13 -26.06 -13.20
C VAL C 148 22.80 -27.45 -13.74
N ASP C 149 23.67 -28.03 -14.56
CA ASP C 149 23.40 -29.35 -15.10
C ASP C 149 23.86 -30.39 -14.07
N PRO C 150 23.56 -31.69 -14.28
CA PRO C 150 23.91 -32.67 -13.23
C PRO C 150 25.39 -32.83 -12.91
N GLN C 151 26.28 -32.20 -13.67
CA GLN C 151 27.71 -32.32 -13.39
C GLN C 151 28.32 -30.99 -12.94
N GLY C 152 27.46 -30.00 -12.69
CA GLY C 152 27.89 -28.70 -12.20
C GLY C 152 28.18 -27.63 -13.23
N CYS C 153 27.68 -27.82 -14.45
CA CYS C 153 27.97 -26.92 -15.56
C CYS C 153 26.81 -25.95 -15.82
N GLU C 154 27.13 -24.75 -16.29
CA GLU C 154 26.10 -23.73 -16.49
C GLU C 154 25.13 -24.08 -17.61
N ILE C 155 23.83 -23.96 -17.30
CA ILE C 155 22.80 -24.01 -18.32
C ILE C 155 22.26 -22.61 -18.60
N ALA C 156 22.07 -21.81 -17.55
CA ALA C 156 21.58 -20.44 -17.72
C ALA C 156 21.86 -19.59 -16.50
N THR C 157 21.70 -18.27 -16.65
CA THR C 157 21.84 -17.32 -15.53
C THR C 157 20.88 -16.15 -15.73
N ILE C 158 20.32 -15.67 -14.62
CA ILE C 158 19.47 -14.50 -14.67
C ILE C 158 19.89 -13.55 -13.57
N ALA C 159 20.06 -12.29 -13.95
CA ALA C 159 20.31 -11.23 -12.98
C ALA C 159 18.99 -10.56 -12.65
N GLY C 160 18.54 -10.72 -11.41
CA GLY C 160 17.26 -10.20 -10.98
C GLY C 160 16.31 -11.31 -10.59
N PRO C 161 15.13 -10.93 -10.05
CA PRO C 161 14.06 -11.84 -9.66
C PRO C 161 13.25 -12.36 -10.84
N ALA C 162 12.42 -13.36 -10.58
CA ALA C 162 11.51 -13.91 -11.56
C ALA C 162 10.43 -14.70 -10.83
N GLU C 163 9.28 -14.86 -11.45
CA GLU C 163 8.29 -15.75 -10.88
C GLU C 163 8.66 -17.19 -11.25
N TRP C 164 9.44 -17.81 -10.37
CA TRP C 164 9.96 -19.16 -10.60
C TRP C 164 8.93 -20.26 -10.39
N ALA C 165 7.77 -19.91 -9.84
CA ALA C 165 6.72 -20.91 -9.64
C ALA C 165 5.66 -20.78 -10.74
N SER C 166 5.85 -19.79 -11.62
CA SER C 166 4.93 -19.54 -12.72
C SER C 166 4.93 -20.69 -13.71
N GLU C 167 3.91 -20.72 -14.56
CA GLU C 167 3.78 -21.78 -15.55
C GLU C 167 4.91 -21.70 -16.58
N ASP C 168 5.43 -20.50 -16.83
CA ASP C 168 6.58 -20.33 -17.73
C ASP C 168 7.85 -20.96 -17.19
N ALA C 169 8.05 -20.83 -15.88
CA ALA C 169 9.24 -21.37 -15.23
C ALA C 169 9.18 -22.88 -15.13
N LEU C 170 8.01 -23.41 -14.76
CA LEU C 170 7.82 -24.86 -14.59
C LEU C 170 8.11 -25.62 -15.86
N LYS C 171 7.57 -25.15 -16.97
CA LYS C 171 7.80 -25.73 -18.28
C LYS C 171 9.29 -25.70 -18.62
N LEU C 172 9.95 -24.61 -18.25
CA LEU C 172 11.38 -24.46 -18.49
C LEU C 172 12.20 -25.40 -17.63
N ILE C 173 11.83 -25.47 -16.36
CA ILE C 173 12.50 -26.35 -15.42
C ILE C 173 12.30 -27.82 -15.76
N ARG C 174 11.07 -28.21 -16.09
CA ARG C 174 10.80 -29.60 -16.45
C ARG C 174 11.56 -30.01 -17.71
N ALA C 175 11.71 -29.08 -18.64
CA ALA C 175 12.41 -29.33 -19.89
C ALA C 175 13.92 -29.45 -19.69
N ALA C 176 14.46 -28.67 -18.76
CA ALA C 176 15.89 -28.76 -18.48
C ALA C 176 16.21 -30.10 -17.83
N THR C 177 15.24 -30.60 -17.10
CA THR C 177 15.36 -31.79 -16.26
C THR C 177 15.01 -33.06 -17.02
N GLY C 178 15.91 -34.04 -16.96
CA GLY C 178 15.69 -35.30 -17.67
C GLY C 178 16.87 -36.23 -17.54
N ALA D 18 38.64 22.18 -13.43
CA ALA D 18 38.27 20.96 -14.14
C ALA D 18 39.15 19.79 -13.71
N ALA D 19 38.91 19.29 -12.50
CA ALA D 19 39.68 18.21 -11.92
C ALA D 19 38.78 17.32 -11.07
N ILE D 20 39.07 16.02 -11.04
CA ILE D 20 38.20 15.07 -10.38
C ILE D 20 38.16 15.31 -8.89
N GLY D 21 36.95 15.51 -8.36
CA GLY D 21 36.75 15.80 -6.97
C GLY D 21 36.35 17.25 -6.83
N GLY D 22 35.76 17.60 -5.69
CA GLY D 22 35.36 18.96 -5.45
C GLY D 22 34.74 19.16 -4.09
N PRO D 23 34.45 20.42 -3.74
CA PRO D 23 33.84 20.76 -2.45
C PRO D 23 32.41 20.27 -2.36
N PHE D 24 31.98 19.89 -1.16
CA PHE D 24 30.58 19.63 -0.90
C PHE D 24 30.34 19.69 0.60
N GLN D 25 29.09 19.96 0.95
CA GLN D 25 28.60 19.86 2.31
C GLN D 25 27.37 18.97 2.29
N LEU D 26 27.50 17.75 2.82
CA LEU D 26 26.37 16.84 2.87
C LEU D 26 26.14 16.35 4.30
N THR D 27 25.22 15.40 4.43
CA THR D 27 24.77 14.92 5.73
C THR D 27 24.81 13.41 5.73
N ASP D 28 25.42 12.79 6.75
CA ASP D 28 25.52 11.33 6.70
C ASP D 28 24.25 10.72 7.25
N GLN D 29 24.24 9.40 7.37
CA GLN D 29 23.02 8.72 7.78
C GLN D 29 22.60 9.07 9.22
N ASN D 30 23.47 9.74 9.97
CA ASN D 30 23.20 10.09 11.36
C ASN D 30 22.88 11.57 11.61
N GLY D 31 22.66 12.34 10.54
CA GLY D 31 22.38 13.75 10.68
C GLY D 31 23.64 14.56 10.86
N LYS D 32 24.78 13.90 10.71
CA LYS D 32 26.08 14.54 10.86
C LYS D 32 26.49 15.22 9.57
N ALA D 33 27.08 16.40 9.70
CA ALA D 33 27.60 17.09 8.54
C ALA D 33 28.84 16.36 8.03
N VAL D 34 28.85 16.00 6.75
CA VAL D 34 30.02 15.41 6.15
C VAL D 34 30.39 16.24 4.94
N THR D 35 31.63 16.69 4.91
CA THR D 35 32.11 17.56 3.85
C THR D 35 33.38 16.99 3.26
N ASP D 36 33.85 17.58 2.17
CA ASP D 36 35.07 17.14 1.54
C ASP D 36 36.29 17.46 2.40
N LYS D 37 36.18 18.52 3.22
CA LYS D 37 37.29 18.92 4.05
C LYS D 37 37.42 18.02 5.28
N SER D 38 36.29 17.56 5.80
CA SER D 38 36.29 16.72 7.00
C SER D 38 36.77 15.32 6.70
N LEU D 39 36.73 14.94 5.42
CA LEU D 39 37.17 13.62 4.96
C LEU D 39 38.66 13.59 4.64
N LYS D 40 39.31 14.75 4.72
CA LYS D 40 40.76 14.82 4.51
C LYS D 40 41.55 14.29 5.70
N GLY D 41 42.76 13.83 5.45
CA GLY D 41 43.58 13.28 6.52
C GLY D 41 43.59 11.76 6.46
N LYS D 42 42.68 11.18 5.67
CA LYS D 42 42.58 9.74 5.49
C LYS D 42 42.46 9.34 4.03
N PRO D 43 42.94 8.14 3.69
CA PRO D 43 42.57 7.56 2.39
C PRO D 43 41.06 7.45 2.33
N THR D 44 40.44 7.85 1.22
CA THR D 44 38.99 7.95 1.16
C THR D 44 38.44 7.31 -0.11
N LEU D 45 37.52 6.36 0.07
CA LEU D 45 36.81 5.75 -1.05
C LEU D 45 35.51 6.48 -1.29
N ILE D 46 35.34 7.03 -2.49
CA ILE D 46 34.11 7.74 -2.86
C ILE D 46 33.35 7.00 -3.93
N PHE D 47 32.07 6.75 -3.70
CA PHE D 47 31.24 6.14 -4.72
C PHE D 47 29.78 6.50 -4.54
N PHE D 48 28.98 6.17 -5.54
CA PHE D 48 27.65 6.74 -5.70
C PHE D 48 26.59 5.66 -5.84
N GLY D 49 25.38 5.96 -5.39
CA GLY D 49 24.26 5.03 -5.44
C GLY D 49 23.00 5.65 -4.86
N TYR D 50 21.98 4.83 -4.66
CA TYR D 50 20.68 5.30 -4.16
C TYR D 50 20.10 4.36 -3.08
N THR D 51 19.14 4.84 -2.29
CA THR D 51 18.56 4.01 -1.21
C THR D 51 17.29 3.29 -1.61
N HIS D 52 16.95 3.35 -2.90
CA HIS D 52 15.71 2.77 -3.39
C HIS D 52 15.95 1.38 -3.99
N SER D 53 15.12 0.43 -3.61
CA SER D 53 15.20 -0.94 -4.14
C SER D 53 14.64 -1.04 -5.54
N PRO D 54 15.45 -1.49 -6.51
CA PRO D 54 14.97 -1.57 -7.88
C PRO D 54 14.47 -2.96 -8.24
N ASP D 55 14.77 -3.41 -9.46
CA ASP D 55 14.51 -4.78 -9.84
C ASP D 55 15.74 -5.61 -9.51
N VAL D 56 16.92 -5.03 -9.71
CA VAL D 56 18.15 -5.73 -9.36
C VAL D 56 19.08 -4.82 -8.56
N CYS D 57 19.36 -5.24 -7.33
CA CYS D 57 20.26 -4.48 -6.48
C CYS D 57 21.65 -4.42 -7.10
N PRO D 58 22.21 -3.20 -7.20
CA PRO D 58 23.63 -3.10 -7.53
C PRO D 58 24.43 -3.57 -6.32
N THR D 59 25.63 -4.11 -6.53
CA THR D 59 26.35 -4.78 -5.44
C THR D 59 27.60 -4.07 -4.93
N SER D 60 27.97 -2.95 -5.56
CA SER D 60 29.18 -2.23 -5.16
C SER D 60 29.16 -1.92 -3.66
N LEU D 61 28.01 -1.49 -3.13
CA LEU D 61 27.93 -1.16 -1.71
C LEU D 61 28.23 -2.39 -0.85
N PHE D 62 27.66 -3.54 -1.22
CA PHE D 62 27.96 -4.79 -0.51
C PHE D 62 29.44 -5.18 -0.60
N GLU D 63 30.02 -5.02 -1.78
CA GLU D 63 31.44 -5.32 -2.01
C GLU D 63 32.38 -4.41 -1.24
N ILE D 64 32.06 -3.13 -1.22
CA ILE D 64 32.82 -2.17 -0.44
C ILE D 64 32.73 -2.51 1.04
N SER D 65 31.54 -2.91 1.46
CA SER D 65 31.30 -3.31 2.84
C SER D 65 32.20 -4.47 3.22
N GLU D 66 32.35 -5.41 2.28
CA GLU D 66 33.15 -6.62 2.50
C GLU D 66 34.64 -6.32 2.52
N VAL D 67 35.06 -5.28 1.82
CA VAL D 67 36.44 -4.82 1.89
C VAL D 67 36.75 -4.33 3.30
N LEU D 68 35.91 -3.46 3.83
CA LEU D 68 36.05 -2.96 5.20
C LEU D 68 36.07 -4.08 6.23
N ARG D 69 35.21 -5.05 6.02
CA ARG D 69 35.12 -6.20 6.90
C ARG D 69 36.43 -6.99 6.83
N ALA D 70 36.98 -7.15 5.62
CA ALA D 70 38.24 -7.87 5.42
C ALA D 70 39.46 -7.13 6.00
N MET D 71 39.36 -5.81 6.13
CA MET D 71 40.45 -4.98 6.66
C MET D 71 40.56 -5.07 8.17
N GLY D 72 39.52 -5.59 8.82
CA GLY D 72 39.54 -5.76 10.26
C GLY D 72 39.62 -4.41 10.93
N LYS D 73 40.63 -4.23 11.77
CA LYS D 73 40.80 -2.99 12.50
C LYS D 73 41.40 -1.91 11.59
N ASP D 74 41.89 -2.31 10.42
CA ASP D 74 42.43 -1.33 9.50
C ASP D 74 41.31 -0.57 8.80
N ALA D 75 40.08 -1.02 8.99
CA ALA D 75 38.91 -0.34 8.44
C ALA D 75 38.72 1.03 9.08
N ASP D 76 39.24 1.18 10.29
CA ASP D 76 39.16 2.44 11.02
C ASP D 76 39.89 3.56 10.31
N LYS D 77 40.91 3.17 9.57
CA LYS D 77 41.94 4.08 9.08
C LYS D 77 41.64 4.67 7.70
N VAL D 78 40.45 4.39 7.20
CA VAL D 78 39.99 4.87 5.89
C VAL D 78 38.56 5.39 5.98
N ASN D 79 38.19 6.24 5.01
CA ASN D 79 36.82 6.67 4.83
C ASN D 79 36.21 5.87 3.70
N ALA D 80 34.97 5.41 3.91
CA ALA D 80 34.21 4.68 2.90
C ALA D 80 32.90 5.40 2.68
N ILE D 81 32.77 6.06 1.54
CA ILE D 81 31.68 7.02 1.34
C ILE D 81 30.68 6.66 0.26
N PHE D 82 29.44 6.41 0.67
CA PHE D 82 28.36 6.12 -0.26
C PHE D 82 27.52 7.38 -0.47
N ILE D 83 27.50 7.90 -1.69
CA ILE D 83 26.84 9.18 -1.99
C ILE D 83 25.58 9.05 -2.83
N SER D 84 24.53 9.76 -2.38
CA SER D 84 23.22 9.81 -3.02
C SER D 84 23.18 10.36 -4.45
N VAL D 85 22.54 9.61 -5.36
CA VAL D 85 22.23 10.13 -6.69
C VAL D 85 20.72 10.25 -6.86
N ASP D 86 19.98 9.98 -5.79
CA ASP D 86 18.53 9.99 -5.82
C ASP D 86 18.01 10.89 -4.71
N PRO D 87 18.33 12.21 -4.77
CA PRO D 87 18.06 13.11 -3.65
C PRO D 87 16.57 13.24 -3.29
N GLU D 88 15.70 12.93 -4.25
CA GLU D 88 14.28 13.04 -4.01
C GLU D 88 13.81 11.87 -3.16
N ARG D 89 14.61 10.80 -3.15
CA ARG D 89 14.30 9.59 -2.42
C ARG D 89 15.33 9.23 -1.37
N ASP D 90 16.52 9.82 -1.45
CA ASP D 90 17.57 9.51 -0.49
C ASP D 90 17.55 10.55 0.61
N THR D 91 17.37 10.10 1.85
CA THR D 91 17.41 10.98 3.02
C THR D 91 18.28 10.32 4.08
N PRO D 92 18.66 11.07 5.13
CA PRO D 92 19.40 10.44 6.22
C PRO D 92 18.67 9.23 6.84
N ALA D 93 17.35 9.32 6.97
CA ALA D 93 16.58 8.23 7.55
C ALA D 93 16.66 6.93 6.73
N THR D 94 16.57 7.03 5.41
CA THR D 94 16.60 5.87 4.53
C THR D 94 18.01 5.33 4.38
N MET D 95 18.97 6.25 4.32
CA MET D 95 20.40 5.92 4.30
C MET D 95 20.75 5.15 5.55
N LYS D 96 20.26 5.60 6.70
CA LYS D 96 20.51 4.88 7.93
C LYS D 96 19.92 3.48 7.80
N ASN D 97 18.71 3.39 7.27
CA ASN D 97 18.06 2.10 7.09
C ASN D 97 18.78 1.20 6.11
N TYR D 98 19.18 1.73 4.97
CA TYR D 98 19.78 0.87 3.97
C TYR D 98 21.18 0.41 4.38
N LEU D 99 21.92 1.29 5.04
CA LEU D 99 23.29 0.97 5.44
C LEU D 99 23.36 0.06 6.66
N SER D 100 22.23 -0.11 7.34
CA SER D 100 22.21 -0.88 8.58
C SER D 100 22.48 -2.39 8.41
N SER D 101 22.55 -2.88 7.18
CA SER D 101 22.82 -4.30 6.93
C SER D 101 24.28 -4.53 6.58
N PHE D 102 25.06 -3.46 6.58
CA PHE D 102 26.44 -3.50 6.10
C PHE D 102 27.40 -3.00 7.18
N ASP D 103 28.69 -3.00 6.87
CA ASP D 103 29.72 -2.63 7.82
C ASP D 103 29.49 -1.22 8.34
N PRO D 104 29.62 -1.04 9.66
CA PRO D 104 29.24 0.24 10.29
C PRO D 104 30.18 1.40 9.98
N HIS D 105 31.30 1.12 9.32
CA HIS D 105 32.23 2.16 8.94
C HIS D 105 31.76 2.96 7.74
N LEU D 106 30.85 2.36 6.99
CA LEU D 106 30.35 2.99 5.78
C LEU D 106 29.66 4.30 6.10
N GLU D 107 29.78 5.22 5.17
CA GLU D 107 29.10 6.50 5.29
C GLU D 107 28.14 6.66 4.12
N GLY D 108 26.89 7.00 4.41
CA GLY D 108 25.92 7.29 3.37
C GLY D 108 25.51 8.75 3.35
N LEU D 109 25.80 9.45 2.26
CA LEU D 109 25.56 10.90 2.22
C LEU D 109 24.35 11.29 1.40
N SER D 110 23.61 12.25 1.94
CA SER D 110 22.44 12.86 1.29
C SER D 110 22.65 14.36 1.32
N GLY D 111 21.78 15.10 0.64
CA GLY D 111 21.87 16.56 0.65
C GLY D 111 20.81 17.17 -0.24
N ASP D 112 20.67 18.49 -0.21
CA ASP D 112 19.68 19.16 -1.05
C ASP D 112 20.06 18.98 -2.52
N PRO D 113 19.05 18.95 -3.42
CA PRO D 113 19.23 18.73 -4.86
C PRO D 113 20.40 19.47 -5.51
N ALA D 114 20.65 20.71 -5.08
CA ALA D 114 21.69 21.51 -5.69
C ALA D 114 23.10 21.05 -5.31
N GLU D 115 23.27 20.55 -4.11
CA GLU D 115 24.61 20.17 -3.66
C GLU D 115 24.97 18.81 -4.24
N ILE D 116 23.98 17.94 -4.41
CA ILE D 116 24.17 16.65 -5.04
C ILE D 116 24.50 16.85 -6.52
N ALA D 117 23.86 17.83 -7.14
CA ALA D 117 24.11 18.13 -8.54
C ALA D 117 25.56 18.53 -8.76
N LYS D 118 26.12 19.27 -7.83
CA LYS D 118 27.51 19.72 -7.94
C LYS D 118 28.52 18.60 -7.68
N VAL D 119 28.23 17.69 -6.77
CA VAL D 119 29.16 16.59 -6.50
C VAL D 119 29.14 15.65 -7.71
N ILE D 120 28.00 15.54 -8.38
CA ILE D 120 27.89 14.78 -9.62
C ILE D 120 28.71 15.44 -10.73
N THR D 121 28.66 16.76 -10.78
CA THR D 121 29.46 17.54 -11.71
C THR D 121 30.94 17.37 -11.40
N SER D 122 31.29 17.56 -10.13
CA SER D 122 32.68 17.52 -9.68
C SER D 122 33.34 16.15 -9.88
N TYR D 123 32.54 15.09 -9.83
CA TYR D 123 33.06 13.73 -9.98
C TYR D 123 32.73 13.16 -11.35
N ARG D 124 32.11 13.99 -12.18
CA ARG D 124 31.70 13.59 -13.53
C ARG D 124 30.91 12.27 -13.51
N VAL D 125 29.86 12.25 -12.70
CA VAL D 125 29.01 11.08 -12.52
C VAL D 125 27.87 10.96 -13.52
N TYR D 126 27.80 9.81 -14.19
CA TYR D 126 26.64 9.46 -14.98
C TYR D 126 25.54 9.07 -14.01
N ALA D 127 24.37 9.67 -14.18
CA ALA D 127 23.20 9.32 -13.37
C ALA D 127 21.96 9.59 -14.19
N LYS D 128 21.24 8.54 -14.57
CA LYS D 128 20.05 8.72 -15.40
C LYS D 128 18.86 7.88 -14.91
N LYS D 129 17.68 8.49 -14.88
CA LYS D 129 16.46 7.82 -14.43
C LYS D 129 16.00 6.76 -15.42
N VAL D 130 15.85 5.54 -14.92
CA VAL D 130 15.49 4.40 -15.77
C VAL D 130 14.21 3.74 -15.27
N PRO D 131 13.26 3.51 -16.19
CA PRO D 131 11.95 2.91 -15.85
C PRO D 131 12.04 1.60 -15.07
N THR D 132 11.13 1.45 -14.12
CA THR D 132 11.01 0.22 -13.35
C THR D 132 9.57 -0.26 -13.48
N LYS D 133 9.36 -1.57 -13.38
CA LYS D 133 8.01 -2.09 -13.30
C LYS D 133 7.66 -2.36 -11.83
N ASP D 134 6.55 -1.77 -11.38
CA ASP D 134 5.75 -0.89 -12.23
C ASP D 134 5.41 0.42 -11.53
N GLY D 135 6.00 1.52 -12.01
CA GLY D 135 5.67 2.83 -11.48
C GLY D 135 6.85 3.64 -10.96
N ASP D 136 7.90 2.97 -10.50
CA ASP D 136 9.06 3.69 -9.97
C ASP D 136 10.22 3.69 -10.97
N TYR D 137 11.40 4.07 -10.49
CA TYR D 137 12.56 4.24 -11.35
C TYR D 137 13.85 3.83 -10.66
N THR D 138 14.92 3.72 -11.44
CA THR D 138 16.25 3.64 -10.89
C THR D 138 17.08 4.76 -11.48
N MET D 139 18.00 5.31 -10.69
CA MET D 139 18.95 6.26 -11.22
C MET D 139 20.19 5.49 -11.62
N ASP D 140 20.18 4.92 -12.83
CA ASP D 140 21.34 4.25 -13.41
C ASP D 140 22.57 5.15 -13.33
N HIS D 141 23.66 4.61 -12.78
CA HIS D 141 24.81 5.45 -12.45
C HIS D 141 26.18 4.81 -12.65
N THR D 142 27.20 5.66 -12.70
CA THR D 142 28.60 5.26 -12.70
C THR D 142 28.92 4.41 -11.48
N ALA D 143 29.32 3.16 -11.70
CA ALA D 143 29.59 2.24 -10.59
C ALA D 143 31.07 2.28 -10.16
N LEU D 144 31.83 3.18 -10.76
CA LEU D 144 33.27 3.28 -10.50
C LEU D 144 33.52 3.70 -9.05
N ILE D 145 34.54 3.12 -8.44
CA ILE D 145 34.94 3.54 -7.10
C ILE D 145 36.10 4.51 -7.19
N TYR D 146 35.95 5.68 -6.57
CA TYR D 146 37.01 6.68 -6.58
C TYR D 146 37.81 6.60 -5.31
N LEU D 147 39.12 6.42 -5.44
CA LEU D 147 40.03 6.52 -4.32
C LEU D 147 40.55 7.95 -4.30
N MET D 148 40.34 8.66 -3.21
CA MET D 148 40.90 10.00 -3.04
C MET D 148 41.90 9.99 -1.87
N ASP D 149 42.97 10.79 -1.96
CA ASP D 149 43.98 10.71 -0.92
C ASP D 149 43.74 11.65 0.26
N ARG D 150 44.77 11.82 1.09
CA ARG D 150 44.68 12.59 2.31
C ARG D 150 44.57 14.08 2.03
N ASP D 151 44.92 14.49 0.80
CA ASP D 151 44.85 15.90 0.41
C ASP D 151 43.57 16.14 -0.37
N GLY D 152 42.74 15.11 -0.49
CA GLY D 152 41.48 15.19 -1.21
C GLY D 152 41.65 15.17 -2.72
N ARG D 153 42.81 14.73 -3.17
CA ARG D 153 43.13 14.63 -4.59
C ARG D 153 42.92 13.19 -5.10
N PHE D 154 42.39 13.09 -6.32
CA PHE D 154 42.06 11.82 -6.92
C PHE D 154 43.31 10.97 -7.12
N VAL D 155 43.29 9.74 -6.61
CA VAL D 155 44.41 8.82 -6.83
C VAL D 155 44.15 7.92 -8.03
N SER D 156 43.08 7.13 -7.98
CA SER D 156 42.76 6.18 -9.04
C SER D 156 41.38 5.55 -8.85
N PRO D 157 40.89 4.84 -9.87
CA PRO D 157 39.75 3.96 -9.57
C PRO D 157 40.18 2.91 -8.53
N PHE D 158 39.25 2.42 -7.73
CA PHE D 158 39.57 1.37 -6.78
C PHE D 158 39.08 0.01 -7.28
N ASN D 159 40.00 -0.92 -7.49
CA ASN D 159 39.66 -2.20 -8.11
C ASN D 159 38.91 -3.11 -7.15
N LEU D 160 37.73 -3.56 -7.58
CA LEU D 160 36.86 -4.43 -6.78
C LEU D 160 36.76 -5.86 -7.35
N LYS D 161 37.41 -6.08 -8.49
CA LYS D 161 37.40 -7.38 -9.16
C LYS D 161 38.46 -8.30 -8.57
N ARG D 162 38.28 -8.61 -7.30
CA ARG D 162 39.23 -9.38 -6.53
C ARG D 162 38.58 -9.72 -5.18
N THR D 163 39.21 -10.55 -4.36
CA THR D 163 38.62 -10.86 -3.06
C THR D 163 38.62 -9.62 -2.20
N PRO D 164 37.69 -9.53 -1.25
CA PRO D 164 37.71 -8.38 -0.34
C PRO D 164 39.02 -8.29 0.42
N GLU D 165 39.69 -9.43 0.57
CA GLU D 165 41.01 -9.49 1.19
C GLU D 165 42.07 -8.86 0.29
N GLU D 166 41.94 -9.10 -1.01
CA GLU D 166 42.88 -8.54 -1.97
C GLU D 166 42.73 -7.03 -2.07
N ALA D 167 41.51 -6.54 -2.03
CA ALA D 167 41.28 -5.09 -1.97
C ALA D 167 41.78 -4.55 -0.64
N ALA D 168 41.57 -5.30 0.44
CA ALA D 168 42.01 -4.85 1.76
C ALA D 168 43.52 -4.64 1.83
N ALA D 169 44.28 -5.63 1.37
CA ALA D 169 45.72 -5.56 1.38
C ALA D 169 46.24 -4.40 0.56
N ASP D 170 45.55 -4.12 -0.55
CA ASP D 170 45.87 -3.05 -1.47
C ASP D 170 45.66 -1.70 -0.79
N LEU D 171 44.57 -1.57 -0.05
CA LEU D 171 44.27 -0.32 0.61
C LEU D 171 45.20 -0.12 1.83
N LYS D 172 45.71 -1.23 2.38
CA LYS D 172 46.61 -1.18 3.55
C LYS D 172 48.00 -0.65 3.23
N ARG D 173 48.33 -0.55 1.93
CA ARG D 173 49.60 0.01 1.52
C ARG D 173 49.60 1.51 1.76
N TYR D 174 48.39 2.06 1.77
CA TYR D 174 48.16 3.49 1.89
C TYR D 174 48.04 3.95 3.34
N LEU D 175 48.07 3.01 4.27
CA LEU D 175 47.83 3.38 5.66
C LEU D 175 49.05 4.07 6.22
N PRO E 2 -4.69 -0.26 -7.70
CA PRO E 2 -5.01 0.46 -8.94
C PRO E 2 -5.07 -0.42 -10.20
N THR E 3 -4.04 -1.23 -10.46
CA THR E 3 -3.86 -1.96 -11.72
C THR E 3 -3.95 -0.93 -12.84
N GLY E 4 -2.87 -0.18 -12.99
CA GLY E 4 -2.82 0.95 -13.90
C GLY E 4 -1.55 1.71 -13.63
N ASP E 5 -0.78 1.98 -14.68
CA ASP E 5 0.51 2.66 -14.57
C ASP E 5 0.46 3.96 -13.77
N PRO E 6 1.16 3.98 -12.62
CA PRO E 6 1.22 5.12 -11.69
C PRO E 6 1.77 6.37 -12.36
N ALA E 7 2.52 6.18 -13.44
CA ALA E 7 3.13 7.28 -14.18
C ALA E 7 2.08 8.08 -14.94
N CYS E 8 0.90 7.50 -15.10
CA CYS E 8 -0.15 8.15 -15.89
C CYS E 8 -1.13 8.91 -14.99
N ARG E 9 -0.77 9.03 -13.71
CA ARG E 9 -1.57 9.76 -12.76
C ARG E 9 -1.35 11.25 -12.99
N ALA E 10 -0.22 11.58 -13.62
CA ALA E 10 0.10 12.96 -13.92
C ALA E 10 -0.83 13.45 -15.02
N ALA E 11 -1.15 12.57 -15.95
CA ALA E 11 -2.12 12.86 -16.99
C ALA E 11 -3.49 13.04 -16.36
N VAL E 12 -3.80 12.22 -15.36
CA VAL E 12 -5.04 12.35 -14.62
C VAL E 12 -5.07 13.71 -13.93
N ALA E 13 -3.95 14.06 -13.30
CA ALA E 13 -3.79 15.35 -12.65
C ALA E 13 -3.92 16.44 -13.70
N THR E 14 -3.30 16.20 -14.85
CA THR E 14 -3.41 17.09 -15.98
C THR E 14 -4.86 17.18 -16.44
N ALA E 15 -5.51 16.03 -16.56
CA ALA E 15 -6.90 15.96 -17.02
C ALA E 15 -7.88 16.72 -16.12
N GLN E 16 -7.70 16.58 -14.82
CA GLN E 16 -8.60 17.21 -13.85
C GLN E 16 -8.27 18.70 -13.67
N LYS E 17 -7.05 19.07 -14.01
CA LYS E 17 -6.62 20.46 -13.91
C LYS E 17 -7.34 21.27 -14.99
N ILE E 18 -7.46 20.66 -16.17
CA ILE E 18 -8.05 21.33 -17.33
C ILE E 18 -9.53 20.97 -17.52
N ALA E 19 -10.06 20.16 -16.61
CA ALA E 19 -11.46 19.72 -16.66
C ALA E 19 -12.50 20.84 -16.84
N PRO E 20 -12.35 21.99 -16.14
CA PRO E 20 -13.36 23.04 -16.38
C PRO E 20 -13.40 23.61 -17.80
N LEU E 21 -12.41 23.27 -18.63
CA LEU E 21 -12.34 23.79 -20.00
C LEU E 21 -12.92 22.77 -21.00
N ALA E 22 -13.42 21.65 -20.48
CA ALA E 22 -14.01 20.65 -21.33
C ALA E 22 -15.45 20.98 -21.60
N HIS E 23 -15.69 22.11 -22.25
CA HIS E 23 -17.05 22.51 -22.56
C HIS E 23 -17.20 23.07 -23.97
N GLY E 24 -18.45 23.38 -24.32
CA GLY E 24 -18.75 23.92 -25.63
C GLY E 24 -18.46 22.93 -26.72
N GLU E 25 -17.59 23.32 -27.64
CA GLU E 25 -17.27 22.51 -28.80
C GLU E 25 -16.56 21.23 -28.39
N VAL E 26 -15.88 21.25 -27.24
CA VAL E 26 -15.18 20.06 -26.76
C VAL E 26 -15.84 19.50 -25.50
N ALA E 27 -17.16 19.63 -25.44
CA ALA E 27 -17.91 19.21 -24.27
C ALA E 27 -17.98 17.69 -24.14
N ALA E 28 -17.92 17.00 -25.27
CA ALA E 28 -18.12 15.55 -25.27
C ALA E 28 -16.80 14.82 -25.00
N LEU E 29 -15.76 15.59 -24.74
CA LEU E 29 -14.48 15.05 -24.32
C LEU E 29 -14.57 14.56 -22.88
N THR E 30 -14.12 13.33 -22.64
CA THR E 30 -14.16 12.74 -21.31
C THR E 30 -12.79 12.79 -20.63
N MET E 31 -12.66 13.64 -19.62
CA MET E 31 -11.40 13.79 -18.90
C MET E 31 -11.08 12.55 -18.07
N ALA E 32 -9.82 12.13 -18.13
CA ALA E 32 -9.35 10.95 -17.41
C ALA E 32 -9.42 11.12 -15.90
N SER E 33 -9.97 10.13 -15.22
CA SER E 33 -10.09 10.14 -13.76
C SER E 33 -9.29 9.00 -13.16
N ALA E 34 -8.79 8.11 -14.02
CA ALA E 34 -7.95 7.00 -13.59
C ALA E 34 -6.78 6.88 -14.55
N PRO E 35 -5.61 6.45 -14.04
CA PRO E 35 -4.41 6.32 -14.88
C PRO E 35 -4.56 5.27 -15.98
N LEU E 36 -4.33 5.67 -17.22
CA LEU E 36 -4.41 4.73 -18.31
C LEU E 36 -3.32 4.96 -19.35
N LYS E 37 -2.34 4.06 -19.38
CA LYS E 37 -1.31 4.09 -20.41
C LYS E 37 -1.77 3.45 -21.70
N LEU E 38 -1.71 4.21 -22.79
CA LEU E 38 -2.08 3.66 -24.09
C LEU E 38 -1.11 2.58 -24.48
N PRO E 39 -1.59 1.57 -25.22
CA PRO E 39 -0.66 0.59 -25.78
C PRO E 39 0.24 1.28 -26.80
N ASP E 40 1.46 0.78 -26.97
CA ASP E 40 2.41 1.46 -27.83
C ASP E 40 2.04 1.22 -29.29
N LEU E 41 1.07 1.99 -29.78
CA LEU E 41 0.51 1.83 -31.12
C LEU E 41 1.59 1.86 -32.20
N ALA E 42 1.58 0.84 -33.05
CA ALA E 42 2.53 0.74 -34.14
C ALA E 42 1.87 1.01 -35.49
N PHE E 43 2.40 1.99 -36.22
CA PHE E 43 1.86 2.35 -37.52
C PHE E 43 3.01 2.85 -38.37
N GLU E 44 2.70 3.30 -39.58
CA GLU E 44 3.74 3.84 -40.45
C GLU E 44 3.42 5.28 -40.85
N ASP E 45 4.44 5.98 -41.34
CA ASP E 45 4.22 7.31 -41.88
C ASP E 45 4.03 7.24 -43.40
N ALA E 46 4.12 8.38 -44.06
CA ALA E 46 3.81 8.47 -45.49
C ALA E 46 4.74 7.67 -46.39
N ASP E 47 5.98 7.48 -45.96
CA ASP E 47 6.98 6.80 -46.79
C ASP E 47 7.00 5.30 -46.50
N GLY E 48 6.10 4.86 -45.61
CA GLY E 48 5.94 3.48 -45.25
C GLY E 48 6.88 2.99 -44.17
N LYS E 49 7.76 3.87 -43.70
CA LYS E 49 8.67 3.54 -42.62
C LYS E 49 7.91 3.44 -41.31
N PRO E 50 8.32 2.53 -40.43
CA PRO E 50 7.62 2.32 -39.16
C PRO E 50 7.75 3.48 -38.18
N LYS E 51 6.62 3.82 -37.57
CA LYS E 51 6.55 4.86 -36.56
C LYS E 51 5.91 4.22 -35.33
N LYS E 52 6.16 4.79 -34.16
CA LYS E 52 5.53 4.32 -32.94
C LYS E 52 4.96 5.47 -32.14
N LEU E 53 3.99 5.18 -31.28
CA LEU E 53 3.43 6.22 -30.43
C LEU E 53 4.54 6.74 -29.53
N SER E 54 5.44 5.84 -29.16
CA SER E 54 6.54 6.17 -28.28
C SER E 54 7.55 7.07 -28.98
N ASP E 55 7.46 7.17 -30.30
CA ASP E 55 8.33 8.08 -31.04
C ASP E 55 7.94 9.52 -30.72
N PHE E 56 6.73 9.70 -30.22
CA PHE E 56 6.21 11.04 -29.93
C PHE E 56 6.21 11.38 -28.45
N ARG E 57 6.97 10.63 -27.64
CA ARG E 57 7.11 10.99 -26.23
C ARG E 57 7.81 12.34 -26.13
N GLY E 58 7.43 13.13 -25.13
CA GLY E 58 8.01 14.44 -24.93
C GLY E 58 7.04 15.47 -25.46
N LYS E 59 6.01 14.97 -26.14
CA LYS E 59 4.97 15.81 -26.73
C LYS E 59 3.62 15.43 -26.16
N THR E 60 2.74 16.41 -25.97
CA THR E 60 1.32 16.11 -25.76
C THR E 60 0.76 15.79 -27.14
N LEU E 61 -0.07 14.76 -27.26
CA LEU E 61 -0.64 14.41 -28.55
C LEU E 61 -2.16 14.37 -28.54
N LEU E 62 -2.75 14.67 -29.69
CA LEU E 62 -4.13 14.32 -29.95
C LEU E 62 -4.09 13.21 -30.98
N VAL E 63 -4.35 11.99 -30.52
CA VAL E 63 -4.33 10.82 -31.39
C VAL E 63 -5.73 10.57 -31.90
N ASN E 64 -5.90 10.59 -33.22
CA ASN E 64 -7.20 10.32 -33.83
C ASN E 64 -7.13 9.08 -34.69
N LEU E 65 -8.23 8.33 -34.73
CA LEU E 65 -8.37 7.19 -35.62
C LEU E 65 -9.44 7.54 -36.65
N TRP E 66 -9.12 7.49 -37.94
CA TRP E 66 -10.14 7.79 -38.94
C TRP E 66 -10.12 6.82 -40.12
N ALA E 67 -11.19 6.82 -40.90
CA ALA E 67 -11.32 5.95 -42.06
C ALA E 67 -12.27 6.58 -43.09
N THR E 68 -12.02 6.31 -44.37
CA THR E 68 -12.79 6.90 -45.47
C THR E 68 -14.24 6.45 -45.54
N TRP E 69 -14.53 5.27 -45.00
CA TRP E 69 -15.89 4.73 -45.10
C TRP E 69 -16.81 5.39 -44.07
N CYS E 70 -16.21 6.05 -43.09
CA CYS E 70 -16.98 6.75 -42.08
C CYS E 70 -17.08 8.24 -42.40
N VAL E 71 -18.25 8.63 -42.93
CA VAL E 71 -18.49 10.01 -43.33
C VAL E 71 -18.27 11.04 -42.21
N PRO E 72 -18.88 10.83 -41.02
CA PRO E 72 -18.63 11.85 -39.99
C PRO E 72 -17.17 11.90 -39.54
N SER E 73 -16.44 10.80 -39.72
CA SER E 73 -15.03 10.73 -39.34
C SER E 73 -14.16 11.66 -40.17
N ARG E 74 -14.36 11.65 -41.48
CA ARG E 74 -13.51 12.46 -42.36
C ARG E 74 -14.06 13.87 -42.52
N LYS E 75 -15.28 14.10 -42.03
CA LYS E 75 -15.86 15.44 -42.01
C LYS E 75 -15.13 16.33 -40.99
N GLU E 76 -14.56 15.71 -39.95
CA GLU E 76 -13.88 16.49 -38.91
C GLU E 76 -12.39 16.63 -39.22
N MET E 77 -11.98 16.12 -40.37
CA MET E 77 -10.58 16.15 -40.76
C MET E 77 -10.03 17.55 -41.11
N PRO E 78 -10.84 18.42 -41.75
CA PRO E 78 -10.34 19.79 -41.95
C PRO E 78 -9.96 20.51 -40.66
N ALA E 79 -10.73 20.31 -39.60
CA ALA E 79 -10.45 20.93 -38.29
C ALA E 79 -9.09 20.54 -37.71
N LEU E 80 -8.71 19.26 -37.87
CA LEU E 80 -7.44 18.76 -37.35
C LEU E 80 -6.21 19.36 -38.06
N ASP E 81 -6.33 19.59 -39.37
CA ASP E 81 -5.25 20.21 -40.13
C ASP E 81 -5.09 21.64 -39.63
N GLU E 82 -6.21 22.30 -39.36
CA GLU E 82 -6.20 23.66 -38.84
C GLU E 82 -5.69 23.72 -37.39
N LEU E 83 -5.99 22.70 -36.58
CA LEU E 83 -5.41 22.63 -35.25
C LEU E 83 -3.88 22.50 -35.33
N GLN E 84 -3.41 21.65 -36.23
CA GLN E 84 -1.98 21.57 -36.57
C GLN E 84 -1.45 22.90 -37.12
N GLY E 85 -0.14 23.10 -37.00
CA GLY E 85 0.51 24.30 -37.49
C GLY E 85 0.27 25.55 -36.66
N LYS E 86 -0.86 25.60 -35.99
CA LYS E 86 -1.17 26.72 -35.09
C LYS E 86 -0.60 26.42 -33.71
N LEU E 87 -0.69 25.15 -33.31
CA LEU E 87 -0.23 24.74 -31.99
C LEU E 87 0.80 23.62 -32.07
N SER E 88 0.97 23.04 -33.26
CA SER E 88 1.97 21.99 -33.48
C SER E 88 3.37 22.47 -33.13
N GLY E 89 4.19 21.57 -32.60
CA GLY E 89 5.54 21.93 -32.21
C GLY E 89 6.24 20.85 -31.38
N PRO E 90 7.23 21.29 -30.58
CA PRO E 90 8.05 20.39 -29.75
C PRO E 90 7.25 19.75 -28.61
N ASN E 91 6.09 20.32 -28.28
CA ASN E 91 5.32 19.87 -27.14
C ASN E 91 3.92 19.35 -27.48
N PHE E 92 3.53 19.54 -28.74
CA PHE E 92 2.23 19.05 -29.20
C PHE E 92 2.21 18.74 -30.68
N GLU E 93 1.55 17.64 -31.02
CA GLU E 93 1.33 17.28 -32.40
C GLU E 93 0.00 16.52 -32.54
N VAL E 94 -0.69 16.70 -33.66
CA VAL E 94 -1.86 15.88 -33.94
C VAL E 94 -1.41 14.64 -34.69
N VAL E 95 -1.71 13.47 -34.13
CA VAL E 95 -1.37 12.21 -34.76
C VAL E 95 -2.64 11.55 -35.27
N ALA E 96 -3.01 11.88 -36.50
CA ALA E 96 -4.18 11.33 -37.15
C ALA E 96 -3.77 10.12 -37.97
N ILE E 97 -4.38 8.98 -37.68
CA ILE E 97 -4.05 7.72 -38.34
C ILE E 97 -5.24 7.20 -39.13
N ASN E 98 -5.04 6.96 -40.42
CA ASN E 98 -6.06 6.34 -41.25
C ASN E 98 -6.07 4.83 -41.05
N ILE E 99 -7.26 4.22 -41.02
CA ILE E 99 -7.34 2.77 -40.82
C ILE E 99 -8.13 2.07 -41.90
N ASP E 100 -8.14 2.64 -43.11
CA ASP E 100 -8.63 1.89 -44.26
C ASP E 100 -7.71 0.68 -44.34
N THR E 101 -8.29 -0.47 -44.60
CA THR E 101 -7.49 -1.68 -44.66
C THR E 101 -7.43 -2.20 -46.08
N ARG E 102 -8.30 -1.66 -46.93
CA ARG E 102 -8.39 -2.04 -48.35
C ARG E 102 -8.39 -0.80 -49.24
N ASP E 103 -8.08 -0.97 -50.52
CA ASP E 103 -7.99 0.15 -51.44
C ASP E 103 -7.13 1.31 -50.90
N PRO E 104 -5.81 1.09 -50.84
CA PRO E 104 -4.87 2.02 -50.18
C PRO E 104 -4.78 3.40 -50.82
N GLU E 105 -5.38 3.58 -51.98
CA GLU E 105 -5.30 4.87 -52.68
C GLU E 105 -6.36 5.89 -52.25
N LYS E 106 -7.49 5.42 -51.74
CA LYS E 106 -8.63 6.30 -51.45
C LYS E 106 -8.42 7.38 -50.37
N PRO E 107 -7.83 7.03 -49.21
CA PRO E 107 -7.67 8.10 -48.21
C PRO E 107 -6.68 9.20 -48.56
N LYS E 108 -5.64 8.86 -49.32
CA LYS E 108 -4.63 9.83 -49.72
C LYS E 108 -5.22 10.86 -50.67
N THR E 109 -6.04 10.38 -51.59
CA THR E 109 -6.73 11.26 -52.53
C THR E 109 -7.68 12.19 -51.77
N PHE E 110 -8.28 11.70 -50.70
CA PHE E 110 -9.18 12.52 -49.89
C PHE E 110 -8.52 13.75 -49.27
N LEU E 111 -7.38 13.55 -48.62
CA LEU E 111 -6.72 14.64 -47.90
C LEU E 111 -6.28 15.77 -48.83
N LYS E 112 -5.66 15.41 -49.94
CA LYS E 112 -5.22 16.40 -50.92
C LYS E 112 -6.42 17.15 -51.50
N GLU E 113 -7.48 16.42 -51.83
CA GLU E 113 -8.68 17.01 -52.41
C GLU E 113 -9.45 17.82 -51.36
N ALA E 114 -9.10 17.62 -50.09
CA ALA E 114 -9.71 18.34 -48.98
C ALA E 114 -8.79 19.45 -48.48
N ASN E 115 -7.71 19.69 -49.22
CA ASN E 115 -6.69 20.70 -48.89
C ASN E 115 -6.06 20.51 -47.51
N LEU E 116 -5.72 19.27 -47.17
CA LEU E 116 -5.07 18.97 -45.90
C LEU E 116 -3.62 18.50 -46.08
N THR E 117 -2.65 19.38 -45.89
CA THR E 117 -1.25 19.05 -46.17
C THR E 117 -0.36 19.10 -44.95
N ARG E 118 -0.92 19.46 -43.80
CA ARG E 118 -0.12 19.66 -42.59
C ARG E 118 -0.08 18.46 -41.65
N LEU E 119 -0.94 17.47 -41.90
CA LEU E 119 -1.08 16.31 -41.01
C LEU E 119 -0.17 15.13 -41.38
N GLY E 120 0.58 15.28 -42.48
CA GLY E 120 1.37 14.19 -43.01
C GLY E 120 0.45 13.06 -43.42
N TYR E 121 0.92 11.83 -43.35
CA TYR E 121 0.02 10.69 -43.55
C TYR E 121 0.40 9.48 -42.71
N PHE E 122 -0.02 9.46 -41.45
CA PHE E 122 0.18 8.28 -40.62
C PHE E 122 -0.90 7.25 -40.94
N ASN E 123 -0.52 5.98 -40.99
CA ASN E 123 -1.47 4.94 -41.37
C ASN E 123 -1.14 3.55 -40.83
N ASP E 124 -2.17 2.73 -40.70
CA ASP E 124 -1.97 1.33 -40.35
C ASP E 124 -3.01 0.46 -41.07
N GLN E 125 -2.58 -0.13 -42.18
CA GLN E 125 -3.42 -0.96 -43.02
C GLN E 125 -3.75 -2.30 -42.34
N LYS E 126 -3.09 -2.57 -41.22
CA LYS E 126 -3.29 -3.78 -40.43
C LYS E 126 -4.53 -3.73 -39.54
N ALA E 127 -4.98 -2.51 -39.26
CA ALA E 127 -6.06 -2.23 -38.32
C ALA E 127 -5.74 -2.76 -36.93
N LYS E 128 -4.44 -2.90 -36.66
CA LYS E 128 -3.93 -3.31 -35.38
C LYS E 128 -4.10 -2.19 -34.35
N VAL E 129 -4.04 -0.96 -34.84
CA VAL E 129 -4.24 0.21 -34.00
C VAL E 129 -5.68 0.29 -33.46
N PHE E 130 -6.65 -0.18 -34.26
CA PHE E 130 -8.03 -0.19 -33.82
C PHE E 130 -8.25 -1.21 -32.71
N GLN E 131 -7.67 -2.40 -32.89
CA GLN E 131 -7.80 -3.46 -31.89
C GLN E 131 -7.23 -3.06 -30.55
N ASP E 132 -6.05 -2.44 -30.56
CA ASP E 132 -5.38 -2.03 -29.34
C ASP E 132 -6.25 -1.07 -28.53
N LEU E 133 -6.80 -0.06 -29.21
CA LEU E 133 -7.67 0.91 -28.55
C LEU E 133 -8.99 0.26 -28.18
N LYS E 134 -9.44 -0.68 -29.01
CA LYS E 134 -10.66 -1.41 -28.70
C LYS E 134 -10.51 -2.22 -27.42
N ALA E 135 -9.34 -2.84 -27.25
CA ALA E 135 -9.07 -3.74 -26.13
C ALA E 135 -9.13 -3.04 -24.78
N ILE E 136 -8.88 -1.73 -24.78
CA ILE E 136 -8.91 -0.93 -23.56
C ILE E 136 -10.12 0.00 -23.46
N GLY E 137 -11.16 -0.28 -24.26
CA GLY E 137 -12.39 0.50 -24.21
C GLY E 137 -12.27 1.92 -24.76
N ARG E 138 -11.36 2.13 -25.71
CA ARG E 138 -11.12 3.48 -26.24
C ARG E 138 -11.43 3.59 -27.72
N ALA E 139 -12.30 2.71 -28.19
CA ALA E 139 -12.77 2.74 -29.57
C ALA E 139 -14.27 2.47 -29.58
N LEU E 140 -15.02 3.39 -28.99
CA LEU E 140 -16.46 3.25 -28.82
C LEU E 140 -17.23 3.54 -30.10
N GLY E 141 -16.56 4.19 -31.05
CA GLY E 141 -17.16 4.52 -32.33
C GLY E 141 -16.10 5.07 -33.23
N MET E 142 -16.48 5.46 -34.44
CA MET E 142 -15.57 6.19 -35.32
C MET E 142 -16.20 7.53 -35.70
N PRO E 143 -15.42 8.62 -35.64
CA PRO E 143 -14.02 8.67 -35.21
C PRO E 143 -13.86 8.57 -33.69
N THR E 144 -12.65 8.28 -33.25
CA THR E 144 -12.32 8.28 -31.83
C THR E 144 -11.00 9.00 -31.62
N SER E 145 -10.90 9.78 -30.56
CA SER E 145 -9.66 10.50 -30.29
C SER E 145 -9.26 10.40 -28.81
N VAL E 146 -7.98 10.18 -28.57
CA VAL E 146 -7.45 10.08 -27.22
C VAL E 146 -6.39 11.15 -27.01
N LEU E 147 -6.53 11.95 -25.96
CA LEU E 147 -5.53 12.96 -25.65
C LEU E 147 -4.45 12.36 -24.76
N VAL E 148 -3.21 12.39 -25.24
CA VAL E 148 -2.12 11.67 -24.61
C VAL E 148 -1.06 12.64 -24.09
N ASP E 149 -0.59 12.41 -22.88
CA ASP E 149 0.38 13.31 -22.27
C ASP E 149 1.79 12.93 -22.76
N PRO E 150 2.81 13.74 -22.43
CA PRO E 150 4.15 13.44 -22.97
C PRO E 150 4.70 12.10 -22.51
N GLN E 151 3.94 11.43 -21.66
CA GLN E 151 4.37 10.19 -21.03
C GLN E 151 3.65 8.98 -21.59
N GLY E 152 2.78 9.21 -22.59
CA GLY E 152 2.05 8.13 -23.23
C GLY E 152 0.77 7.75 -22.50
N CYS E 153 0.34 8.64 -21.62
CA CYS E 153 -0.81 8.39 -20.76
C CYS E 153 -2.08 9.14 -21.17
N GLU E 154 -3.23 8.55 -20.91
CA GLU E 154 -4.50 9.16 -21.29
C GLU E 154 -4.82 10.42 -20.48
N ILE E 155 -5.16 11.49 -21.18
CA ILE E 155 -5.68 12.71 -20.55
C ILE E 155 -7.20 12.77 -20.74
N ALA E 156 -7.67 12.40 -21.93
CA ALA E 156 -9.09 12.46 -22.23
C ALA E 156 -9.48 11.60 -23.42
N THR E 157 -10.78 11.41 -23.64
CA THR E 157 -11.26 10.65 -24.78
C THR E 157 -12.54 11.24 -25.35
N ILE E 158 -12.67 11.21 -26.67
CA ILE E 158 -13.89 11.61 -27.35
C ILE E 158 -14.26 10.57 -28.39
N ALA E 159 -15.51 10.11 -28.31
CA ALA E 159 -16.10 9.26 -29.35
C ALA E 159 -16.96 10.13 -30.27
N GLY E 160 -16.54 10.26 -31.53
CA GLY E 160 -17.25 11.11 -32.46
C GLY E 160 -16.41 12.30 -32.91
N PRO E 161 -16.93 13.06 -33.89
CA PRO E 161 -16.20 14.22 -34.39
C PRO E 161 -16.28 15.43 -33.45
N ALA E 162 -15.46 16.43 -33.72
CA ALA E 162 -15.48 17.67 -32.98
C ALA E 162 -14.80 18.75 -33.80
N GLU E 163 -15.18 20.00 -33.56
CA GLU E 163 -14.50 21.12 -34.19
C GLU E 163 -13.20 21.38 -33.44
N TRP E 164 -12.15 20.73 -33.92
CA TRP E 164 -10.87 20.71 -33.25
C TRP E 164 -10.14 22.04 -33.41
N ALA E 165 -10.67 22.88 -34.30
CA ALA E 165 -10.10 24.19 -34.58
C ALA E 165 -10.86 25.30 -33.86
N SER E 166 -11.91 24.92 -33.14
CA SER E 166 -12.72 25.86 -32.38
C SER E 166 -11.96 26.54 -31.24
N GLU E 167 -12.54 27.63 -30.72
CA GLU E 167 -11.94 28.39 -29.62
C GLU E 167 -11.88 27.58 -28.33
N ASP E 168 -12.86 26.69 -28.15
CA ASP E 168 -12.89 25.80 -26.99
C ASP E 168 -11.77 24.77 -27.01
N ALA E 169 -11.48 24.25 -28.20
CA ALA E 169 -10.46 23.22 -28.38
C ALA E 169 -9.04 23.76 -28.23
N LEU E 170 -8.78 24.92 -28.83
CA LEU E 170 -7.45 25.53 -28.78
C LEU E 170 -7.00 25.80 -27.36
N LYS E 171 -7.86 26.43 -26.55
CA LYS E 171 -7.56 26.71 -25.16
C LYS E 171 -7.31 25.43 -24.36
N LEU E 172 -8.06 24.38 -24.68
CA LEU E 172 -7.93 23.10 -24.00
C LEU E 172 -6.61 22.43 -24.37
N ILE E 173 -6.26 22.50 -25.66
CA ILE E 173 -5.01 21.96 -26.15
C ILE E 173 -3.81 22.74 -25.60
N ARG E 174 -3.90 24.07 -25.63
CA ARG E 174 -2.85 24.91 -25.08
C ARG E 174 -2.68 24.69 -23.57
N ALA E 175 -3.77 24.43 -22.87
CA ALA E 175 -3.72 24.19 -21.43
C ALA E 175 -3.09 22.84 -21.12
N ALA E 176 -3.37 21.85 -21.97
CA ALA E 176 -2.82 20.51 -21.80
C ALA E 176 -1.32 20.51 -22.05
N THR E 177 -0.88 21.47 -22.85
CA THR E 177 0.50 21.53 -23.32
C THR E 177 1.41 22.26 -22.32
N GLY E 178 2.53 21.61 -21.98
CA GLY E 178 3.53 22.21 -21.11
C GLY E 178 4.86 22.31 -21.83
N LYS E 179 5.95 22.42 -21.07
CA LYS E 179 7.29 22.25 -21.63
C LYS E 179 8.00 21.05 -21.00
N ALA F 18 -39.96 -17.96 -28.94
CA ALA F 18 -40.66 -18.96 -29.75
C ALA F 18 -40.93 -18.44 -31.15
N ALA F 19 -39.91 -18.39 -32.01
CA ALA F 19 -38.56 -18.87 -31.74
C ALA F 19 -37.56 -17.99 -32.50
N ILE F 20 -36.34 -17.84 -31.98
CA ILE F 20 -35.36 -16.97 -32.64
C ILE F 20 -34.97 -17.53 -34.01
N GLY F 21 -35.19 -16.71 -35.03
CA GLY F 21 -34.94 -17.08 -36.40
C GLY F 21 -36.27 -17.29 -37.10
N GLY F 22 -36.27 -17.24 -38.44
CA GLY F 22 -37.48 -17.45 -39.20
C GLY F 22 -37.26 -17.35 -40.68
N PRO F 23 -38.30 -17.64 -41.48
CA PRO F 23 -38.20 -17.51 -42.93
C PRO F 23 -38.10 -16.05 -43.36
N PHE F 24 -37.39 -15.78 -44.43
CA PHE F 24 -37.41 -14.44 -45.01
C PHE F 24 -36.93 -14.46 -46.46
N GLN F 25 -37.38 -13.48 -47.21
CA GLN F 25 -36.92 -13.27 -48.57
C GLN F 25 -36.41 -11.85 -48.70
N LEU F 26 -35.10 -11.70 -48.81
CA LEU F 26 -34.50 -10.39 -48.96
C LEU F 26 -33.65 -10.33 -50.21
N THR F 27 -32.94 -9.22 -50.38
CA THR F 27 -32.13 -8.99 -51.56
C THR F 27 -30.78 -8.44 -51.15
N ASP F 28 -29.71 -9.01 -51.70
CA ASP F 28 -28.37 -8.57 -51.31
C ASP F 28 -27.91 -7.36 -52.12
N GLN F 29 -26.68 -6.93 -51.88
CA GLN F 29 -26.15 -5.72 -52.52
C GLN F 29 -26.00 -5.90 -54.03
N ASN F 30 -26.19 -7.13 -54.51
CA ASN F 30 -26.03 -7.46 -55.92
C ASN F 30 -27.35 -7.65 -56.68
N GLY F 31 -28.45 -7.38 -56.00
CA GLY F 31 -29.78 -7.52 -56.60
C GLY F 31 -30.24 -8.97 -56.61
N LYS F 32 -29.45 -9.85 -56.00
CA LYS F 32 -29.76 -11.28 -55.96
C LYS F 32 -30.66 -11.65 -54.80
N ALA F 33 -31.56 -12.60 -55.06
CA ALA F 33 -32.47 -13.07 -54.04
C ALA F 33 -31.71 -13.82 -52.97
N VAL F 34 -31.89 -13.39 -51.73
CA VAL F 34 -31.28 -14.03 -50.59
C VAL F 34 -32.39 -14.41 -49.61
N THR F 35 -32.41 -15.68 -49.24
CA THR F 35 -33.47 -16.19 -48.37
C THR F 35 -32.88 -16.87 -47.14
N ASP F 36 -33.76 -17.28 -46.22
CA ASP F 36 -33.32 -17.99 -45.02
C ASP F 36 -32.76 -19.37 -45.36
N LYS F 37 -33.20 -19.93 -46.48
CA LYS F 37 -32.76 -21.27 -46.89
C LYS F 37 -31.36 -21.29 -47.51
N SER F 38 -30.99 -20.22 -48.20
CA SER F 38 -29.71 -20.20 -48.89
C SER F 38 -28.56 -20.13 -47.91
N LEU F 39 -28.87 -19.69 -46.69
CA LEU F 39 -27.84 -19.52 -45.66
C LEU F 39 -27.61 -20.82 -44.89
N LYS F 40 -28.42 -21.83 -45.16
CA LYS F 40 -28.24 -23.14 -44.54
C LYS F 40 -27.05 -23.85 -45.18
N GLY F 41 -26.40 -24.73 -44.43
CA GLY F 41 -25.27 -25.48 -44.94
C GLY F 41 -23.91 -24.98 -44.48
N LYS F 42 -23.86 -23.77 -43.95
CA LYS F 42 -22.63 -23.17 -43.43
C LYS F 42 -22.90 -22.54 -42.07
N PRO F 43 -21.87 -22.47 -41.22
CA PRO F 43 -22.00 -21.59 -40.04
C PRO F 43 -22.30 -20.17 -40.49
N THR F 44 -23.22 -19.48 -39.83
CA THR F 44 -23.71 -18.21 -40.35
C THR F 44 -23.75 -17.07 -39.33
N LEU F 45 -23.08 -15.98 -39.66
CA LEU F 45 -23.17 -14.76 -38.85
C LEU F 45 -24.24 -13.82 -39.39
N ILE F 46 -25.24 -13.52 -38.57
CA ILE F 46 -26.30 -12.58 -38.92
C ILE F 46 -26.22 -11.37 -37.99
N PHE F 47 -26.19 -10.16 -38.53
CA PHE F 47 -26.23 -8.98 -37.65
C PHE F 47 -26.81 -7.77 -38.35
N PHE F 48 -27.08 -6.73 -37.56
CA PHE F 48 -27.97 -5.66 -37.99
C PHE F 48 -27.37 -4.26 -37.84
N GLY F 49 -27.76 -3.37 -38.75
CA GLY F 49 -27.25 -2.02 -38.72
C GLY F 49 -27.72 -1.15 -39.87
N TYR F 50 -26.95 -0.10 -40.14
CA TYR F 50 -27.25 0.86 -41.19
C TYR F 50 -25.95 1.34 -41.86
N THR F 51 -26.06 1.94 -43.05
CA THR F 51 -24.90 2.53 -43.72
C THR F 51 -24.85 4.04 -43.50
N HIS F 52 -26.02 4.68 -43.59
CA HIS F 52 -26.14 6.11 -43.32
C HIS F 52 -25.74 6.42 -41.88
N SER F 53 -24.70 7.22 -41.72
CA SER F 53 -24.14 7.51 -40.40
C SER F 53 -23.84 9.01 -40.27
N PRO F 54 -24.58 9.71 -39.41
CA PRO F 54 -24.45 11.16 -39.35
C PRO F 54 -23.44 11.65 -38.31
N ASP F 55 -23.37 11.00 -37.15
CA ASP F 55 -22.49 11.47 -36.08
C ASP F 55 -21.36 10.51 -35.77
N VAL F 56 -21.69 9.31 -35.29
CA VAL F 56 -20.67 8.31 -35.00
C VAL F 56 -21.01 6.99 -35.68
N CYS F 57 -19.99 6.29 -36.13
CA CYS F 57 -20.16 5.05 -36.87
C CYS F 57 -19.94 3.83 -36.01
N PRO F 58 -20.86 2.86 -36.07
CA PRO F 58 -20.62 1.56 -35.45
C PRO F 58 -19.50 0.83 -36.18
N THR F 59 -18.78 -0.02 -35.45
CA THR F 59 -17.56 -0.63 -35.97
C THR F 59 -17.75 -2.12 -36.22
N SER F 60 -18.93 -2.62 -35.88
CA SER F 60 -19.23 -4.04 -35.96
C SER F 60 -18.96 -4.57 -37.36
N LEU F 61 -19.39 -3.82 -38.37
CA LEU F 61 -19.21 -4.21 -39.75
C LEU F 61 -17.72 -4.30 -40.07
N PHE F 62 -16.96 -3.29 -39.64
CA PHE F 62 -15.51 -3.27 -39.84
C PHE F 62 -14.81 -4.43 -39.13
N GLU F 63 -15.24 -4.72 -37.91
CA GLU F 63 -14.66 -5.79 -37.12
C GLU F 63 -14.93 -7.18 -37.70
N ILE F 64 -16.18 -7.41 -38.10
CA ILE F 64 -16.57 -8.65 -38.75
C ILE F 64 -15.80 -8.76 -40.06
N SER F 65 -15.63 -7.62 -40.72
CA SER F 65 -14.85 -7.56 -41.94
C SER F 65 -13.42 -8.03 -41.68
N GLU F 66 -12.87 -7.64 -40.54
CA GLU F 66 -11.49 -7.94 -40.23
C GLU F 66 -11.28 -9.42 -39.90
N VAL F 67 -12.32 -10.04 -39.35
CA VAL F 67 -12.28 -11.48 -39.07
C VAL F 67 -12.22 -12.27 -40.38
N LEU F 68 -13.10 -11.92 -41.33
CA LEU F 68 -13.11 -12.54 -42.65
C LEU F 68 -11.75 -12.43 -43.32
N ARG F 69 -11.10 -11.28 -43.17
CA ARG F 69 -9.75 -11.11 -43.67
C ARG F 69 -8.80 -12.03 -42.92
N ALA F 70 -9.01 -12.09 -41.61
CA ALA F 70 -8.19 -12.90 -40.71
C ALA F 70 -8.38 -14.39 -41.00
N MET F 71 -9.53 -14.74 -41.55
CA MET F 71 -9.82 -16.13 -41.87
C MET F 71 -9.09 -16.60 -43.12
N GLY F 72 -8.60 -15.67 -43.92
CA GLY F 72 -7.85 -16.05 -45.11
C GLY F 72 -8.69 -16.83 -46.08
N LYS F 73 -8.23 -18.03 -46.40
CA LYS F 73 -8.91 -18.90 -47.36
C LYS F 73 -10.10 -19.62 -46.71
N ASP F 74 -10.17 -19.59 -45.38
CA ASP F 74 -11.29 -20.19 -44.65
C ASP F 74 -12.52 -19.29 -44.59
N ALA F 75 -12.37 -18.05 -45.04
CA ALA F 75 -13.48 -17.11 -45.06
C ALA F 75 -14.59 -17.56 -46.02
N ASP F 76 -14.23 -18.38 -46.99
CA ASP F 76 -15.20 -18.92 -47.95
C ASP F 76 -16.24 -19.83 -47.32
N LYS F 77 -15.89 -20.45 -46.20
CA LYS F 77 -16.70 -21.51 -45.61
C LYS F 77 -17.73 -20.99 -44.62
N VAL F 78 -17.92 -19.67 -44.59
CA VAL F 78 -18.87 -19.08 -43.67
C VAL F 78 -19.73 -18.05 -44.38
N ASN F 79 -20.91 -17.78 -43.84
CA ASN F 79 -21.77 -16.70 -44.33
C ASN F 79 -21.62 -15.49 -43.43
N ALA F 80 -21.47 -14.31 -44.02
CA ALA F 80 -21.39 -13.09 -43.23
C ALA F 80 -22.45 -12.11 -43.71
N ILE F 81 -23.53 -11.98 -42.95
CA ILE F 81 -24.72 -11.29 -43.44
C ILE F 81 -25.06 -10.03 -42.67
N PHE F 82 -24.94 -8.88 -43.34
CA PHE F 82 -25.27 -7.59 -42.75
C PHE F 82 -26.64 -7.14 -43.24
N ILE F 83 -27.58 -6.99 -42.33
CA ILE F 83 -28.96 -6.67 -42.70
C ILE F 83 -29.37 -5.26 -42.26
N SER F 84 -29.90 -4.49 -43.21
CA SER F 84 -30.41 -3.15 -42.90
C SER F 84 -31.64 -3.19 -42.01
N VAL F 85 -31.64 -2.35 -40.99
CA VAL F 85 -32.80 -2.15 -40.14
C VAL F 85 -33.38 -0.78 -40.46
N ASP F 86 -32.89 -0.21 -41.55
CA ASP F 86 -33.35 1.09 -42.04
C ASP F 86 -33.82 1.00 -43.48
N PRO F 87 -34.91 0.23 -43.71
CA PRO F 87 -35.37 -0.07 -45.08
C PRO F 87 -35.79 1.15 -45.92
N GLU F 88 -36.11 2.27 -45.29
CA GLU F 88 -36.57 3.44 -46.02
C GLU F 88 -35.41 4.15 -46.73
N ARG F 89 -34.19 3.87 -46.30
CA ARG F 89 -33.03 4.50 -46.92
C ARG F 89 -32.07 3.49 -47.52
N ASP F 90 -32.13 2.25 -47.05
CA ASP F 90 -31.24 1.22 -47.57
C ASP F 90 -31.87 0.33 -48.63
N THR F 91 -31.15 0.28 -49.74
CA THR F 91 -31.44 -0.47 -50.94
C THR F 91 -30.17 -1.26 -51.27
N PRO F 92 -30.24 -2.22 -52.22
CA PRO F 92 -29.03 -2.92 -52.66
C PRO F 92 -27.91 -1.97 -53.10
N ALA F 93 -28.27 -0.85 -53.71
CA ALA F 93 -27.31 0.15 -54.13
C ALA F 93 -26.54 0.75 -52.96
N THR F 94 -27.24 1.03 -51.86
CA THR F 94 -26.60 1.67 -50.71
C THR F 94 -25.68 0.71 -49.97
N MET F 95 -26.12 -0.53 -49.84
CA MET F 95 -25.30 -1.60 -49.28
C MET F 95 -24.02 -1.86 -50.07
N LYS F 96 -24.15 -1.93 -51.38
CA LYS F 96 -23.03 -2.24 -52.25
C LYS F 96 -21.88 -1.24 -52.13
N ASN F 97 -22.20 0.04 -52.11
CA ASN F 97 -21.20 1.09 -52.00
C ASN F 97 -20.44 1.10 -50.68
N TYR F 98 -21.16 0.92 -49.57
CA TYR F 98 -20.57 0.98 -48.25
C TYR F 98 -19.65 -0.20 -47.96
N LEU F 99 -20.03 -1.38 -48.43
CA LEU F 99 -19.28 -2.61 -48.20
C LEU F 99 -17.99 -2.66 -49.01
N SER F 100 -17.82 -1.72 -49.93
CA SER F 100 -16.66 -1.70 -50.80
C SER F 100 -15.38 -1.34 -50.06
N SER F 101 -15.51 -0.92 -48.80
CA SER F 101 -14.35 -0.58 -47.99
C SER F 101 -14.01 -1.70 -47.00
N PHE F 102 -14.78 -2.80 -47.08
CA PHE F 102 -14.64 -3.91 -46.13
C PHE F 102 -14.41 -5.23 -46.88
N ASP F 103 -14.25 -6.31 -46.15
CA ASP F 103 -13.93 -7.60 -46.75
C ASP F 103 -15.03 -8.05 -47.74
N PRO F 104 -14.62 -8.57 -48.90
CA PRO F 104 -15.53 -8.92 -50.01
C PRO F 104 -16.40 -10.15 -49.76
N HIS F 105 -16.17 -10.87 -48.68
CA HIS F 105 -16.95 -12.07 -48.37
C HIS F 105 -18.31 -11.64 -47.83
N LEU F 106 -18.38 -10.38 -47.41
CA LEU F 106 -19.58 -9.80 -46.83
C LEU F 106 -20.77 -9.74 -47.78
N GLU F 107 -21.94 -9.90 -47.21
CA GLU F 107 -23.21 -9.75 -47.91
C GLU F 107 -23.97 -8.62 -47.25
N GLY F 108 -24.44 -7.66 -48.03
CA GLY F 108 -25.24 -6.57 -47.48
C GLY F 108 -26.68 -6.69 -47.93
N LEU F 109 -27.59 -6.87 -46.99
CA LEU F 109 -28.96 -7.18 -47.36
C LEU F 109 -29.89 -6.00 -47.20
N SER F 110 -30.73 -5.82 -48.21
CA SER F 110 -31.77 -4.82 -48.23
C SER F 110 -33.04 -5.56 -48.56
N GLY F 111 -34.17 -4.88 -48.51
CA GLY F 111 -35.41 -5.55 -48.82
C GLY F 111 -36.65 -4.71 -48.64
N ASP F 112 -37.80 -5.29 -48.96
CA ASP F 112 -39.05 -4.59 -48.82
C ASP F 112 -39.27 -4.31 -47.32
N PRO F 113 -39.73 -3.10 -46.99
CA PRO F 113 -40.04 -2.63 -45.63
C PRO F 113 -40.83 -3.64 -44.81
N ALA F 114 -41.73 -4.36 -45.47
CA ALA F 114 -42.58 -5.34 -44.82
C ALA F 114 -41.79 -6.59 -44.45
N GLU F 115 -40.79 -6.92 -45.24
CA GLU F 115 -39.98 -8.11 -44.99
C GLU F 115 -38.92 -7.86 -43.92
N ILE F 116 -38.43 -6.64 -43.85
CA ILE F 116 -37.46 -6.25 -42.83
C ILE F 116 -38.08 -6.26 -41.43
N ALA F 117 -39.31 -5.77 -41.33
CA ALA F 117 -40.02 -5.76 -40.05
C ALA F 117 -40.22 -7.19 -39.52
N LYS F 118 -40.43 -8.11 -40.44
CA LYS F 118 -40.64 -9.51 -40.12
C LYS F 118 -39.35 -10.17 -39.64
N VAL F 119 -38.22 -9.76 -40.23
CA VAL F 119 -36.92 -10.31 -39.83
C VAL F 119 -36.54 -9.76 -38.46
N ILE F 120 -36.94 -8.53 -38.21
CA ILE F 120 -36.75 -7.88 -36.91
C ILE F 120 -37.51 -8.68 -35.85
N THR F 121 -38.70 -9.13 -36.22
CA THR F 121 -39.50 -9.99 -35.35
C THR F 121 -38.82 -11.34 -35.08
N SER F 122 -38.36 -12.01 -36.14
CA SER F 122 -37.76 -13.34 -36.01
C SER F 122 -36.50 -13.33 -35.14
N TYR F 123 -35.78 -12.22 -35.15
CA TYR F 123 -34.51 -12.16 -34.42
C TYR F 123 -34.63 -11.30 -33.17
N ARG F 124 -35.82 -10.77 -32.93
CA ARG F 124 -36.06 -9.85 -31.82
C ARG F 124 -35.07 -8.70 -31.85
N VAL F 125 -35.02 -8.00 -32.98
CA VAL F 125 -34.09 -6.91 -33.14
C VAL F 125 -34.69 -5.62 -32.58
N TYR F 126 -33.97 -4.99 -31.68
CA TYR F 126 -34.29 -3.65 -31.24
C TYR F 126 -33.92 -2.70 -32.36
N ALA F 127 -34.86 -1.87 -32.80
CA ALA F 127 -34.54 -0.89 -33.83
C ALA F 127 -35.43 0.34 -33.71
N LYS F 128 -34.85 1.46 -33.27
CA LYS F 128 -35.60 2.69 -33.08
C LYS F 128 -34.87 3.93 -33.64
N LYS F 129 -35.62 4.77 -34.35
CA LYS F 129 -35.08 6.02 -34.91
C LYS F 129 -34.80 7.07 -33.81
N VAL F 130 -33.60 7.65 -33.87
CA VAL F 130 -33.23 8.72 -32.94
C VAL F 130 -32.62 9.86 -33.74
N PRO F 131 -33.37 10.96 -33.91
CA PRO F 131 -33.04 12.02 -34.88
C PRO F 131 -31.71 12.74 -34.65
N THR F 132 -30.99 12.98 -35.75
CA THR F 132 -29.82 13.86 -35.75
C THR F 132 -30.20 15.14 -36.50
N LYS F 133 -31.19 15.85 -35.94
CA LYS F 133 -31.82 16.98 -36.60
C LYS F 133 -30.87 18.17 -36.75
N ASP F 134 -31.06 18.96 -37.80
CA ASP F 134 -32.15 18.74 -38.76
C ASP F 134 -31.63 18.36 -40.13
N GLY F 135 -32.29 17.39 -40.76
CA GLY F 135 -33.39 16.66 -40.15
C GLY F 135 -33.18 15.18 -40.34
N ASP F 136 -32.02 14.71 -39.87
CA ASP F 136 -31.56 13.36 -40.12
C ASP F 136 -31.83 12.48 -38.92
N TYR F 137 -31.80 11.16 -39.11
CA TYR F 137 -32.02 10.26 -37.98
C TYR F 137 -30.99 9.15 -37.92
N THR F 138 -30.92 8.47 -36.78
CA THR F 138 -30.14 7.24 -36.70
C THR F 138 -31.04 6.10 -36.24
N MET F 139 -30.76 4.91 -36.76
CA MET F 139 -31.55 3.75 -36.38
C MET F 139 -30.84 2.99 -35.26
N ASP F 140 -31.12 3.38 -34.01
CA ASP F 140 -30.54 2.72 -32.83
C ASP F 140 -30.98 1.26 -32.75
N HIS F 141 -30.07 0.35 -32.44
CA HIS F 141 -30.35 -1.07 -32.65
C HIS F 141 -29.47 -2.07 -31.90
N THR F 142 -29.96 -3.31 -31.83
CA THR F 142 -29.22 -4.47 -31.34
C THR F 142 -27.93 -4.73 -32.12
N ALA F 143 -26.80 -4.63 -31.44
CA ALA F 143 -25.49 -4.80 -32.06
C ALA F 143 -24.98 -6.24 -31.95
N LEU F 144 -25.83 -7.13 -31.47
CA LEU F 144 -25.45 -8.54 -31.31
C LEU F 144 -25.15 -9.20 -32.65
N ILE F 145 -24.15 -10.07 -32.66
CA ILE F 145 -23.84 -10.90 -33.82
C ILE F 145 -24.47 -12.26 -33.54
N TYR F 146 -25.29 -12.74 -34.46
CA TYR F 146 -25.95 -14.01 -34.24
C TYR F 146 -25.22 -15.14 -34.95
N LEU F 147 -24.81 -16.14 -34.17
CA LEU F 147 -24.26 -17.35 -34.76
C LEU F 147 -25.38 -18.39 -34.92
N MET F 148 -25.64 -18.77 -36.17
CA MET F 148 -26.60 -19.80 -36.52
C MET F 148 -25.85 -20.98 -37.13
N ASP F 149 -26.32 -22.21 -36.93
CA ASP F 149 -25.57 -23.38 -37.41
C ASP F 149 -25.92 -23.71 -38.86
N ARG F 150 -25.58 -24.93 -39.28
CA ARG F 150 -25.77 -25.35 -40.66
C ARG F 150 -27.24 -25.55 -41.01
N ASP F 151 -28.06 -25.74 -39.99
CA ASP F 151 -29.49 -25.94 -40.17
C ASP F 151 -30.20 -24.60 -39.92
N GLY F 152 -29.40 -23.57 -39.69
CA GLY F 152 -29.94 -22.25 -39.44
C GLY F 152 -30.44 -22.09 -38.02
N ARG F 153 -29.98 -22.95 -37.11
CA ARG F 153 -30.39 -22.85 -35.71
C ARG F 153 -29.42 -22.02 -34.88
N PHE F 154 -29.98 -21.19 -34.01
CA PHE F 154 -29.22 -20.29 -33.14
C PHE F 154 -28.37 -21.07 -32.16
N VAL F 155 -27.08 -20.79 -32.15
CA VAL F 155 -26.17 -21.40 -31.20
C VAL F 155 -26.04 -20.50 -30.00
N SER F 156 -25.53 -19.29 -30.25
CA SER F 156 -25.25 -18.31 -29.22
C SER F 156 -24.90 -17.03 -29.92
N PRO F 157 -24.82 -15.92 -29.19
CA PRO F 157 -24.17 -14.76 -29.81
C PRO F 157 -22.70 -15.04 -30.14
N PHE F 158 -22.16 -14.37 -31.16
CA PHE F 158 -20.76 -14.54 -31.54
C PHE F 158 -19.91 -13.38 -31.00
N ASN F 159 -18.91 -13.73 -30.17
CA ASN F 159 -18.12 -12.76 -29.43
C ASN F 159 -17.06 -11.97 -30.22
N LEU F 160 -17.13 -10.63 -30.11
CA LEU F 160 -16.19 -9.74 -30.79
C LEU F 160 -15.26 -9.05 -29.81
N LYS F 161 -15.48 -9.26 -28.51
CA LYS F 161 -14.64 -8.63 -27.49
C LYS F 161 -13.37 -9.43 -27.29
N ARG F 162 -12.60 -9.50 -28.35
CA ARG F 162 -11.38 -10.30 -28.42
C ARG F 162 -10.66 -9.99 -29.73
N THR F 163 -9.46 -10.52 -29.89
CA THR F 163 -8.71 -10.32 -31.12
C THR F 163 -9.41 -10.97 -32.31
N PRO F 164 -9.25 -10.40 -33.51
CA PRO F 164 -9.86 -11.01 -34.70
C PRO F 164 -9.37 -12.44 -34.90
N GLU F 165 -8.18 -12.72 -34.39
CA GLU F 165 -7.62 -14.07 -34.44
C GLU F 165 -8.38 -15.02 -33.53
N GLU F 166 -8.77 -14.54 -32.35
CA GLU F 166 -9.50 -15.39 -31.41
C GLU F 166 -10.90 -15.68 -31.91
N ALA F 167 -11.55 -14.69 -32.52
CA ALA F 167 -12.87 -14.91 -33.11
C ALA F 167 -12.80 -15.85 -34.33
N ALA F 168 -11.82 -15.63 -35.20
CA ALA F 168 -11.64 -16.48 -36.37
C ALA F 168 -11.31 -17.90 -35.96
N ALA F 169 -10.36 -18.06 -35.04
CA ALA F 169 -9.97 -19.37 -34.53
C ALA F 169 -11.15 -20.03 -33.85
N ASP F 170 -11.98 -19.21 -33.22
CA ASP F 170 -13.19 -19.69 -32.57
C ASP F 170 -14.12 -20.22 -33.63
N LEU F 171 -14.25 -19.45 -34.71
CA LEU F 171 -15.18 -19.77 -35.78
C LEU F 171 -14.69 -20.95 -36.62
N LYS F 172 -13.37 -21.13 -36.69
CA LYS F 172 -12.81 -22.24 -37.46
C LYS F 172 -13.02 -23.58 -36.78
N ARG F 173 -13.43 -23.55 -35.52
CA ARG F 173 -13.72 -24.76 -34.76
C ARG F 173 -15.02 -25.43 -35.25
N TYR F 174 -15.91 -24.64 -35.85
CA TYR F 174 -17.20 -25.16 -36.32
C TYR F 174 -17.06 -25.76 -37.71
N LEU F 175 -15.88 -25.59 -38.30
CA LEU F 175 -15.59 -26.10 -39.64
C LEU F 175 -15.23 -27.59 -39.63
N THR G 3 21.32 5.50 17.21
CA THR G 3 22.57 5.79 16.51
C THR G 3 23.49 4.57 16.46
N GLY G 4 23.96 4.13 17.63
CA GLY G 4 24.89 3.03 17.73
C GLY G 4 26.28 3.48 18.17
N ASP G 5 26.46 3.62 19.48
CA ASP G 5 27.75 4.04 20.05
C ASP G 5 28.89 3.14 19.59
N PRO G 6 29.86 3.69 18.84
CA PRO G 6 30.98 2.97 18.25
C PRO G 6 31.88 2.26 19.28
N ALA G 7 31.84 2.70 20.53
CA ALA G 7 32.65 2.07 21.57
C ALA G 7 32.12 0.69 21.89
N CYS G 8 30.88 0.43 21.47
CA CYS G 8 30.19 -0.82 21.73
C CYS G 8 30.27 -1.82 20.58
N ARG G 9 31.16 -1.58 19.63
CA ARG G 9 31.32 -2.52 18.53
C ARG G 9 32.04 -3.79 19.03
N ALA G 10 32.71 -3.66 20.17
CA ALA G 10 33.37 -4.80 20.81
C ALA G 10 32.36 -5.76 21.46
N ALA G 11 31.31 -5.20 22.05
CA ALA G 11 30.25 -6.00 22.68
C ALA G 11 29.44 -6.82 21.69
N VAL G 12 29.14 -6.25 20.54
CA VAL G 12 28.42 -6.97 19.48
C VAL G 12 29.21 -8.19 19.04
N ALA G 13 30.53 -8.05 18.95
CA ALA G 13 31.41 -9.14 18.56
C ALA G 13 31.28 -10.32 19.52
N THR G 14 31.22 -10.03 20.81
CA THR G 14 31.01 -11.08 21.80
C THR G 14 29.66 -11.77 21.54
N ALA G 15 28.64 -10.96 21.29
CA ALA G 15 27.30 -11.48 21.02
C ALA G 15 27.25 -12.47 19.84
N GLN G 16 28.00 -12.19 18.78
CA GLN G 16 27.94 -13.05 17.60
C GLN G 16 28.74 -14.34 17.75
N LYS G 17 29.79 -14.31 18.58
CA LYS G 17 30.54 -15.53 18.87
C LYS G 17 29.78 -16.44 19.82
N ILE G 18 29.11 -15.85 20.81
CA ILE G 18 28.43 -16.63 21.85
C ILE G 18 26.98 -16.87 21.53
N ALA G 19 26.53 -16.36 20.38
CA ALA G 19 25.15 -16.53 19.92
C ALA G 19 24.65 -17.99 19.92
N PRO G 20 25.47 -18.96 19.46
CA PRO G 20 25.00 -20.35 19.45
C PRO G 20 24.67 -20.97 20.82
N LEU G 21 24.96 -20.25 21.91
CA LEU G 21 24.73 -20.78 23.25
C LEU G 21 23.38 -20.33 23.85
N ALA G 22 22.60 -19.61 23.06
CA ALA G 22 21.28 -19.19 23.50
C ALA G 22 20.26 -20.28 23.22
N HIS G 23 20.43 -21.42 23.88
CA HIS G 23 19.49 -22.52 23.72
C HIS G 23 19.17 -23.10 25.09
N GLY G 24 18.23 -24.03 25.13
CA GLY G 24 17.83 -24.64 26.39
C GLY G 24 17.20 -23.61 27.29
N GLU G 25 17.75 -23.46 28.49
CA GLU G 25 17.19 -22.57 29.49
C GLU G 25 17.27 -21.09 29.14
N VAL G 26 18.25 -20.71 28.33
CA VAL G 26 18.42 -19.31 27.94
C VAL G 26 18.15 -19.11 26.45
N ALA G 27 17.21 -19.88 25.91
CA ALA G 27 16.91 -19.85 24.49
C ALA G 27 16.21 -18.55 24.07
N ALA G 28 15.50 -17.93 25.02
CA ALA G 28 14.69 -16.75 24.73
C ALA G 28 15.52 -15.47 24.84
N LEU G 29 16.83 -15.63 25.01
CA LEU G 29 17.76 -14.53 25.06
C LEU G 29 17.93 -13.88 23.68
N THR G 30 17.83 -12.55 23.65
CA THR G 30 17.95 -11.80 22.40
C THR G 30 19.32 -11.13 22.26
N MET G 31 20.14 -11.67 21.36
CA MET G 31 21.50 -11.19 21.13
C MET G 31 21.55 -9.83 20.44
N ALA G 32 22.44 -8.96 20.92
CA ALA G 32 22.62 -7.62 20.34
C ALA G 32 23.17 -7.70 18.92
N SER G 33 22.57 -6.94 18.01
CA SER G 33 22.99 -6.94 16.61
C SER G 33 23.51 -5.57 16.16
N ALA G 34 23.34 -4.58 17.02
CA ALA G 34 23.85 -3.23 16.80
C ALA G 34 24.45 -2.74 18.11
N PRO G 35 25.47 -1.85 18.03
CA PRO G 35 26.10 -1.31 19.24
C PRO G 35 25.13 -0.52 20.12
N LEU G 36 25.04 -0.88 21.40
CA LEU G 36 24.16 -0.17 22.33
C LEU G 36 24.79 -0.02 23.71
N LYS G 37 25.19 1.20 24.05
CA LYS G 37 25.74 1.50 25.37
C LYS G 37 24.61 1.72 26.37
N LEU G 38 24.59 0.91 27.43
CA LEU G 38 23.53 1.05 28.42
C LEU G 38 23.63 2.37 29.17
N PRO G 39 22.47 2.92 29.56
CA PRO G 39 22.41 4.11 30.41
C PRO G 39 22.96 3.85 31.82
N ASP G 40 23.47 4.89 32.46
CA ASP G 40 24.11 4.75 33.77
C ASP G 40 23.08 4.62 34.88
N LEU G 41 22.56 3.42 35.08
CA LEU G 41 21.51 3.14 36.06
C LEU G 41 21.91 3.55 37.47
N ALA G 42 21.04 4.29 38.14
CA ALA G 42 21.29 4.72 39.51
C ALA G 42 20.43 3.95 40.51
N PHE G 43 21.07 3.35 41.50
CA PHE G 43 20.37 2.57 42.52
C PHE G 43 21.16 2.66 43.82
N GLU G 44 20.75 1.88 44.81
CA GLU G 44 21.43 1.86 46.09
C GLU G 44 21.95 0.44 46.32
N ASP G 45 22.94 0.27 47.20
CA ASP G 45 23.38 -1.07 47.53
C ASP G 45 22.72 -1.56 48.81
N ALA G 46 23.26 -2.62 49.40
CA ALA G 46 22.70 -3.20 50.61
C ALA G 46 22.87 -2.21 51.77
N ASP G 47 23.93 -1.41 51.70
CA ASP G 47 24.26 -0.46 52.76
C ASP G 47 23.70 0.94 52.55
N GLY G 48 22.94 1.12 51.47
CA GLY G 48 22.29 2.40 51.20
C GLY G 48 23.18 3.38 50.46
N LYS G 49 24.40 2.93 50.14
CA LYS G 49 25.36 3.75 49.41
C LYS G 49 24.91 4.00 47.97
N PRO G 50 25.14 5.21 47.45
CA PRO G 50 24.75 5.43 46.06
C PRO G 50 25.67 4.70 45.10
N LYS G 51 25.10 4.02 44.11
CA LYS G 51 25.88 3.32 43.09
C LYS G 51 25.42 3.71 41.68
N LYS G 52 26.30 3.53 40.71
CA LYS G 52 25.93 3.71 39.30
C LYS G 52 26.44 2.50 38.50
N LEU G 53 25.82 2.24 37.35
CA LEU G 53 26.24 1.10 36.53
C LEU G 53 27.69 1.24 36.11
N SER G 54 28.12 2.47 35.88
CA SER G 54 29.48 2.74 35.43
C SER G 54 30.50 2.52 36.55
N ASP G 55 30.04 2.40 37.79
CA ASP G 55 30.94 2.07 38.88
C ASP G 55 31.44 0.64 38.70
N PHE G 56 30.72 -0.10 37.87
CA PHE G 56 31.01 -1.50 37.62
C PHE G 56 31.67 -1.74 36.26
N ARG G 57 32.26 -0.70 35.68
CA ARG G 57 32.98 -0.84 34.41
C ARG G 57 34.19 -1.78 34.55
N GLY G 58 34.46 -2.55 33.50
CA GLY G 58 35.61 -3.45 33.50
C GLY G 58 35.21 -4.90 33.75
N LYS G 59 33.95 -5.09 34.11
CA LYS G 59 33.42 -6.42 34.39
C LYS G 59 32.22 -6.79 33.53
N THR G 60 32.08 -8.07 33.21
CA THR G 60 30.82 -8.57 32.64
C THR G 60 29.77 -8.67 33.75
N LEU G 61 28.56 -8.18 33.47
CA LEU G 61 27.49 -8.20 34.44
C LEU G 61 26.21 -8.81 33.89
N LEU G 62 25.40 -9.42 34.76
CA LEU G 62 23.99 -9.68 34.42
C LEU G 62 23.11 -8.83 35.32
N VAL G 63 22.52 -7.79 34.74
CA VAL G 63 21.68 -6.84 35.47
C VAL G 63 20.21 -7.27 35.43
N ASN G 64 19.60 -7.42 36.59
CA ASN G 64 18.20 -7.84 36.68
C ASN G 64 17.30 -6.78 37.31
N LEU G 65 16.06 -6.71 36.83
CA LEU G 65 15.05 -5.90 37.50
C LEU G 65 14.03 -6.86 38.09
N TRP G 66 13.81 -6.74 39.40
CA TRP G 66 12.84 -7.58 40.06
C TRP G 66 11.95 -6.73 40.97
N ALA G 67 10.80 -7.28 41.33
CA ALA G 67 9.84 -6.55 42.14
C ALA G 67 8.95 -7.50 42.93
N THR G 68 8.50 -7.04 44.09
CA THR G 68 7.69 -7.84 44.99
C THR G 68 6.33 -8.16 44.37
N TRP G 69 5.86 -7.28 43.48
CA TRP G 69 4.55 -7.45 42.85
C TRP G 69 4.58 -8.37 41.63
N CYS G 70 5.78 -8.60 41.09
CA CYS G 70 5.95 -9.50 39.96
C CYS G 70 6.47 -10.87 40.38
N VAL G 71 5.56 -11.85 40.41
CA VAL G 71 5.89 -13.22 40.84
C VAL G 71 7.06 -13.87 40.07
N PRO G 72 7.05 -13.84 38.72
CA PRO G 72 8.18 -14.48 38.03
C PRO G 72 9.51 -13.77 38.27
N SER G 73 9.48 -12.49 38.65
CA SER G 73 10.70 -11.73 38.91
C SER G 73 11.46 -12.27 40.10
N ARG G 74 10.75 -12.59 41.19
CA ARG G 74 11.41 -13.10 42.38
C ARG G 74 11.52 -14.62 42.35
N LYS G 75 10.82 -15.25 41.41
CA LYS G 75 10.90 -16.70 41.28
C LYS G 75 12.30 -17.12 40.84
N GLU G 76 12.94 -16.25 40.07
CA GLU G 76 14.26 -16.55 39.51
C GLU G 76 15.37 -15.97 40.37
N MET G 77 15.03 -15.40 41.52
CA MET G 77 16.06 -14.81 42.38
C MET G 77 16.98 -15.89 43.00
N PRO G 78 16.42 -17.07 43.38
CA PRO G 78 17.35 -18.16 43.75
C PRO G 78 18.27 -18.54 42.60
N ALA G 79 17.72 -18.60 41.38
CA ALA G 79 18.50 -18.90 40.18
C ALA G 79 19.58 -17.84 39.94
N LEU G 80 19.19 -16.58 40.13
CA LEU G 80 20.10 -15.45 39.98
C LEU G 80 21.16 -15.40 41.08
N ASP G 81 20.75 -15.75 42.30
CA ASP G 81 21.64 -15.74 43.45
C ASP G 81 22.77 -16.74 43.40
N GLU G 82 22.47 -17.96 42.98
CA GLU G 82 23.52 -18.97 42.87
C GLU G 82 24.43 -18.65 41.70
N LEU G 83 23.86 -17.99 40.68
CA LEU G 83 24.61 -17.48 39.55
C LEU G 83 25.72 -16.55 40.05
N GLN G 84 25.41 -15.73 41.06
CA GLN G 84 26.44 -14.99 41.78
C GLN G 84 27.44 -15.97 42.37
N GLY G 85 26.98 -16.73 43.36
CA GLY G 85 27.81 -17.72 44.05
C GLY G 85 28.63 -18.66 43.20
N LYS G 86 28.16 -18.93 41.99
CA LYS G 86 28.93 -19.77 41.07
C LYS G 86 29.92 -18.97 40.24
N LEU G 87 29.52 -17.79 39.80
CA LEU G 87 30.36 -17.04 38.87
C LEU G 87 30.79 -15.64 39.30
N SER G 88 30.20 -15.11 40.38
CA SER G 88 30.63 -13.80 40.85
C SER G 88 32.12 -13.85 41.18
N GLY G 89 32.81 -12.76 40.88
CA GLY G 89 34.23 -12.65 41.11
C GLY G 89 34.77 -11.44 40.39
N PRO G 90 36.07 -11.45 40.09
CA PRO G 90 36.73 -10.32 39.41
C PRO G 90 36.29 -10.12 37.96
N ASN G 91 35.62 -11.10 37.36
CA ASN G 91 35.30 -11.03 35.93
C ASN G 91 33.80 -11.04 35.62
N PHE G 92 32.99 -11.29 36.64
CA PHE G 92 31.54 -11.32 36.46
C PHE G 92 30.81 -11.00 37.76
N GLU G 93 29.70 -10.28 37.62
CA GLU G 93 28.83 -9.99 38.76
C GLU G 93 27.36 -9.95 38.36
N VAL G 94 26.49 -10.44 39.23
CA VAL G 94 25.06 -10.26 39.05
C VAL G 94 24.59 -9.03 39.84
N VAL G 95 23.97 -8.08 39.13
CA VAL G 95 23.40 -6.90 39.77
C VAL G 95 21.88 -6.98 39.69
N ALA G 96 21.25 -7.58 40.69
CA ALA G 96 19.81 -7.65 40.71
C ALA G 96 19.28 -6.45 41.49
N ILE G 97 18.45 -5.64 40.82
CA ILE G 97 17.97 -4.39 41.40
C ILE G 97 16.46 -4.46 41.60
N ASN G 98 16.03 -4.25 42.84
CA ASN G 98 14.60 -4.19 43.15
C ASN G 98 14.03 -2.81 42.81
N ILE G 99 12.82 -2.77 42.28
CA ILE G 99 12.21 -1.50 41.90
C ILE G 99 10.86 -1.29 42.56
N ASP G 100 10.67 -1.89 43.72
CA ASP G 100 9.50 -1.59 44.53
C ASP G 100 9.50 -0.14 44.93
N THR G 101 8.32 0.48 44.88
CA THR G 101 8.18 1.90 45.15
C THR G 101 7.52 2.14 46.50
N ARG G 102 6.99 1.05 47.08
CA ARG G 102 6.38 1.08 48.41
C ARG G 102 6.95 -0.04 49.25
N ASP G 103 6.86 0.14 50.57
CA ASP G 103 7.34 -0.84 51.55
C ASP G 103 8.72 -1.38 51.19
N PRO G 104 9.77 -0.54 51.31
CA PRO G 104 11.10 -0.93 50.86
C PRO G 104 11.66 -2.11 51.66
N GLU G 105 10.98 -2.43 52.76
CA GLU G 105 11.39 -3.52 53.63
C GLU G 105 10.85 -4.84 53.11
N LYS G 106 9.75 -4.76 52.36
CA LYS G 106 9.07 -5.96 51.86
C LYS G 106 9.96 -6.81 50.94
N PRO G 107 10.65 -6.18 49.96
CA PRO G 107 11.52 -7.04 49.15
C PRO G 107 12.70 -7.54 49.98
N LYS G 108 13.09 -6.74 50.96
CA LYS G 108 14.20 -7.09 51.85
C LYS G 108 13.81 -8.27 52.73
N THR G 109 12.57 -8.24 53.22
CA THR G 109 12.06 -9.35 54.04
C THR G 109 12.07 -10.62 53.22
N PHE G 110 11.80 -10.48 51.92
CA PHE G 110 11.83 -11.60 51.01
C PHE G 110 13.22 -12.22 50.90
N LEU G 111 14.24 -11.39 50.69
CA LEU G 111 15.59 -11.89 50.51
C LEU G 111 16.12 -12.58 51.76
N LYS G 112 15.93 -11.95 52.92
CA LYS G 112 16.35 -12.54 54.18
C LYS G 112 15.65 -13.86 54.45
N GLU G 113 14.34 -13.89 54.20
CA GLU G 113 13.52 -15.08 54.44
C GLU G 113 13.78 -16.22 53.44
N ALA G 114 14.39 -15.90 52.30
CA ALA G 114 14.68 -16.90 51.27
C ALA G 114 16.14 -17.33 51.23
N ASN G 115 16.93 -16.82 52.17
CA ASN G 115 18.37 -17.09 52.25
C ASN G 115 19.09 -16.76 50.94
N LEU G 116 18.77 -15.59 50.39
CA LEU G 116 19.46 -15.11 49.20
C LEU G 116 20.30 -13.88 49.59
N THR G 117 21.58 -14.12 49.85
CA THR G 117 22.44 -13.10 50.44
C THR G 117 23.62 -12.69 49.56
N ARG G 118 23.74 -13.30 48.38
CA ARG G 118 24.90 -13.07 47.53
C ARG G 118 24.61 -11.98 46.50
N LEU G 119 23.33 -11.62 46.40
CA LEU G 119 22.89 -10.61 45.45
C LEU G 119 22.92 -9.24 46.12
N GLY G 120 23.26 -9.22 47.41
CA GLY G 120 23.20 -8.00 48.19
C GLY G 120 21.77 -7.54 48.26
N TYR G 121 21.57 -6.23 48.36
CA TYR G 121 20.23 -5.68 48.23
C TYR G 121 20.28 -4.37 47.47
N PHE G 122 20.33 -4.48 46.15
CA PHE G 122 20.27 -3.33 45.29
C PHE G 122 18.82 -2.95 45.15
N ASN G 123 18.55 -1.66 45.13
CA ASN G 123 17.19 -1.19 45.11
C ASN G 123 17.05 0.18 44.49
N ASP G 124 15.88 0.45 43.95
CA ASP G 124 15.54 1.77 43.45
C ASP G 124 14.05 2.03 43.68
N GLN G 125 13.74 2.70 44.80
CA GLN G 125 12.35 2.96 45.13
C GLN G 125 11.76 4.00 44.18
N LYS G 126 12.63 4.69 43.44
CA LYS G 126 12.19 5.64 42.42
C LYS G 126 11.80 4.87 41.16
N ALA G 127 12.39 3.69 41.01
CA ALA G 127 12.19 2.82 39.85
C ALA G 127 12.54 3.54 38.54
N LYS G 128 13.40 4.55 38.64
CA LYS G 128 13.83 5.31 37.47
C LYS G 128 14.71 4.40 36.60
N VAL G 129 15.30 3.40 37.23
CA VAL G 129 16.08 2.40 36.51
C VAL G 129 15.20 1.68 35.49
N PHE G 130 13.93 1.50 35.84
CA PHE G 130 12.98 0.91 34.90
C PHE G 130 12.71 1.88 33.76
N GLN G 131 12.56 3.15 34.12
CA GLN G 131 12.33 4.21 33.13
C GLN G 131 13.48 4.28 32.15
N ASP G 132 14.70 4.17 32.67
CA ASP G 132 15.92 4.21 31.85
C ASP G 132 15.94 3.09 30.82
N LEU G 133 15.61 1.87 31.24
CA LEU G 133 15.60 0.73 30.33
C LEU G 133 14.42 0.79 29.37
N LYS G 134 13.32 1.38 29.81
CA LYS G 134 12.15 1.54 28.95
C LYS G 134 12.48 2.34 27.69
N ALA G 135 13.25 3.42 27.86
CA ALA G 135 13.57 4.34 26.77
C ALA G 135 14.36 3.67 25.65
N ILE G 136 15.10 2.62 25.98
CA ILE G 136 15.92 1.94 24.99
C ILE G 136 15.30 0.61 24.59
N GLY G 137 14.01 0.46 24.88
CA GLY G 137 13.26 -0.72 24.48
C GLY G 137 13.65 -2.00 25.19
N ARG G 138 14.19 -1.87 26.40
CA ARG G 138 14.66 -3.05 27.13
C ARG G 138 13.88 -3.25 28.43
N ALA G 139 12.68 -2.66 28.50
CA ALA G 139 11.81 -2.89 29.63
C ALA G 139 10.37 -3.00 29.17
N LEU G 140 10.10 -3.98 28.32
CA LEU G 140 8.77 -4.18 27.75
C LEU G 140 7.89 -4.89 28.78
N GLY G 141 8.53 -5.40 29.82
CA GLY G 141 7.82 -6.10 30.88
C GLY G 141 8.70 -6.37 32.08
N MET G 142 8.14 -7.05 33.07
CA MET G 142 8.88 -7.51 34.24
C MET G 142 8.78 -9.03 34.36
N PRO G 143 9.91 -9.69 34.69
CA PRO G 143 11.23 -9.10 34.91
C PRO G 143 11.95 -8.76 33.61
N THR G 144 13.01 -7.97 33.71
CA THR G 144 13.86 -7.73 32.57
C THR G 144 15.31 -7.88 33.02
N SER G 145 16.11 -8.51 32.18
CA SER G 145 17.52 -8.76 32.50
C SER G 145 18.41 -8.46 31.29
N VAL G 146 19.50 -7.74 31.53
CA VAL G 146 20.44 -7.39 30.46
C VAL G 146 21.86 -7.89 30.74
N LEU G 147 22.44 -8.59 29.77
CA LEU G 147 23.84 -9.04 29.85
C LEU G 147 24.81 -8.02 29.26
N VAL G 148 25.76 -7.57 30.08
CA VAL G 148 26.62 -6.43 29.74
C VAL G 148 28.12 -6.77 29.65
N ASP G 149 28.82 -6.21 28.66
CA ASP G 149 30.26 -6.45 28.50
C ASP G 149 31.02 -5.48 29.43
N PRO G 150 32.36 -5.59 29.54
CA PRO G 150 33.05 -4.75 30.53
C PRO G 150 32.93 -3.23 30.38
N GLN G 151 32.32 -2.73 29.31
CA GLN G 151 32.26 -1.29 29.10
C GLN G 151 30.88 -0.68 29.26
N GLY G 152 29.91 -1.47 29.70
CA GLY G 152 28.55 -0.97 29.88
C GLY G 152 27.69 -1.10 28.64
N CYS G 153 28.11 -1.96 27.72
CA CYS G 153 27.41 -2.16 26.45
C CYS G 153 26.59 -3.45 26.44
N GLU G 154 25.49 -3.43 25.70
CA GLU G 154 24.60 -4.59 25.64
C GLU G 154 25.20 -5.77 24.88
N ILE G 155 25.17 -6.93 25.51
CA ILE G 155 25.54 -8.19 24.87
C ILE G 155 24.26 -8.94 24.49
N ALA G 156 23.29 -8.93 25.42
CA ALA G 156 22.01 -9.60 25.21
C ALA G 156 20.96 -9.10 26.19
N THR G 157 19.70 -9.44 25.94
CA THR G 157 18.58 -9.09 26.82
C THR G 157 17.55 -10.21 26.78
N ILE G 158 16.89 -10.48 27.90
CA ILE G 158 15.84 -11.48 27.96
C ILE G 158 14.60 -10.92 28.68
N ALA G 159 13.45 -11.09 28.06
CA ALA G 159 12.17 -10.74 28.70
C ALA G 159 11.54 -11.99 29.34
N GLY G 160 11.47 -11.97 30.67
CA GLY G 160 10.97 -13.11 31.42
C GLY G 160 12.06 -13.73 32.28
N PRO G 161 11.68 -14.69 33.13
CA PRO G 161 12.64 -15.40 33.97
C PRO G 161 13.41 -16.47 33.20
N ALA G 162 14.46 -17.03 33.81
CA ALA G 162 15.22 -18.11 33.20
C ALA G 162 16.02 -18.88 34.24
N GLU G 163 16.35 -20.14 33.94
CA GLU G 163 17.23 -20.91 34.80
C GLU G 163 18.68 -20.52 34.56
N TRP G 164 19.11 -19.52 35.31
CA TRP G 164 20.43 -18.93 35.13
C TRP G 164 21.56 -19.73 35.76
N ALA G 165 21.20 -20.70 36.60
CA ALA G 165 22.20 -21.51 37.27
C ALA G 165 22.34 -22.86 36.57
N SER G 166 21.53 -23.08 35.54
CA SER G 166 21.59 -24.29 34.76
C SER G 166 22.91 -24.34 33.99
N GLU G 167 23.28 -25.50 33.48
CA GLU G 167 24.53 -25.63 32.73
C GLU G 167 24.44 -24.89 31.40
N ASP G 168 23.24 -24.78 30.85
CA ASP G 168 23.01 -24.05 29.61
C ASP G 168 23.28 -22.56 29.77
N ALA G 169 22.87 -22.00 30.90
CA ALA G 169 23.05 -20.58 31.14
C ALA G 169 24.51 -20.25 31.41
N LEU G 170 25.15 -21.07 32.23
CA LEU G 170 26.57 -20.89 32.57
C LEU G 170 27.46 -20.89 31.34
N LYS G 171 27.23 -21.83 30.43
CA LYS G 171 28.03 -21.96 29.21
C LYS G 171 28.06 -20.65 28.42
N LEU G 172 26.91 -19.98 28.37
CA LEU G 172 26.81 -18.69 27.68
C LEU G 172 27.54 -17.57 28.42
N ILE G 173 27.38 -17.52 29.74
CA ILE G 173 28.05 -16.51 30.55
C ILE G 173 29.56 -16.69 30.55
N ARG G 174 30.03 -17.93 30.71
CA ARG G 174 31.46 -18.21 30.70
C ARG G 174 32.08 -17.78 29.37
N ALA G 175 31.33 -17.93 28.29
CA ALA G 175 31.79 -17.54 26.96
C ALA G 175 31.81 -16.03 26.80
N ALA G 176 30.81 -15.36 27.37
CA ALA G 176 30.73 -13.90 27.30
C ALA G 176 31.81 -13.24 28.15
N THR G 177 32.24 -13.92 29.20
CA THR G 177 33.15 -13.33 30.17
C THR G 177 34.61 -13.47 29.74
N GLY G 178 35.33 -12.36 29.69
CA GLY G 178 34.73 -11.05 29.88
C GLY G 178 35.04 -10.43 31.24
N ALA H 19 -19.74 4.57 20.02
CA ALA H 19 -18.85 5.45 20.75
C ALA H 19 -18.04 4.68 21.80
N ILE H 20 -16.79 5.07 21.98
CA ILE H 20 -15.90 4.41 22.93
C ILE H 20 -16.33 4.72 24.36
N GLY H 21 -16.59 3.68 25.13
CA GLY H 21 -17.08 3.86 26.48
C GLY H 21 -18.54 3.48 26.56
N GLY H 22 -19.01 3.26 27.77
CA GLY H 22 -20.40 2.91 27.99
C GLY H 22 -20.66 2.73 29.45
N PRO H 23 -21.93 2.48 29.81
CA PRO H 23 -22.30 2.27 31.21
C PRO H 23 -21.74 0.97 31.78
N PHE H 24 -21.45 0.98 33.08
CA PHE H 24 -21.13 -0.23 33.82
C PHE H 24 -21.26 0.01 35.31
N GLN H 25 -21.52 -1.06 36.06
CA GLN H 25 -21.47 -1.00 37.52
C GLN H 25 -20.59 -2.15 38.01
N LEU H 26 -19.41 -1.82 38.52
CA LEU H 26 -18.47 -2.83 39.00
C LEU H 26 -18.07 -2.61 40.46
N THR H 27 -17.10 -3.38 40.94
CA THR H 27 -16.71 -3.35 42.35
C THR H 27 -15.20 -3.24 42.50
N ASP H 28 -14.75 -2.30 43.32
CA ASP H 28 -13.33 -2.06 43.48
C ASP H 28 -12.67 -2.97 44.52
N GLN H 29 -11.38 -2.74 44.75
CA GLN H 29 -10.58 -3.54 45.65
C GLN H 29 -11.00 -3.42 47.11
N ASN H 30 -11.87 -2.44 47.40
CA ASN H 30 -12.35 -2.21 48.77
C ASN H 30 -13.82 -2.55 48.99
N GLY H 31 -14.48 -3.15 48.00
CA GLY H 31 -15.88 -3.49 48.13
C GLY H 31 -16.79 -2.32 47.84
N LYS H 32 -16.21 -1.22 47.36
CA LYS H 32 -16.95 -0.01 47.04
C LYS H 32 -17.53 -0.07 45.62
N ALA H 33 -18.76 0.38 45.46
CA ALA H 33 -19.38 0.44 44.14
C ALA H 33 -18.79 1.58 43.32
N VAL H 34 -18.30 1.26 42.13
CA VAL H 34 -17.83 2.30 41.21
C VAL H 34 -18.48 2.14 39.83
N THR H 35 -19.09 3.21 39.35
CA THR H 35 -19.74 3.17 38.05
C THR H 35 -19.24 4.30 37.17
N ASP H 36 -19.62 4.29 35.90
CA ASP H 36 -19.21 5.33 34.97
C ASP H 36 -19.81 6.70 35.32
N LYS H 37 -20.96 6.69 35.99
CA LYS H 37 -21.60 7.93 36.42
C LYS H 37 -20.86 8.47 37.64
N SER H 38 -20.33 7.54 38.42
CA SER H 38 -19.58 7.89 39.61
C SER H 38 -18.21 8.45 39.26
N LEU H 39 -17.74 8.13 38.05
CA LEU H 39 -16.43 8.57 37.58
C LEU H 39 -16.45 9.92 36.87
N LYS H 40 -17.63 10.48 36.67
CA LYS H 40 -17.75 11.80 36.06
C LYS H 40 -17.32 12.88 37.03
N GLY H 41 -16.88 14.01 36.48
CA GLY H 41 -16.43 15.13 37.27
C GLY H 41 -14.92 15.25 37.31
N LYS H 42 -14.24 14.18 36.91
CA LYS H 42 -12.79 14.18 36.84
C LYS H 42 -12.39 13.59 35.50
N PRO H 43 -11.30 14.07 34.91
CA PRO H 43 -10.73 13.30 33.80
C PRO H 43 -10.35 11.92 34.31
N THR H 44 -10.63 10.88 33.52
CA THR H 44 -10.53 9.52 34.03
C THR H 44 -9.75 8.62 33.10
N LEU H 45 -8.69 8.00 33.63
CA LEU H 45 -7.91 7.03 32.89
C LEU H 45 -8.46 5.62 33.12
N ILE H 46 -8.86 4.98 32.02
CA ILE H 46 -9.39 3.62 32.05
C ILE H 46 -8.46 2.65 31.36
N PHE H 47 -8.13 1.56 32.03
CA PHE H 47 -7.33 0.52 31.39
C PHE H 47 -7.55 -0.87 31.97
N PHE H 48 -7.05 -1.87 31.26
CA PHE H 48 -7.44 -3.25 31.46
C PHE H 48 -6.27 -4.19 31.66
N GLY H 49 -6.49 -5.22 32.47
CA GLY H 49 -5.46 -6.20 32.78
C GLY H 49 -6.02 -7.19 33.76
N TYR H 50 -5.15 -7.74 34.60
CA TYR H 50 -5.58 -8.73 35.59
C TYR H 50 -4.49 -8.96 36.63
N THR H 51 -4.79 -9.82 37.60
CA THR H 51 -3.90 -10.05 38.72
C THR H 51 -3.02 -11.28 38.50
N CYS H 57 5.12 -10.28 33.61
CA CYS H 57 4.18 -9.27 34.12
C CYS H 57 4.06 -8.11 33.14
N PRO H 58 2.82 -7.72 32.82
CA PRO H 58 2.67 -6.43 32.13
C PRO H 58 2.98 -5.29 33.09
N THR H 59 3.43 -4.17 32.55
CA THR H 59 3.94 -3.06 33.35
C THR H 59 3.02 -1.86 33.26
N SER H 60 1.91 -2.02 32.55
CA SER H 60 0.99 -0.91 32.31
C SER H 60 0.52 -0.27 33.61
N LEU H 61 0.13 -1.11 34.56
CA LEU H 61 -0.37 -0.67 35.85
C LEU H 61 0.71 0.10 36.58
N PHE H 62 1.93 -0.41 36.53
CA PHE H 62 3.09 0.25 37.15
C PHE H 62 3.37 1.63 36.58
N GLU H 63 3.28 1.76 35.26
CA GLU H 63 3.51 3.05 34.62
C GLU H 63 2.44 4.05 35.07
N ILE H 64 1.20 3.58 35.15
CA ILE H 64 0.10 4.39 35.65
C ILE H 64 0.35 4.78 37.11
N SER H 65 0.87 3.83 37.88
CA SER H 65 1.24 4.08 39.28
C SER H 65 2.23 5.23 39.41
N GLU H 66 3.20 5.26 38.51
CA GLU H 66 4.26 6.27 38.55
C GLU H 66 3.78 7.64 38.07
N VAL H 67 2.80 7.66 37.17
CA VAL H 67 2.22 8.92 36.71
C VAL H 67 1.44 9.57 37.86
N LEU H 68 0.60 8.79 38.53
CA LEU H 68 -0.12 9.24 39.72
C LEU H 68 0.84 9.75 40.78
N ARG H 69 1.96 9.04 40.90
CA ARG H 69 3.01 9.42 41.83
C ARG H 69 3.60 10.78 41.46
N ALA H 70 3.83 11.00 40.17
CA ALA H 70 4.41 12.25 39.70
C ALA H 70 3.47 13.46 39.82
N MET H 71 2.17 13.21 39.81
CA MET H 71 1.19 14.28 39.96
C MET H 71 1.08 14.73 41.41
N GLY H 72 1.62 13.93 42.31
CA GLY H 72 1.59 14.22 43.73
C GLY H 72 0.20 14.20 44.34
N LYS H 73 -0.18 15.29 44.99
CA LYS H 73 -1.47 15.39 45.67
C LYS H 73 -2.67 15.73 44.76
N ASP H 74 -2.39 16.10 43.51
CA ASP H 74 -3.47 16.40 42.56
C ASP H 74 -4.13 15.12 42.02
N ALA H 75 -3.63 13.96 42.44
CA ALA H 75 -4.21 12.67 42.05
C ALA H 75 -5.64 12.52 42.56
N ASP H 76 -5.98 13.25 43.63
CA ASP H 76 -7.33 13.27 44.15
C ASP H 76 -8.31 13.88 43.15
N LYS H 77 -7.78 14.75 42.28
CA LYS H 77 -8.62 15.55 41.38
C LYS H 77 -8.81 14.81 40.07
N VAL H 78 -8.33 13.57 40.02
CA VAL H 78 -8.41 12.73 38.84
C VAL H 78 -8.80 11.29 39.21
N ASN H 79 -9.38 10.55 38.27
CA ASN H 79 -9.64 9.11 38.44
C ASN H 79 -8.65 8.26 37.66
N ALA H 80 -8.14 7.20 38.28
CA ALA H 80 -7.29 6.24 37.58
C ALA H 80 -7.86 4.83 37.77
N ILE H 81 -8.49 4.29 36.73
CA ILE H 81 -9.30 3.10 36.89
C ILE H 81 -8.77 1.92 36.10
N PHE H 82 -8.36 0.88 36.83
CA PHE H 82 -7.86 -0.37 36.26
C PHE H 82 -8.97 -1.43 36.29
N ILE H 83 -9.36 -1.94 35.12
CA ILE H 83 -10.47 -2.88 35.04
C ILE H 83 -10.02 -4.30 34.66
N SER H 84 -10.33 -5.27 35.50
CA SER H 84 -9.95 -6.66 35.25
C SER H 84 -10.71 -7.30 34.08
N VAL H 85 -9.98 -8.01 33.22
CA VAL H 85 -10.60 -8.77 32.14
C VAL H 85 -10.53 -10.27 32.43
N ASP H 86 -10.12 -10.62 33.65
CA ASP H 86 -10.00 -12.00 34.09
C ASP H 86 -10.80 -12.23 35.37
N PRO H 87 -12.13 -12.09 35.30
CA PRO H 87 -13.00 -12.06 36.47
C PRO H 87 -13.02 -13.34 37.31
N GLU H 88 -12.65 -14.45 36.68
CA GLU H 88 -12.67 -15.75 37.34
C GLU H 88 -11.47 -16.00 38.25
N ARG H 89 -10.42 -15.22 38.08
CA ARG H 89 -9.23 -15.36 38.92
C ARG H 89 -9.08 -14.09 39.71
N ASP H 90 -9.75 -13.05 39.22
CA ASP H 90 -9.70 -11.74 39.84
C ASP H 90 -10.91 -11.50 40.72
N THR H 91 -10.63 -11.14 41.95
CA THR H 91 -11.66 -10.82 42.92
C THR H 91 -11.28 -9.47 43.51
N PRO H 92 -12.19 -8.85 44.28
CA PRO H 92 -11.75 -7.62 44.96
C PRO H 92 -10.49 -7.87 45.79
N ALA H 93 -10.40 -9.03 46.43
CA ALA H 93 -9.22 -9.39 47.23
C ALA H 93 -7.95 -9.51 46.39
N THR H 94 -8.04 -10.16 45.22
CA THR H 94 -6.85 -10.33 44.38
C THR H 94 -6.49 -8.99 43.78
N MET H 95 -7.53 -8.23 43.42
CA MET H 95 -7.34 -6.86 43.00
C MET H 95 -6.75 -6.07 44.17
N LYS H 96 -7.31 -6.29 45.36
CA LYS H 96 -6.83 -5.65 46.60
C LYS H 96 -5.36 -5.98 46.81
N ASN H 97 -5.03 -7.25 46.59
CA ASN H 97 -3.66 -7.72 46.69
C ASN H 97 -2.77 -7.11 45.63
N TYR H 98 -3.26 -7.10 44.41
CA TYR H 98 -2.48 -6.63 43.28
C TYR H 98 -2.30 -5.11 43.34
N LEU H 99 -3.33 -4.41 43.80
CA LEU H 99 -3.28 -2.95 43.87
C LEU H 99 -2.47 -2.46 45.06
N SER H 100 -2.18 -3.38 45.97
CA SER H 100 -1.51 -3.04 47.22
C SER H 100 -0.04 -2.71 47.05
N SER H 101 0.50 -2.95 45.86
CA SER H 101 1.91 -2.66 45.61
C SER H 101 2.04 -1.34 44.85
N PHE H 102 0.89 -0.71 44.59
CA PHE H 102 0.82 0.51 43.78
C PHE H 102 0.11 1.65 44.50
N ASP H 103 0.03 2.80 43.82
CA ASP H 103 -0.54 4.02 44.39
C ASP H 103 -1.99 3.82 44.81
N PRO H 104 -2.36 4.37 45.99
CA PRO H 104 -3.68 4.16 46.58
C PRO H 104 -4.82 4.87 45.84
N HIS H 105 -4.50 5.72 44.87
CA HIS H 105 -5.53 6.41 44.10
C HIS H 105 -6.12 5.49 43.03
N LEU H 106 -5.38 4.45 42.67
CA LEU H 106 -5.81 3.51 41.67
C LEU H 106 -7.08 2.79 42.10
N GLU H 107 -7.96 2.53 41.14
CA GLU H 107 -9.14 1.74 41.42
C GLU H 107 -9.11 0.51 40.54
N GLY H 108 -9.23 -0.67 41.16
CA GLY H 108 -9.26 -1.90 40.40
C GLY H 108 -10.62 -2.53 40.48
N LEU H 109 -11.26 -2.65 39.32
CA LEU H 109 -12.65 -3.06 39.26
C LEU H 109 -12.80 -4.49 38.81
N SER H 110 -13.70 -5.23 39.46
CA SER H 110 -14.03 -6.60 39.09
C SER H 110 -15.54 -6.70 38.93
N GLY H 111 -16.01 -7.85 38.45
CA GLY H 111 -17.44 -8.07 38.31
C GLY H 111 -17.79 -9.39 37.68
N ASP H 112 -19.09 -9.68 37.65
CA ASP H 112 -19.59 -10.90 37.03
C ASP H 112 -19.33 -10.89 35.53
N PRO H 113 -19.13 -12.09 34.93
CA PRO H 113 -18.85 -12.24 33.50
C PRO H 113 -19.71 -11.37 32.59
N ALA H 114 -20.97 -11.17 32.95
CA ALA H 114 -21.91 -10.39 32.15
C ALA H 114 -21.66 -8.87 32.20
N GLU H 115 -21.22 -8.36 33.35
CA GLU H 115 -20.94 -6.93 33.48
C GLU H 115 -19.56 -6.66 32.92
N ILE H 116 -18.68 -7.65 33.05
CA ILE H 116 -17.34 -7.58 32.46
C ILE H 116 -17.45 -7.64 30.95
N ALA H 117 -18.37 -8.47 30.45
CA ALA H 117 -18.61 -8.56 29.01
C ALA H 117 -19.14 -7.24 28.44
N LYS H 118 -19.92 -6.53 29.25
CA LYS H 118 -20.55 -5.28 28.82
C LYS H 118 -19.58 -4.10 28.68
N VAL H 119 -18.60 -3.99 29.59
CA VAL H 119 -17.60 -2.92 29.51
C VAL H 119 -16.53 -3.20 28.44
N ILE H 120 -16.19 -4.48 28.26
CA ILE H 120 -15.24 -4.89 27.24
C ILE H 120 -15.77 -4.58 25.84
N THR H 121 -17.06 -4.79 25.64
CA THR H 121 -17.70 -4.44 24.38
C THR H 121 -17.66 -2.93 24.14
N SER H 122 -18.03 -2.17 25.16
CA SER H 122 -18.15 -0.72 25.05
C SER H 122 -16.85 -0.03 24.68
N TYR H 123 -15.74 -0.62 25.07
CA TYR H 123 -14.44 0.01 24.86
C TYR H 123 -13.68 -0.64 23.73
N ARG H 124 -14.35 -1.56 23.04
CA ARG H 124 -13.77 -2.30 21.93
C ARG H 124 -12.45 -2.92 22.38
N VAL H 125 -12.49 -3.63 23.50
CA VAL H 125 -11.27 -4.20 24.06
C VAL H 125 -10.95 -5.57 23.47
N TYR H 126 -9.73 -5.71 22.97
CA TYR H 126 -9.25 -7.04 22.62
C TYR H 126 -8.91 -7.75 23.93
N ALA H 127 -9.51 -8.91 24.13
CA ALA H 127 -9.25 -9.72 25.30
C ALA H 127 -9.45 -11.18 24.96
N LYS H 128 -8.36 -11.93 24.88
CA LYS H 128 -8.44 -13.34 24.51
C LYS H 128 -7.60 -14.23 25.41
N LYS H 129 -8.13 -15.40 25.72
CA LYS H 129 -7.51 -16.36 26.62
C LYS H 129 -6.56 -17.29 25.84
N VAL H 130 -5.32 -17.34 26.28
CA VAL H 130 -4.30 -18.14 25.60
C VAL H 130 -3.65 -19.12 26.56
N PRO H 131 -3.76 -20.42 26.27
CA PRO H 131 -3.22 -21.47 27.14
C PRO H 131 -1.70 -21.54 27.12
N THR H 132 -1.09 -21.55 28.29
CA THR H 132 0.37 -21.67 28.39
C THR H 132 0.73 -22.95 29.15
N LYS H 133 1.79 -22.89 29.95
CA LYS H 133 2.22 -24.03 30.75
C LYS H 133 2.70 -23.61 32.14
N ASP H 134 2.31 -24.35 33.18
CA ASP H 134 1.36 -25.46 33.10
C ASP H 134 0.63 -25.59 34.43
N GLY H 135 -0.68 -25.83 34.39
CA GLY H 135 -1.47 -25.74 33.17
C GLY H 135 -2.31 -24.49 33.29
N ASP H 136 -1.69 -23.36 32.98
CA ASP H 136 -2.26 -22.04 33.20
C ASP H 136 -2.88 -21.44 31.94
N TYR H 137 -3.01 -20.12 31.94
CA TYR H 137 -3.35 -19.35 30.76
C TYR H 137 -2.97 -17.90 30.97
N THR H 138 -2.65 -17.21 29.88
CA THR H 138 -2.40 -15.78 29.92
C THR H 138 -3.64 -15.07 29.37
N MET H 139 -3.86 -13.82 29.76
CA MET H 139 -4.92 -13.03 29.18
C MET H 139 -4.32 -11.94 28.30
N ASP H 140 -4.20 -12.24 27.02
CA ASP H 140 -3.69 -11.29 26.02
C ASP H 140 -4.69 -10.15 25.78
N HIS H 141 -4.39 -8.97 26.32
CA HIS H 141 -5.37 -7.88 26.29
C HIS H 141 -4.79 -6.59 25.73
N THR H 142 -5.69 -5.69 25.35
CA THR H 142 -5.36 -4.35 24.93
C THR H 142 -4.56 -3.59 25.98
N ALA H 143 -3.35 -3.17 25.64
CA ALA H 143 -2.50 -2.47 26.59
C ALA H 143 -2.67 -0.96 26.48
N LEU H 144 -3.62 -0.52 25.66
CA LEU H 144 -3.91 0.90 25.49
C LEU H 144 -4.58 1.49 26.73
N ILE H 145 -4.21 2.73 27.06
CA ILE H 145 -4.86 3.47 28.14
C ILE H 145 -5.83 4.48 27.52
N TYR H 146 -7.09 4.46 27.99
CA TYR H 146 -8.10 5.38 27.46
C TYR H 146 -8.19 6.61 28.34
N LEU H 147 -8.02 7.79 27.77
CA LEU H 147 -8.26 9.01 28.53
C LEU H 147 -9.70 9.49 28.35
N MET H 148 -10.43 9.58 29.47
CA MET H 148 -11.78 10.10 29.47
C MET H 148 -11.79 11.41 30.26
N ASP H 149 -12.57 12.39 29.83
CA ASP H 149 -12.59 13.68 30.51
C ASP H 149 -13.63 13.71 31.62
N ARG H 150 -13.98 14.91 32.10
CA ARG H 150 -14.95 15.05 33.18
C ARG H 150 -16.37 14.70 32.72
N ASP H 151 -16.59 14.70 31.42
CA ASP H 151 -17.92 14.50 30.86
C ASP H 151 -18.20 13.06 30.46
N GLY H 152 -17.24 12.17 30.70
CA GLY H 152 -17.40 10.76 30.41
C GLY H 152 -17.29 10.48 28.93
N ARG H 153 -16.74 11.44 28.19
CA ARG H 153 -16.55 11.32 26.75
C ARG H 153 -15.11 10.91 26.43
N PHE H 154 -14.96 9.99 25.47
CA PHE H 154 -13.63 9.51 25.08
C PHE H 154 -12.81 10.65 24.46
N VAL H 155 -11.63 10.89 25.02
CA VAL H 155 -10.73 11.90 24.47
C VAL H 155 -9.69 11.32 23.53
N SER H 156 -8.82 10.47 24.07
CA SER H 156 -7.71 9.94 23.29
C SER H 156 -6.99 8.85 24.06
N PRO H 157 -6.12 8.08 23.38
CA PRO H 157 -5.21 7.24 24.17
C PRO H 157 -4.29 8.12 25.01
N PHE H 158 -3.83 7.61 26.14
CA PHE H 158 -2.91 8.36 26.98
C PHE H 158 -1.48 7.87 26.77
N ASN H 159 -0.60 8.79 26.41
CA ASN H 159 0.78 8.42 26.08
C ASN H 159 1.60 8.08 27.32
N LEU H 160 2.18 6.88 27.33
CA LEU H 160 3.00 6.42 28.45
C LEU H 160 4.47 6.30 28.09
N LYS H 161 4.80 6.56 26.82
CA LYS H 161 6.19 6.47 26.37
C LYS H 161 6.98 7.73 26.71
N ARG H 162 7.10 7.99 28.01
CA ARG H 162 7.75 9.19 28.53
C ARG H 162 7.91 9.04 30.02
N THR H 163 8.62 9.97 30.65
CA THR H 163 8.75 9.92 32.11
C THR H 163 7.39 10.21 32.75
N PRO H 164 7.14 9.63 33.93
CA PRO H 164 5.90 9.88 34.65
C PRO H 164 5.70 11.36 35.00
N GLU H 165 6.79 12.11 35.13
CA GLU H 165 6.71 13.54 35.43
C GLU H 165 6.15 14.39 34.30
N GLU H 166 6.62 14.15 33.08
CA GLU H 166 6.14 14.92 31.92
C GLU H 166 4.73 14.47 31.57
N ALA H 167 4.45 13.19 31.76
CA ALA H 167 3.12 12.66 31.56
C ALA H 167 2.14 13.30 32.53
N ALA H 168 2.59 13.50 33.77
CA ALA H 168 1.78 14.12 34.80
C ALA H 168 1.36 15.54 34.42
N ALA H 169 2.31 16.31 33.90
CA ALA H 169 2.06 17.69 33.47
C ALA H 169 1.04 17.80 32.33
N ASP H 170 1.04 16.82 31.43
CA ASP H 170 0.10 16.82 30.32
C ASP H 170 -1.33 16.65 30.84
N LEU H 171 -1.48 15.76 31.81
CA LEU H 171 -2.80 15.43 32.35
C LEU H 171 -3.40 16.56 33.16
N LYS H 172 -2.56 17.43 33.71
CA LYS H 172 -3.08 18.54 34.50
C LYS H 172 -3.80 19.54 33.60
N ARG H 173 -3.65 19.38 32.28
CA ARG H 173 -4.34 20.24 31.34
C ARG H 173 -5.85 19.94 31.31
N TYR H 174 -6.22 18.71 31.67
CA TYR H 174 -7.61 18.30 31.62
C TYR H 174 -8.36 18.59 32.91
N LEU H 175 -7.63 19.03 33.93
CA LEU H 175 -8.21 19.35 35.22
C LEU H 175 -8.85 20.73 35.18
S SCN I . -22.02 6.84 -9.87
C SCN I . -22.12 6.50 -8.12
N SCN I . -22.21 6.30 -6.96
C1 PEG J . -26.97 4.35 -4.03
O1 PEG J . -27.60 5.32 -4.84
C2 PEG J . -28.06 3.73 -3.14
O2 PEG J . -27.54 2.83 -2.14
C3 PEG J . -28.51 1.83 -1.81
C4 PEG J . -28.02 0.90 -0.69
O4 PEG J . -29.16 0.16 -0.25
S SCN K . 10.11 -8.69 0.58
C SCN K . 8.98 -10.03 1.00
N SCN K . 8.25 -10.90 1.32
NA NA L . 28.47 -3.78 15.12
NA NA M . 11.73 -1.95 -7.77
#